data_2O88
# 
_entry.id   2O88 
# 
_audit_conform.dict_name       mmcif_pdbx.dic 
_audit_conform.dict_version    5.398 
_audit_conform.dict_location   http://mmcif.pdb.org/dictionaries/ascii/mmcif_pdbx.dic 
# 
loop_
_database_2.database_id 
_database_2.database_code 
_database_2.pdbx_database_accession 
_database_2.pdbx_DOI 
PDB   2O88         pdb_00002o88 10.2210/pdb2o88/pdb 
RCSB  RCSB040810   ?            ?                   
WWPDB D_1000040810 ?            ?                   
# 
loop_
_pdbx_audit_revision_history.ordinal 
_pdbx_audit_revision_history.data_content_type 
_pdbx_audit_revision_history.major_revision 
_pdbx_audit_revision_history.minor_revision 
_pdbx_audit_revision_history.revision_date 
1 'Structure model' 1 0 2007-05-01 
2 'Structure model' 1 1 2008-05-01 
3 'Structure model' 1 2 2011-07-13 
4 'Structure model' 1 3 2017-10-18 
5 'Structure model' 1 4 2021-10-20 
6 'Structure model' 1 5 2023-08-30 
7 'Structure model' 1 6 2024-10-30 
# 
_pdbx_audit_revision_details.ordinal             1 
_pdbx_audit_revision_details.revision_ordinal    1 
_pdbx_audit_revision_details.data_content_type   'Structure model' 
_pdbx_audit_revision_details.provider            repository 
_pdbx_audit_revision_details.type                'Initial release' 
_pdbx_audit_revision_details.description         ? 
_pdbx_audit_revision_details.details             ? 
# 
loop_
_pdbx_audit_revision_group.ordinal 
_pdbx_audit_revision_group.revision_ordinal 
_pdbx_audit_revision_group.data_content_type 
_pdbx_audit_revision_group.group 
1  2 'Structure model' 'Version format compliance' 
2  3 'Structure model' Advisory                    
3  3 'Structure model' 'Version format compliance' 
4  4 'Structure model' 'Refinement description'    
5  5 'Structure model' 'Data collection'           
6  5 'Structure model' 'Database references'       
7  5 'Structure model' 'Derived calculations'      
8  5 'Structure model' 'Source and taxonomy'       
9  6 'Structure model' 'Data collection'           
10 6 'Structure model' 'Refinement description'    
11 7 'Structure model' 'Structure summary'         
# 
loop_
_pdbx_audit_revision_category.ordinal 
_pdbx_audit_revision_category.revision_ordinal 
_pdbx_audit_revision_category.data_content_type 
_pdbx_audit_revision_category.category 
1  4 'Structure model' software                      
2  5 'Structure model' database_2                    
3  5 'Structure model' pdbx_entity_src_syn           
4  5 'Structure model' struct_biol                   
5  5 'Structure model' struct_conn                   
6  5 'Structure model' struct_ref_seq_dif            
7  5 'Structure model' struct_site                   
8  6 'Structure model' chem_comp_atom                
9  6 'Structure model' chem_comp_bond                
10 6 'Structure model' pdbx_initial_refinement_model 
11 6 'Structure model' struct_ncs_dom_lim            
12 7 'Structure model' pdbx_entry_details            
13 7 'Structure model' pdbx_modification_feature     
# 
loop_
_pdbx_audit_revision_item.ordinal 
_pdbx_audit_revision_item.revision_ordinal 
_pdbx_audit_revision_item.data_content_type 
_pdbx_audit_revision_item.item 
1  4 'Structure model' '_software.classification'             
2  4 'Structure model' '_software.contact_author'             
3  4 'Structure model' '_software.contact_author_email'       
4  4 'Structure model' '_software.date'                       
5  4 'Structure model' '_software.language'                   
6  4 'Structure model' '_software.location'                   
7  4 'Structure model' '_software.name'                       
8  4 'Structure model' '_software.type'                       
9  4 'Structure model' '_software.version'                    
10 5 'Structure model' '_database_2.pdbx_DOI'                 
11 5 'Structure model' '_database_2.pdbx_database_accession'  
12 5 'Structure model' '_struct_conn.pdbx_leaving_atom_flag'  
13 5 'Structure model' '_struct_ref_seq_dif.details'          
14 5 'Structure model' '_struct_site.pdbx_auth_asym_id'       
15 5 'Structure model' '_struct_site.pdbx_auth_comp_id'       
16 5 'Structure model' '_struct_site.pdbx_auth_seq_id'        
17 6 'Structure model' '_struct_ncs_dom_lim.beg_auth_comp_id' 
18 6 'Structure model' '_struct_ncs_dom_lim.end_auth_comp_id' 
# 
_pdbx_database_status.entry_id                        2O88 
_pdbx_database_status.deposit_site                    RCSB 
_pdbx_database_status.process_site                    RCSB 
_pdbx_database_status.recvd_initial_deposition_date   2006-12-12 
_pdbx_database_status.status_code                     REL 
_pdbx_database_status.status_code_sf                  REL 
_pdbx_database_status.status_code_mr                  ? 
_pdbx_database_status.SG_entry                        ? 
_pdbx_database_status.pdb_format_compatible           Y 
_pdbx_database_status.status_code_cs                  ? 
_pdbx_database_status.methods_development_category    ? 
_pdbx_database_status.status_code_nmr_data            ? 
# 
_pdbx_database_related.db_name        PDB 
_pdbx_database_related.db_id          1BBZ 
_pdbx_database_related.details        'wt structure' 
_pdbx_database_related.content_type   unspecified 
# 
_audit_author.name           'Camara-Artigas, A.' 
_audit_author.pdbx_ordinal   1 
# 
_citation.id                        primary 
_citation.title                     
;Crystallization by capillary counter-diffusion and structure determination of the N114A mutant of the SH3 domain of Abl tyrosine kinase complexed with a high-affinity peptide ligand.
;
_citation.journal_abbrev            'Acta Crystallogr.,Sect.D' 
_citation.journal_volume            63 
_citation.page_first                646 
_citation.page_last                 652 
_citation.year                      2007 
_citation.journal_id_ASTM           ABCRE6 
_citation.country                   DK 
_citation.journal_id_ISSN           0907-4449 
_citation.journal_id_CSD            0766 
_citation.book_publisher            ? 
_citation.pdbx_database_id_PubMed   17452790 
_citation.pdbx_database_id_DOI      10.1107/S0907444907011109 
# 
loop_
_citation_author.citation_id 
_citation_author.name 
_citation_author.ordinal 
_citation_author.identifier_ORCID 
primary 'Camara-Artigas, A.' 1 ? 
primary 'Palencia, A.'       2 ? 
primary 'Martinez, J.C.'     3 ? 
primary 'Luque, I.'          4 ? 
primary 'Gavira, J.A.'       5 ? 
primary 'Garcia-Ruiz, J.M.'  6 ? 
# 
loop_
_entity.id 
_entity.type 
_entity.src_method 
_entity.pdbx_description 
_entity.formula_weight 
_entity.pdbx_number_of_molecules 
_entity.pdbx_ec 
_entity.pdbx_mutation 
_entity.pdbx_fragment 
_entity.details 
1 polymer     man 'Proto-oncogene tyrosine-protein kinase ABL1' 6380.054 2  2.7.10.2 N114A 'SH3 domain, residues 64-121' ? 
2 polymer     syn 'P41 peptide'                                 1035.149 2  ?        ?     ?                             ? 
3 non-polymer syn 'SULFATE ION'                                 96.063   2  ?        ?     ?                             ? 
4 water       nat water                                         18.015   67 ?        ?     ?                             ? 
# 
_entity_name_com.entity_id   1 
_entity_name_com.name        'p150, c- ABL, Abelson murine leukemia viral oncogene homolog 1' 
# 
loop_
_entity_poly.entity_id 
_entity_poly.type 
_entity_poly.nstd_linkage 
_entity_poly.nstd_monomer 
_entity_poly.pdbx_seq_one_letter_code 
_entity_poly.pdbx_seq_one_letter_code_can 
_entity_poly.pdbx_strand_id 
_entity_poly.pdbx_target_identifier 
1 'polypeptide(L)' no no  NLFVALYDFVASGDNTLSITKGEKLRVLGYNHNGEWCEAQTKNGQGWVPSAYITPVNS 
NLFVALYDFVASGDNTLSITKGEKLRVLGYNHNGEWCEAQTKNGQGWVPSAYITPVNS A,B ? 
2 'polypeptide(L)' no yes '(ACE)APSYSPPPPP'                                          XAPSYSPPPPP C,D ? 
# 
loop_
_pdbx_entity_nonpoly.entity_id 
_pdbx_entity_nonpoly.name 
_pdbx_entity_nonpoly.comp_id 
3 'SULFATE ION' SO4 
4 water         HOH 
# 
loop_
_entity_poly_seq.entity_id 
_entity_poly_seq.num 
_entity_poly_seq.mon_id 
_entity_poly_seq.hetero 
1 1  ASN n 
1 2  LEU n 
1 3  PHE n 
1 4  VAL n 
1 5  ALA n 
1 6  LEU n 
1 7  TYR n 
1 8  ASP n 
1 9  PHE n 
1 10 VAL n 
1 11 ALA n 
1 12 SER n 
1 13 GLY n 
1 14 ASP n 
1 15 ASN n 
1 16 THR n 
1 17 LEU n 
1 18 SER n 
1 19 ILE n 
1 20 THR n 
1 21 LYS n 
1 22 GLY n 
1 23 GLU n 
1 24 LYS n 
1 25 LEU n 
1 26 ARG n 
1 27 VAL n 
1 28 LEU n 
1 29 GLY n 
1 30 TYR n 
1 31 ASN n 
1 32 HIS n 
1 33 ASN n 
1 34 GLY n 
1 35 GLU n 
1 36 TRP n 
1 37 CYS n 
1 38 GLU n 
1 39 ALA n 
1 40 GLN n 
1 41 THR n 
1 42 LYS n 
1 43 ASN n 
1 44 GLY n 
1 45 GLN n 
1 46 GLY n 
1 47 TRP n 
1 48 VAL n 
1 49 PRO n 
1 50 SER n 
1 51 ALA n 
1 52 TYR n 
1 53 ILE n 
1 54 THR n 
1 55 PRO n 
1 56 VAL n 
1 57 ASN n 
1 58 SER n 
2 1  ACE n 
2 2  ALA n 
2 3  PRO n 
2 4  SER n 
2 5  TYR n 
2 6  SER n 
2 7  PRO n 
2 8  PRO n 
2 9  PRO n 
2 10 PRO n 
2 11 PRO n 
# 
_entity_src_gen.entity_id                          1 
_entity_src_gen.pdbx_src_id                        1 
_entity_src_gen.pdbx_alt_source_flag               sample 
_entity_src_gen.pdbx_seq_type                      ? 
_entity_src_gen.pdbx_beg_seq_num                   ? 
_entity_src_gen.pdbx_end_seq_num                   ? 
_entity_src_gen.gene_src_common_name               human 
_entity_src_gen.gene_src_genus                     Homo 
_entity_src_gen.pdbx_gene_src_gene                 'ABL1, ABL, JTK7' 
_entity_src_gen.gene_src_species                   ? 
_entity_src_gen.gene_src_strain                    pBAT4 
_entity_src_gen.gene_src_tissue                    ? 
_entity_src_gen.gene_src_tissue_fraction           ? 
_entity_src_gen.gene_src_details                   ? 
_entity_src_gen.pdbx_gene_src_fragment             ? 
_entity_src_gen.pdbx_gene_src_scientific_name      'Homo sapiens' 
_entity_src_gen.pdbx_gene_src_ncbi_taxonomy_id     9606 
_entity_src_gen.pdbx_gene_src_variant              ? 
_entity_src_gen.pdbx_gene_src_cell_line            ? 
_entity_src_gen.pdbx_gene_src_atcc                 ? 
_entity_src_gen.pdbx_gene_src_organ                ? 
_entity_src_gen.pdbx_gene_src_organelle            ? 
_entity_src_gen.pdbx_gene_src_cell                 ? 
_entity_src_gen.pdbx_gene_src_cellular_location    ? 
_entity_src_gen.host_org_common_name               ? 
_entity_src_gen.pdbx_host_org_scientific_name      'Escherichia coli BL21(DE3)' 
_entity_src_gen.pdbx_host_org_ncbi_taxonomy_id     469008 
_entity_src_gen.host_org_genus                     Escherichia 
_entity_src_gen.pdbx_host_org_gene                 ? 
_entity_src_gen.pdbx_host_org_organ                ? 
_entity_src_gen.host_org_species                   'Escherichia coli' 
_entity_src_gen.pdbx_host_org_tissue               ? 
_entity_src_gen.pdbx_host_org_tissue_fraction      ? 
_entity_src_gen.pdbx_host_org_strain               'BL21 (DE3)' 
_entity_src_gen.pdbx_host_org_variant              ? 
_entity_src_gen.pdbx_host_org_cell_line            ? 
_entity_src_gen.pdbx_host_org_atcc                 ? 
_entity_src_gen.pdbx_host_org_culture_collection   ? 
_entity_src_gen.pdbx_host_org_cell                 ? 
_entity_src_gen.pdbx_host_org_organelle            ? 
_entity_src_gen.pdbx_host_org_cellular_location    ? 
_entity_src_gen.pdbx_host_org_vector_type          ? 
_entity_src_gen.pdbx_host_org_vector               ? 
_entity_src_gen.host_org_details                   ? 
_entity_src_gen.expression_system_id               ? 
_entity_src_gen.plasmid_name                       ? 
_entity_src_gen.plasmid_details                    ? 
_entity_src_gen.pdbx_description                   ? 
# 
_pdbx_entity_src_syn.entity_id              2 
_pdbx_entity_src_syn.pdbx_src_id            1 
_pdbx_entity_src_syn.pdbx_alt_source_flag   sample 
_pdbx_entity_src_syn.pdbx_beg_seq_num       ? 
_pdbx_entity_src_syn.pdbx_end_seq_num       ? 
_pdbx_entity_src_syn.organism_scientific    'synthetic construct' 
_pdbx_entity_src_syn.organism_common_name   ? 
_pdbx_entity_src_syn.ncbi_taxonomy_id       32630 
_pdbx_entity_src_syn.details                ? 
# 
loop_
_chem_comp.id 
_chem_comp.type 
_chem_comp.mon_nstd_flag 
_chem_comp.name 
_chem_comp.pdbx_synonyms 
_chem_comp.formula 
_chem_comp.formula_weight 
ACE non-polymer         . 'ACETYL GROUP'  ? 'C2 H4 O'        44.053  
ALA 'L-peptide linking' y ALANINE         ? 'C3 H7 N O2'     89.093  
ARG 'L-peptide linking' y ARGININE        ? 'C6 H15 N4 O2 1' 175.209 
ASN 'L-peptide linking' y ASPARAGINE      ? 'C4 H8 N2 O3'    132.118 
ASP 'L-peptide linking' y 'ASPARTIC ACID' ? 'C4 H7 N O4'     133.103 
CYS 'L-peptide linking' y CYSTEINE        ? 'C3 H7 N O2 S'   121.158 
GLN 'L-peptide linking' y GLUTAMINE       ? 'C5 H10 N2 O3'   146.144 
GLU 'L-peptide linking' y 'GLUTAMIC ACID' ? 'C5 H9 N O4'     147.129 
GLY 'peptide linking'   y GLYCINE         ? 'C2 H5 N O2'     75.067  
HIS 'L-peptide linking' y HISTIDINE       ? 'C6 H10 N3 O2 1' 156.162 
HOH non-polymer         . WATER           ? 'H2 O'           18.015  
ILE 'L-peptide linking' y ISOLEUCINE      ? 'C6 H13 N O2'    131.173 
LEU 'L-peptide linking' y LEUCINE         ? 'C6 H13 N O2'    131.173 
LYS 'L-peptide linking' y LYSINE          ? 'C6 H15 N2 O2 1' 147.195 
PHE 'L-peptide linking' y PHENYLALANINE   ? 'C9 H11 N O2'    165.189 
PRO 'L-peptide linking' y PROLINE         ? 'C5 H9 N O2'     115.130 
SER 'L-peptide linking' y SERINE          ? 'C3 H7 N O3'     105.093 
SO4 non-polymer         . 'SULFATE ION'   ? 'O4 S -2'        96.063  
THR 'L-peptide linking' y THREONINE       ? 'C4 H9 N O3'     119.119 
TRP 'L-peptide linking' y TRYPTOPHAN      ? 'C11 H12 N2 O2'  204.225 
TYR 'L-peptide linking' y TYROSINE        ? 'C9 H11 N O3'    181.189 
VAL 'L-peptide linking' y VALINE          ? 'C5 H11 N O2'    117.146 
# 
loop_
_pdbx_poly_seq_scheme.asym_id 
_pdbx_poly_seq_scheme.entity_id 
_pdbx_poly_seq_scheme.seq_id 
_pdbx_poly_seq_scheme.mon_id 
_pdbx_poly_seq_scheme.ndb_seq_num 
_pdbx_poly_seq_scheme.pdb_seq_num 
_pdbx_poly_seq_scheme.auth_seq_num 
_pdbx_poly_seq_scheme.pdb_mon_id 
_pdbx_poly_seq_scheme.auth_mon_id 
_pdbx_poly_seq_scheme.pdb_strand_id 
_pdbx_poly_seq_scheme.pdb_ins_code 
_pdbx_poly_seq_scheme.hetero 
A 1 1  ASN 1  64  64  ASN ASN A . n 
A 1 2  LEU 2  65  65  LEU LEU A . n 
A 1 3  PHE 3  66  66  PHE PHE A . n 
A 1 4  VAL 4  67  67  VAL VAL A . n 
A 1 5  ALA 5  68  68  ALA ALA A . n 
A 1 6  LEU 6  69  69  LEU LEU A . n 
A 1 7  TYR 7  70  70  TYR TYR A . n 
A 1 8  ASP 8  71  71  ASP ASP A . n 
A 1 9  PHE 9  72  72  PHE PHE A . n 
A 1 10 VAL 10 73  73  VAL VAL A . n 
A 1 11 ALA 11 74  74  ALA ALA A . n 
A 1 12 SER 12 75  75  SER SER A . n 
A 1 13 GLY 13 76  76  GLY GLY A . n 
A 1 14 ASP 14 77  77  ASP ASP A . n 
A 1 15 ASN 15 78  78  ASN ASN A . n 
A 1 16 THR 16 79  79  THR THR A . n 
A 1 17 LEU 17 80  80  LEU LEU A . n 
A 1 18 SER 18 81  81  SER SER A . n 
A 1 19 ILE 19 82  82  ILE ILE A . n 
A 1 20 THR 20 83  83  THR THR A . n 
A 1 21 LYS 21 84  84  LYS LYS A . n 
A 1 22 GLY 22 85  85  GLY GLY A . n 
A 1 23 GLU 23 86  86  GLU GLU A . n 
A 1 24 LYS 24 87  87  LYS LYS A . n 
A 1 25 LEU 25 88  88  LEU LEU A . n 
A 1 26 ARG 26 89  89  ARG ARG A . n 
A 1 27 VAL 27 90  90  VAL VAL A . n 
A 1 28 LEU 28 91  91  LEU LEU A . n 
A 1 29 GLY 29 92  92  GLY GLY A . n 
A 1 30 TYR 30 93  93  TYR TYR A . n 
A 1 31 ASN 31 94  94  ASN ASN A . n 
A 1 32 HIS 32 95  95  HIS HIS A . n 
A 1 33 ASN 33 96  96  ASN ASN A . n 
A 1 34 GLY 34 97  97  GLY GLY A . n 
A 1 35 GLU 35 98  98  GLU GLU A . n 
A 1 36 TRP 36 99  99  TRP TRP A . n 
A 1 37 CYS 37 100 100 CYS CYS A . n 
A 1 38 GLU 38 101 101 GLU GLU A . n 
A 1 39 ALA 39 102 102 ALA ALA A . n 
A 1 40 GLN 40 103 103 GLN GLN A . n 
A 1 41 THR 41 104 104 THR THR A . n 
A 1 42 LYS 42 105 105 LYS LYS A . n 
A 1 43 ASN 43 106 106 ASN ASN A . n 
A 1 44 GLY 44 107 107 GLY GLY A . n 
A 1 45 GLN 45 108 108 GLN GLN A . n 
A 1 46 GLY 46 109 109 GLY GLY A . n 
A 1 47 TRP 47 110 110 TRP TRP A . n 
A 1 48 VAL 48 111 111 VAL VAL A . n 
A 1 49 PRO 49 112 112 PRO PRO A . n 
A 1 50 SER 50 113 113 SER SER A . n 
A 1 51 ALA 51 114 114 ALA ALA A . n 
A 1 52 TYR 52 115 115 TYR TYR A . n 
A 1 53 ILE 53 116 116 ILE ILE A . n 
A 1 54 THR 54 117 117 THR THR A . n 
A 1 55 PRO 55 118 118 PRO PRO A . n 
A 1 56 VAL 56 119 119 VAL VAL A . n 
A 1 57 ASN 57 120 120 ASN ASN A . n 
A 1 58 SER 58 121 121 SER SER A . n 
B 1 1  ASN 1  64  64  ASN ASN B . n 
B 1 2  LEU 2  65  65  LEU LEU B . n 
B 1 3  PHE 3  66  66  PHE PHE B . n 
B 1 4  VAL 4  67  67  VAL VAL B . n 
B 1 5  ALA 5  68  68  ALA ALA B . n 
B 1 6  LEU 6  69  69  LEU LEU B . n 
B 1 7  TYR 7  70  70  TYR TYR B . n 
B 1 8  ASP 8  71  71  ASP ASP B . n 
B 1 9  PHE 9  72  72  PHE PHE B . n 
B 1 10 VAL 10 73  73  VAL VAL B . n 
B 1 11 ALA 11 74  74  ALA ALA B . n 
B 1 12 SER 12 75  75  SER SER B . n 
B 1 13 GLY 13 76  76  GLY GLY B . n 
B 1 14 ASP 14 77  77  ASP ASP B . n 
B 1 15 ASN 15 78  78  ASN ASN B . n 
B 1 16 THR 16 79  79  THR THR B . n 
B 1 17 LEU 17 80  80  LEU LEU B . n 
B 1 18 SER 18 81  81  SER SER B . n 
B 1 19 ILE 19 82  82  ILE ILE B . n 
B 1 20 THR 20 83  83  THR THR B . n 
B 1 21 LYS 21 84  84  LYS LYS B . n 
B 1 22 GLY 22 85  85  GLY GLY B . n 
B 1 23 GLU 23 86  86  GLU GLU B . n 
B 1 24 LYS 24 87  87  LYS LYS B . n 
B 1 25 LEU 25 88  88  LEU LEU B . n 
B 1 26 ARG 26 89  89  ARG ARG B . n 
B 1 27 VAL 27 90  90  VAL VAL B . n 
B 1 28 LEU 28 91  91  LEU LEU B . n 
B 1 29 GLY 29 92  92  GLY GLY B . n 
B 1 30 TYR 30 93  93  TYR TYR B . n 
B 1 31 ASN 31 94  94  ASN ASN B . n 
B 1 32 HIS 32 95  95  HIS HIS B . n 
B 1 33 ASN 33 96  96  ASN ASN B . n 
B 1 34 GLY 34 97  97  GLY GLY B . n 
B 1 35 GLU 35 98  98  GLU GLU B . n 
B 1 36 TRP 36 99  99  TRP TRP B . n 
B 1 37 CYS 37 100 100 CYS CYS B . n 
B 1 38 GLU 38 101 101 GLU GLU B . n 
B 1 39 ALA 39 102 102 ALA ALA B . n 
B 1 40 GLN 40 103 103 GLN GLN B . n 
B 1 41 THR 41 104 104 THR THR B . n 
B 1 42 LYS 42 105 105 LYS LYS B . n 
B 1 43 ASN 43 106 106 ASN ASN B . n 
B 1 44 GLY 44 107 107 GLY GLY B . n 
B 1 45 GLN 45 108 108 GLN GLN B . n 
B 1 46 GLY 46 109 109 GLY GLY B . n 
B 1 47 TRP 47 110 110 TRP TRP B . n 
B 1 48 VAL 48 111 111 VAL VAL B . n 
B 1 49 PRO 49 112 112 PRO PRO B . n 
B 1 50 SER 50 113 113 SER SER B . n 
B 1 51 ALA 51 114 114 ALA ALA B . n 
B 1 52 TYR 52 115 115 TYR TYR B . n 
B 1 53 ILE 53 116 116 ILE ILE B . n 
B 1 54 THR 54 117 117 THR THR B . n 
B 1 55 PRO 55 118 118 PRO PRO B . n 
B 1 56 VAL 56 119 119 VAL VAL B . n 
B 1 57 ASN 57 120 ?   ?   ?   B . n 
B 1 58 SER 58 121 ?   ?   ?   B . n 
C 2 1  ACE 1  0   0   ACE ACE C . n 
C 2 2  ALA 2  1   1   ALA ALA C . n 
C 2 3  PRO 3  2   2   PRO PRO C . n 
C 2 4  SER 4  3   3   SER SER C . n 
C 2 5  TYR 5  4   4   TYR TYR C . n 
C 2 6  SER 6  5   5   SER SER C . n 
C 2 7  PRO 7  6   6   PRO PRO C . n 
C 2 8  PRO 8  7   7   PRO PRO C . n 
C 2 9  PRO 9  8   8   PRO PRO C . n 
C 2 10 PRO 10 9   9   PRO PRO C . n 
C 2 11 PRO 11 10  10  PRO PRO C . n 
D 2 1  ACE 1  0   0   ACE ACE D . n 
D 2 2  ALA 2  1   1   ALA ALA D . n 
D 2 3  PRO 3  2   2   PRO PRO D . n 
D 2 4  SER 4  3   3   SER SER D . n 
D 2 5  TYR 5  4   4   TYR TYR D . n 
D 2 6  SER 6  5   5   SER SER D . n 
D 2 7  PRO 7  6   6   PRO PRO D . n 
D 2 8  PRO 8  7   7   PRO PRO D . n 
D 2 9  PRO 9  8   8   PRO PRO D . n 
D 2 10 PRO 10 9   9   PRO PRO D . n 
D 2 11 PRO 11 10  10  PRO PRO D . n 
# 
loop_
_pdbx_nonpoly_scheme.asym_id 
_pdbx_nonpoly_scheme.entity_id 
_pdbx_nonpoly_scheme.mon_id 
_pdbx_nonpoly_scheme.ndb_seq_num 
_pdbx_nonpoly_scheme.pdb_seq_num 
_pdbx_nonpoly_scheme.auth_seq_num 
_pdbx_nonpoly_scheme.pdb_mon_id 
_pdbx_nonpoly_scheme.auth_mon_id 
_pdbx_nonpoly_scheme.pdb_strand_id 
_pdbx_nonpoly_scheme.pdb_ins_code 
E 3 SO4 1  122 2  SO4 SO4 A . 
F 3 SO4 1  122 1  SO4 SO4 B . 
G 4 HOH 1  123 1  HOH HOH A . 
G 4 HOH 2  124 4  HOH HOH A . 
G 4 HOH 3  125 11 HOH HOH A . 
G 4 HOH 4  126 13 HOH HOH A . 
G 4 HOH 5  127 16 HOH HOH A . 
G 4 HOH 6  128 18 HOH HOH A . 
G 4 HOH 7  129 20 HOH HOH A . 
G 4 HOH 8  130 23 HOH HOH A . 
G 4 HOH 9  131 24 HOH HOH A . 
G 4 HOH 10 132 25 HOH HOH A . 
G 4 HOH 11 133 29 HOH HOH A . 
G 4 HOH 12 134 34 HOH HOH A . 
G 4 HOH 13 135 36 HOH HOH A . 
G 4 HOH 14 136 39 HOH HOH A . 
G 4 HOH 15 137 42 HOH HOH A . 
G 4 HOH 16 138 43 HOH HOH A . 
G 4 HOH 17 139 47 HOH HOH A . 
G 4 HOH 18 140 49 HOH HOH A . 
G 4 HOH 19 141 50 HOH HOH A . 
G 4 HOH 20 142 51 HOH HOH A . 
G 4 HOH 21 143 52 HOH HOH A . 
G 4 HOH 22 144 58 HOH HOH A . 
G 4 HOH 23 145 59 HOH HOH A . 
G 4 HOH 24 146 64 HOH HOH A . 
H 4 HOH 1  123 2  HOH HOH B . 
H 4 HOH 2  124 3  HOH HOH B . 
H 4 HOH 3  125 5  HOH HOH B . 
H 4 HOH 4  126 7  HOH HOH B . 
H 4 HOH 5  127 10 HOH HOH B . 
H 4 HOH 6  128 12 HOH HOH B . 
H 4 HOH 7  129 14 HOH HOH B . 
H 4 HOH 8  130 17 HOH HOH B . 
H 4 HOH 9  131 19 HOH HOH B . 
H 4 HOH 10 132 21 HOH HOH B . 
H 4 HOH 11 133 26 HOH HOH B . 
H 4 HOH 12 134 27 HOH HOH B . 
H 4 HOH 13 135 28 HOH HOH B . 
H 4 HOH 14 136 31 HOH HOH B . 
H 4 HOH 15 137 33 HOH HOH B . 
H 4 HOH 16 138 35 HOH HOH B . 
H 4 HOH 17 139 38 HOH HOH B . 
H 4 HOH 18 140 40 HOH HOH B . 
H 4 HOH 19 141 41 HOH HOH B . 
H 4 HOH 20 142 44 HOH HOH B . 
H 4 HOH 21 143 45 HOH HOH B . 
H 4 HOH 22 144 46 HOH HOH B . 
H 4 HOH 23 145 48 HOH HOH B . 
H 4 HOH 24 146 53 HOH HOH B . 
H 4 HOH 25 147 54 HOH HOH B . 
H 4 HOH 26 148 56 HOH HOH B . 
H 4 HOH 27 149 57 HOH HOH B . 
H 4 HOH 28 150 60 HOH HOH B . 
H 4 HOH 29 151 61 HOH HOH B . 
H 4 HOH 30 152 62 HOH HOH B . 
H 4 HOH 31 153 65 HOH HOH B . 
H 4 HOH 32 154 66 HOH HOH B . 
H 4 HOH 33 155 67 HOH HOH B . 
I 4 HOH 1  11  8  HOH HOH C . 
I 4 HOH 2  12  9  HOH HOH C . 
I 4 HOH 3  13  15 HOH HOH C . 
I 4 HOH 4  14  22 HOH HOH C . 
I 4 HOH 5  15  55 HOH HOH C . 
I 4 HOH 6  16  63 HOH HOH C . 
J 4 HOH 1  11  6  HOH HOH D . 
J 4 HOH 2  12  30 HOH HOH D . 
J 4 HOH 3  13  32 HOH HOH D . 
J 4 HOH 4  14  37 HOH HOH D . 
# 
loop_
_software.name 
_software.version 
_software.date 
_software.type 
_software.contact_author 
_software.contact_author_email 
_software.classification 
_software.location 
_software.language 
_software.citation_id 
_software.pdbx_ordinal 
DENZO          .     ?                package 'Zbyszek Otwinowski' zbyszek@mix.swmed.edu    'data reduction'  
http://www.lnls.br/infra/linhasluz/denzo-hkl.htm ?          ? 1 
SCALEPACK      .     ?                package 'Zbyszek Otwinowski' zbyszek@mix.swmed.edu    'data scaling'    
http://www.lnls.br/infra/linhasluz/denzo-hkl.htm ?          ? 2 
MOLREP         .     ?                other   'A. Vagin'           alexei@ysbl.york.ac.uk   phasing           
http://www.ccp4.ac.uk/dist/html/molrep.html      Fortran_77 ? 3 
REFMAC         .     ?                program 'Murshudov, G.N.'    ccp4@dl.ac.uk            refinement        
http://www.ccp4.ac.uk/main.html                  Fortran_77 ? 4 
PDB_EXTRACT    2.000 'April. 3, 2006' package PDB                  sw-help@rcsb.rutgers.edu 'data extraction' 
http://pdb.rutgers.edu/software/                 C++        ? 5 
'PROTEUM PLUS' PLUS  ?                ?       ?                    ?                        'data collection' ? ?          ? 6 
SAINT          .     ?                ?       ?                    ?                        'data reduction'  ? ?          ? 7 
# 
_cell.length_a           48.170 
_cell.length_b           50.093 
_cell.length_c           56.431 
_cell.angle_alpha        90.000 
_cell.angle_beta         90.000 
_cell.angle_gamma        90.000 
_cell.entry_id           2O88 
_cell.pdbx_unique_axis   ? 
_cell.Z_PDB              8 
_cell.length_a_esd       ? 
_cell.length_b_esd       ? 
_cell.length_c_esd       ? 
_cell.angle_alpha_esd    ? 
_cell.angle_beta_esd     ? 
_cell.angle_gamma_esd    ? 
# 
_symmetry.space_group_name_H-M             'P 21 21 21' 
_symmetry.entry_id                         2O88 
_symmetry.pdbx_full_space_group_name_H-M   ? 
_symmetry.Int_Tables_number                19 
_symmetry.cell_setting                     ? 
_symmetry.space_group_name_Hall            ? 
# 
_exptl.crystals_number   1 
_exptl.entry_id          2O88 
_exptl.method            'X-RAY DIFFRACTION' 
# 
_exptl_crystal.id                    1 
_exptl_crystal.density_Matthews      2.29 
_exptl_crystal.density_meas          ? 
_exptl_crystal.density_percent_sol   46.36 
_exptl_crystal.description           ? 
_exptl_crystal.F_000                 ? 
_exptl_crystal.preparation           ? 
# 
_exptl_crystal_grow.crystal_id      1 
_exptl_crystal_grow.method          'Capillary counter diffusion' 
_exptl_crystal_grow.pH              7 
_exptl_crystal_grow.temp            293 
_exptl_crystal_grow.temp_details    ? 
_exptl_crystal_grow.pdbx_details    'Ammoniun sulphate, pH 7, Capillary counter diffusion, temperature 293K' 
_exptl_crystal_grow.pdbx_pH_range   . 
# 
_diffrn.id                     1 
_diffrn.ambient_temp           100 
_diffrn.ambient_temp_details   ? 
_diffrn.crystal_id             1 
# 
_diffrn_detector.diffrn_id              1 
_diffrn_detector.detector               CCD 
_diffrn_detector.type                   'BRUKER SMART 6000' 
_diffrn_detector.pdbx_collection_date   2006-02-02 
_diffrn_detector.details                'Bruker Microstar micro-focus (Montel Optics)' 
# 
_diffrn_radiation.diffrn_id                        1 
_diffrn_radiation.wavelength_id                    1 
_diffrn_radiation.pdbx_diffrn_protocol             'SINGLE WAVELENGTH' 
_diffrn_radiation.monochromator                    'Bruker Microstar micro-focus (Montel Optics)' 
_diffrn_radiation.pdbx_monochromatic_or_laue_m_l   M 
_diffrn_radiation.pdbx_scattering_type             x-ray 
# 
_diffrn_radiation_wavelength.id           1 
_diffrn_radiation_wavelength.wavelength   1.54 
_diffrn_radiation_wavelength.wt           1.0 
# 
_diffrn_source.diffrn_id                   1 
_diffrn_source.source                      'ROTATING ANODE' 
_diffrn_source.type                        'BRUKER AXS MICROSTAR' 
_diffrn_source.pdbx_wavelength             ? 
_diffrn_source.pdbx_wavelength_list        1.54 
_diffrn_source.pdbx_synchrotron_site       ? 
_diffrn_source.pdbx_synchrotron_beamline   ? 
# 
_reflns.entry_id                     2O88 
_reflns.observed_criterion_sigma_F   0 
_reflns.observed_criterion_sigma_I   0 
_reflns.d_resolution_high            1.75 
_reflns.d_resolution_low             50 
_reflns.number_all                   13236 
_reflns.number_obs                   13236 
_reflns.percent_possible_obs         92.2 
_reflns.pdbx_Rmerge_I_obs            0.0682 
_reflns.pdbx_Rsym_value              0.0415 
_reflns.pdbx_netI_over_sigmaI        16.43 
_reflns.B_iso_Wilson_estimate        19.272 
_reflns.pdbx_redundancy              5.9 
_reflns.R_free_details               ? 
_reflns.limit_h_max                  ? 
_reflns.limit_h_min                  ? 
_reflns.limit_k_max                  ? 
_reflns.limit_k_min                  ? 
_reflns.limit_l_max                  ? 
_reflns.limit_l_min                  ? 
_reflns.observed_criterion_F_max     ? 
_reflns.observed_criterion_F_min     ? 
_reflns.pdbx_chi_squared             ? 
_reflns.pdbx_scaling_rejects         ? 
_reflns.pdbx_ordinal                 1 
_reflns.pdbx_diffrn_id               1 
# 
_reflns_shell.d_res_high             1.75 
_reflns_shell.d_res_low              1.85 
_reflns_shell.percent_possible_obs   ? 
_reflns_shell.percent_possible_all   75.8 
_reflns_shell.Rmerge_I_obs           0.2453 
_reflns_shell.meanI_over_sigI_obs    4.41 
_reflns_shell.pdbx_Rsym_value        0.219 
_reflns_shell.pdbx_redundancy        2.79 
_reflns_shell.number_unique_all      1638 
_reflns_shell.number_measured_all    ? 
_reflns_shell.number_measured_obs    ? 
_reflns_shell.number_unique_obs      ? 
_reflns_shell.pdbx_chi_squared       ? 
_reflns_shell.pdbx_ordinal           1 
_reflns_shell.pdbx_diffrn_id         1 
# 
_refine.entry_id                                 2O88 
_refine.ls_d_res_high                            1.75 
_refine.ls_d_res_low                             20.000 
_refine.pdbx_ls_sigma_F                          0.00 
_refine.ls_percent_reflns_obs                    92.180 
_refine.ls_number_reflns_obs                     13178 
_refine.pdbx_ls_cross_valid_method               THROUGHOUT 
_refine.pdbx_R_Free_selection_details            RANDOM 
_refine.details                                  'HYDROGENS HAVE BEEN ADDED IN THE RIDING POSITIONS' 
_refine.ls_R_factor_obs                          0.171 
_refine.ls_R_factor_R_work                       0.169 
_refine.ls_R_factor_R_free                       0.213 
_refine.ls_percent_reflns_R_free                 4.900 
_refine.ls_number_reflns_R_free                  647 
_refine.B_iso_mean                               24.290 
_refine.aniso_B[1][1]                            -0.170 
_refine.aniso_B[2][2]                            -0.010 
_refine.aniso_B[3][3]                            0.180 
_refine.aniso_B[1][2]                            0.000 
_refine.aniso_B[1][3]                            0.000 
_refine.aniso_B[2][3]                            0.000 
_refine.correlation_coeff_Fo_to_Fc               0.967 
_refine.correlation_coeff_Fo_to_Fc_free          0.954 
_refine.pdbx_overall_ESU_R                       0.116 
_refine.pdbx_overall_ESU_R_Free                  0.117 
_refine.overall_SU_ML                            0.074 
_refine.overall_SU_B                             4.793 
_refine.solvent_model_details                    MASK 
_refine.pdbx_solvent_vdw_probe_radii             1.400 
_refine.pdbx_solvent_ion_probe_radii             0.800 
_refine.pdbx_solvent_shrinkage_radii             0.800 
_refine.pdbx_stereochemistry_target_values       'MAXIMUM LIKELIHOOD' 
_refine.pdbx_ls_sigma_I                          ? 
_refine.ls_number_reflns_all                     12531 
_refine.ls_R_factor_all                          ? 
_refine.ls_redundancy_reflns_obs                 ? 
_refine.pdbx_data_cutoff_high_absF               ? 
_refine.pdbx_data_cutoff_low_absF                ? 
_refine.ls_number_parameters                     ? 
_refine.ls_number_restraints                     ? 
_refine.ls_R_factor_R_free_error                 ? 
_refine.ls_R_factor_R_free_error_details         ? 
_refine.pdbx_method_to_determine_struct          'MOLECULAR REPLACEMENT' 
_refine.pdbx_starting_model                      'PDB ENTRY 1BBZ' 
_refine.pdbx_stereochem_target_val_spec_case     ? 
_refine.solvent_model_param_bsol                 ? 
_refine.solvent_model_param_ksol                 ? 
_refine.occupancy_max                            ? 
_refine.occupancy_min                            ? 
_refine.pdbx_isotropic_thermal_model             ? 
_refine.B_iso_min                                ? 
_refine.B_iso_max                                ? 
_refine.overall_SU_R_Cruickshank_DPI             ? 
_refine.overall_SU_R_free                        ? 
_refine.pdbx_data_cutoff_high_rms_absF           ? 
_refine.ls_wR_factor_R_free                      ? 
_refine.ls_wR_factor_R_work                      ? 
_refine.overall_FOM_free_R_set                   ? 
_refine.overall_FOM_work_R_set                   ? 
_refine.pdbx_refine_id                           'X-RAY DIFFRACTION' 
_refine.pdbx_TLS_residual_ADP_flag               'LIKELY RESIDUAL' 
_refine.pdbx_diffrn_id                           1 
_refine.pdbx_overall_phase_error                 ? 
_refine.pdbx_overall_SU_R_free_Cruickshank_DPI   ? 
_refine.pdbx_overall_SU_R_Blow_DPI               ? 
_refine.pdbx_overall_SU_R_free_Blow_DPI          ? 
# 
_refine_hist.pdbx_refine_id                   'X-RAY DIFFRACTION' 
_refine_hist.cycle_id                         LAST 
_refine_hist.pdbx_number_atoms_protein        1037 
_refine_hist.pdbx_number_atoms_nucleic_acid   0 
_refine_hist.pdbx_number_atoms_ligand         10 
_refine_hist.number_atoms_solvent             67 
_refine_hist.number_atoms_total               1114 
_refine_hist.d_res_high                       1.75 
_refine_hist.d_res_low                        20.000 
# 
loop_
_refine_ls_restr.type 
_refine_ls_restr.number 
_refine_ls_restr.dev_ideal 
_refine_ls_restr.dev_ideal_target 
_refine_ls_restr.weight 
_refine_ls_restr.pdbx_refine_id 
_refine_ls_restr.pdbx_restraint_function 
r_bond_refined_d         1087 0.008  0.022  ? 'X-RAY DIFFRACTION' ? 
r_angle_refined_deg      1497 1.744  1.977  ? 'X-RAY DIFFRACTION' ? 
r_dihedral_angle_1_deg   134  5.543  5.000  ? 'X-RAY DIFFRACTION' ? 
r_dihedral_angle_2_deg   45   33.415 25.111 ? 'X-RAY DIFFRACTION' ? 
r_dihedral_angle_3_deg   144  14.989 15.000 ? 'X-RAY DIFFRACTION' ? 
r_dihedral_angle_4_deg   2    24.692 15.000 ? 'X-RAY DIFFRACTION' ? 
r_chiral_restr           156  0.112  0.200  ? 'X-RAY DIFFRACTION' ? 
r_gen_planes_refined     858  0.009  0.020  ? 'X-RAY DIFFRACTION' ? 
r_nbd_refined            359  0.206  0.200  ? 'X-RAY DIFFRACTION' ? 
r_nbtor_refined          728  0.312  0.200  ? 'X-RAY DIFFRACTION' ? 
r_xyhbond_nbd_refined    38   0.193  0.200  ? 'X-RAY DIFFRACTION' ? 
r_symmetry_vdw_refined   33   0.155  0.200  ? 'X-RAY DIFFRACTION' ? 
r_symmetry_hbond_refined 8    0.301  0.200  ? 'X-RAY DIFFRACTION' ? 
r_mcbond_it              701  1.067  1.500  ? 'X-RAY DIFFRACTION' ? 
r_mcangle_it             1110 1.580  2.000  ? 'X-RAY DIFFRACTION' ? 
r_scbond_it              458  2.361  3.000  ? 'X-RAY DIFFRACTION' ? 
r_scangle_it             385  3.443  4.500  ? 'X-RAY DIFFRACTION' ? 
# 
loop_
_refine_ls_restr_ncs.dom_id 
_refine_ls_restr_ncs.pdbx_type 
_refine_ls_restr_ncs.pdbx_auth_asym_id 
_refine_ls_restr_ncs.pdbx_number 
_refine_ls_restr_ncs.rms_dev_position 
_refine_ls_restr_ncs.weight_position 
_refine_ls_restr_ncs.pdbx_ens_id 
_refine_ls_restr_ncs.pdbx_refine_id 
_refine_ls_restr_ncs.pdbx_ordinal 
_refine_ls_restr_ncs.ncs_model_details 
_refine_ls_restr_ncs.rms_dev_B_iso 
_refine_ls_restr_ncs.weight_B_iso 
_refine_ls_restr_ncs.pdbx_asym_id 
_refine_ls_restr_ncs.pdbx_rms 
_refine_ls_restr_ncs.pdbx_weight 
1 'MEDIUM POSITIONAL' A 428 0.320 0.500 1 'X-RAY DIFFRACTION' 1 ? ? ? ? ? ? 
1 'MEDIUM THERMAL'    A 428 0.880 2.000 1 'X-RAY DIFFRACTION' 2 ? ? ? ? ? ? 
1 'MEDIUM POSITIONAL' C 75  0.090 0.500 2 'X-RAY DIFFRACTION' 3 ? ? ? ? ? ? 
1 'MEDIUM THERMAL'    C 75  0.490 2.000 2 'X-RAY DIFFRACTION' 4 ? ? ? ? ? ? 
# 
_refine_ls_shell.d_res_high                       1.75 
_refine_ls_shell.d_res_low                        1.795 
_refine_ls_shell.pdbx_total_number_of_bins_used   20 
_refine_ls_shell.percent_reflns_obs               74.600 
_refine_ls_shell.number_reflns_R_work             745 
_refine_ls_shell.R_factor_all                     ? 
_refine_ls_shell.R_factor_R_work                  0.206 
_refine_ls_shell.R_factor_R_free                  0.268 
_refine_ls_shell.percent_reflns_R_free            ? 
_refine_ls_shell.number_reflns_R_free             39 
_refine_ls_shell.R_factor_R_free_error            ? 
_refine_ls_shell.number_reflns_all                ? 
_refine_ls_shell.number_reflns_obs                784 
_refine_ls_shell.redundancy_reflns_obs            ? 
_refine_ls_shell.pdbx_refine_id                   'X-RAY DIFFRACTION' 
# 
loop_
_struct_ncs_dom.pdbx_ens_id 
_struct_ncs_dom.id 
_struct_ncs_dom.details 
1 1 A 
1 2 B 
2 1 C 
2 2 D 
# 
loop_
_struct_ncs_dom_lim.pdbx_ens_id 
_struct_ncs_dom_lim.dom_id 
_struct_ncs_dom_lim.pdbx_component_id 
_struct_ncs_dom_lim.beg_label_asym_id 
_struct_ncs_dom_lim.beg_label_comp_id 
_struct_ncs_dom_lim.beg_label_seq_id 
_struct_ncs_dom_lim.beg_label_alt_id 
_struct_ncs_dom_lim.end_label_asym_id 
_struct_ncs_dom_lim.end_label_comp_id 
_struct_ncs_dom_lim.end_label_seq_id 
_struct_ncs_dom_lim.end_label_alt_id 
_struct_ncs_dom_lim.beg_auth_asym_id 
_struct_ncs_dom_lim.beg_auth_comp_id 
_struct_ncs_dom_lim.beg_auth_seq_id 
_struct_ncs_dom_lim.end_auth_asym_id 
_struct_ncs_dom_lim.end_auth_comp_id 
_struct_ncs_dom_lim.end_auth_seq_id 
_struct_ncs_dom_lim.pdbx_refine_code 
_struct_ncs_dom_lim.selection_details 
1 1 1 A LEU 2 . A VAL 56 . A LEU 65 A VAL 119 4 ? 
1 2 1 B LEU 2 . B VAL 56 . B LEU 65 B VAL 119 4 ? 
2 1 1 C ALA 2 . C PRO 11 . C ALA 1  C PRO 10  4 ? 
2 2 1 D ALA 2 . D PRO 11 . D ALA 1  D PRO 10  4 ? 
# 
loop_
_struct_ncs_ens.id 
_struct_ncs_ens.details 
1 ? 
2 ? 
# 
_struct.entry_id                  2O88 
_struct.title                     
;Crystal structure of the N114A mutant of ABL-SH3 domain complexed with a designed high-affinity peptide ligand: implications for SH3-ligand interactions
;
_struct.pdbx_model_details        ? 
_struct.pdbx_CASP_flag            ? 
_struct.pdbx_model_type_details   ? 
# 
_struct_keywords.entry_id        2O88 
_struct_keywords.pdbx_keywords   'SIGNALING PROTEIN' 
_struct_keywords.text            'SH3 domain High affinity peptide complex, SIGNALING PROTEIN' 
# 
loop_
_struct_asym.id 
_struct_asym.pdbx_blank_PDB_chainid_flag 
_struct_asym.pdbx_modified 
_struct_asym.entity_id 
_struct_asym.details 
A N N 1 ? 
B N N 1 ? 
C N N 2 ? 
D N N 2 ? 
E N N 3 ? 
F N N 3 ? 
G N N 4 ? 
H N N 4 ? 
I N N 4 ? 
J N N 4 ? 
# 
loop_
_struct_ref.id 
_struct_ref.db_name 
_struct_ref.db_code 
_struct_ref.pdbx_db_accession 
_struct_ref.entity_id 
_struct_ref.pdbx_seq_one_letter_code 
_struct_ref.pdbx_align_begin 
_struct_ref.pdbx_db_isoform 
1 UNP ABL1_HUMAN P00519 1 NLFVALYDFVASGDNTLSITKGEKLRVLGYNHNGEWCEAQTKNGQGWVPSNYITPVNS 64 ? 
2 PDB 2O88       2O88   2 ?                                                          ?  ? 
# 
loop_
_struct_ref_seq.align_id 
_struct_ref_seq.ref_id 
_struct_ref_seq.pdbx_PDB_id_code 
_struct_ref_seq.pdbx_strand_id 
_struct_ref_seq.seq_align_beg 
_struct_ref_seq.pdbx_seq_align_beg_ins_code 
_struct_ref_seq.seq_align_end 
_struct_ref_seq.pdbx_seq_align_end_ins_code 
_struct_ref_seq.pdbx_db_accession 
_struct_ref_seq.db_align_beg 
_struct_ref_seq.pdbx_db_align_beg_ins_code 
_struct_ref_seq.db_align_end 
_struct_ref_seq.pdbx_db_align_end_ins_code 
_struct_ref_seq.pdbx_auth_seq_align_beg 
_struct_ref_seq.pdbx_auth_seq_align_end 
1 1 2O88 A 1 ? 58 ? P00519 64 ? 121 ? 64 121 
2 1 2O88 B 1 ? 58 ? P00519 64 ? 121 ? 64 121 
3 2 2O88 C 1 ? 11 ? 2O88   0  ? 10  ? 0  10  
4 2 2O88 D 1 ? 11 ? 2O88   0  ? 10  ? 0  10  
# 
loop_
_struct_ref_seq_dif.align_id 
_struct_ref_seq_dif.pdbx_pdb_id_code 
_struct_ref_seq_dif.mon_id 
_struct_ref_seq_dif.pdbx_pdb_strand_id 
_struct_ref_seq_dif.seq_num 
_struct_ref_seq_dif.pdbx_pdb_ins_code 
_struct_ref_seq_dif.pdbx_seq_db_name 
_struct_ref_seq_dif.pdbx_seq_db_accession_code 
_struct_ref_seq_dif.db_mon_id 
_struct_ref_seq_dif.pdbx_seq_db_seq_num 
_struct_ref_seq_dif.details 
_struct_ref_seq_dif.pdbx_auth_seq_num 
_struct_ref_seq_dif.pdbx_ordinal 
1 2O88 ALA A 51 ? UNP P00519 ASN 114 'engineered mutation' 114 1 
2 2O88 ALA B 51 ? UNP P00519 ASN 114 'engineered mutation' 114 2 
# 
loop_
_pdbx_struct_assembly.id 
_pdbx_struct_assembly.details 
_pdbx_struct_assembly.method_details 
_pdbx_struct_assembly.oligomeric_details 
_pdbx_struct_assembly.oligomeric_count 
1 author_and_software_defined_assembly PISA dimeric 2 
2 author_and_software_defined_assembly PISA dimeric 2 
# 
loop_
_pdbx_struct_assembly_prop.biol_id 
_pdbx_struct_assembly_prop.type 
_pdbx_struct_assembly_prop.value 
_pdbx_struct_assembly_prop.details 
1 'ABSA (A^2)' 1280 ? 
1 MORE         -26  ? 
1 'SSA (A^2)'  4360 ? 
2 'ABSA (A^2)' 1280 ? 
2 MORE         -26  ? 
2 'SSA (A^2)'  4050 ? 
# 
loop_
_pdbx_struct_assembly_gen.assembly_id 
_pdbx_struct_assembly_gen.oper_expression 
_pdbx_struct_assembly_gen.asym_id_list 
1 1 A,C,E,G,I 
2 1 B,D,F,H,J 
# 
_pdbx_struct_oper_list.id                   1 
_pdbx_struct_oper_list.type                 'identity operation' 
_pdbx_struct_oper_list.name                 1_555 
_pdbx_struct_oper_list.symmetry_operation   x,y,z 
_pdbx_struct_oper_list.matrix[1][1]         1.0000000000 
_pdbx_struct_oper_list.matrix[1][2]         0.0000000000 
_pdbx_struct_oper_list.matrix[1][3]         0.0000000000 
_pdbx_struct_oper_list.vector[1]            0.0000000000 
_pdbx_struct_oper_list.matrix[2][1]         0.0000000000 
_pdbx_struct_oper_list.matrix[2][2]         1.0000000000 
_pdbx_struct_oper_list.matrix[2][3]         0.0000000000 
_pdbx_struct_oper_list.vector[2]            0.0000000000 
_pdbx_struct_oper_list.matrix[3][1]         0.0000000000 
_pdbx_struct_oper_list.matrix[3][2]         0.0000000000 
_pdbx_struct_oper_list.matrix[3][3]         1.0000000000 
_pdbx_struct_oper_list.vector[3]            0.0000000000 
# 
_struct_biol.id                    1 
_struct_biol.details               
'The biological assembly is formed by the SH3 domain (chain A/B) complexed with the acetylated peptide p41 (chain C/D)' 
_struct_biol.pdbx_parent_biol_id   ? 
# 
loop_
_struct_conn.id 
_struct_conn.conn_type_id 
_struct_conn.pdbx_leaving_atom_flag 
_struct_conn.pdbx_PDB_id 
_struct_conn.ptnr1_label_asym_id 
_struct_conn.ptnr1_label_comp_id 
_struct_conn.ptnr1_label_seq_id 
_struct_conn.ptnr1_label_atom_id 
_struct_conn.pdbx_ptnr1_label_alt_id 
_struct_conn.pdbx_ptnr1_PDB_ins_code 
_struct_conn.pdbx_ptnr1_standard_comp_id 
_struct_conn.ptnr1_symmetry 
_struct_conn.ptnr2_label_asym_id 
_struct_conn.ptnr2_label_comp_id 
_struct_conn.ptnr2_label_seq_id 
_struct_conn.ptnr2_label_atom_id 
_struct_conn.pdbx_ptnr2_label_alt_id 
_struct_conn.pdbx_ptnr2_PDB_ins_code 
_struct_conn.ptnr1_auth_asym_id 
_struct_conn.ptnr1_auth_comp_id 
_struct_conn.ptnr1_auth_seq_id 
_struct_conn.ptnr2_auth_asym_id 
_struct_conn.ptnr2_auth_comp_id 
_struct_conn.ptnr2_auth_seq_id 
_struct_conn.ptnr2_symmetry 
_struct_conn.pdbx_ptnr3_label_atom_id 
_struct_conn.pdbx_ptnr3_label_seq_id 
_struct_conn.pdbx_ptnr3_label_comp_id 
_struct_conn.pdbx_ptnr3_label_asym_id 
_struct_conn.pdbx_ptnr3_label_alt_id 
_struct_conn.pdbx_ptnr3_PDB_ins_code 
_struct_conn.details 
_struct_conn.pdbx_dist_value 
_struct_conn.pdbx_value_order 
_struct_conn.pdbx_role 
covale1 covale both ? C ACE 1 C ? ? ? 1_555 C ALA 2 N ? ? C ACE 0 C ALA 1 1_555 ? ? ? ? ? ? ? 1.332 ? ? 
covale2 covale both ? D ACE 1 C ? ? ? 1_555 D ALA 2 N ? ? D ACE 0 D ALA 1 1_555 ? ? ? ? ? ? ? 1.329 ? ? 
# 
_struct_conn_type.id          covale 
_struct_conn_type.criteria    ? 
_struct_conn_type.reference   ? 
# 
loop_
_pdbx_modification_feature.ordinal 
_pdbx_modification_feature.label_comp_id 
_pdbx_modification_feature.label_asym_id 
_pdbx_modification_feature.label_seq_id 
_pdbx_modification_feature.label_alt_id 
_pdbx_modification_feature.modified_residue_label_comp_id 
_pdbx_modification_feature.modified_residue_label_asym_id 
_pdbx_modification_feature.modified_residue_label_seq_id 
_pdbx_modification_feature.modified_residue_label_alt_id 
_pdbx_modification_feature.auth_comp_id 
_pdbx_modification_feature.auth_asym_id 
_pdbx_modification_feature.auth_seq_id 
_pdbx_modification_feature.PDB_ins_code 
_pdbx_modification_feature.symmetry 
_pdbx_modification_feature.modified_residue_auth_comp_id 
_pdbx_modification_feature.modified_residue_auth_asym_id 
_pdbx_modification_feature.modified_residue_auth_seq_id 
_pdbx_modification_feature.modified_residue_PDB_ins_code 
_pdbx_modification_feature.modified_residue_symmetry 
_pdbx_modification_feature.comp_id_linking_atom 
_pdbx_modification_feature.modified_residue_id_linking_atom 
_pdbx_modification_feature.modified_residue_id 
_pdbx_modification_feature.ref_pcm_id 
_pdbx_modification_feature.ref_comp_id 
_pdbx_modification_feature.type 
_pdbx_modification_feature.category 
1 ACE C 1 ? ALA C 2 ? ACE C 0 ? 1_555 ALA C 1 ? 1_555 . . ALA 1 ACE None 'Terminal acetylation' 
2 ACE D 1 ? ALA D 2 ? ACE D 0 ? 1_555 ALA D 1 ? 1_555 . . ALA 1 ACE None 'Terminal acetylation' 
# 
loop_
_struct_sheet.id 
_struct_sheet.type 
_struct_sheet.number_strands 
_struct_sheet.details 
A ? 5 ? 
B ? 5 ? 
# 
loop_
_struct_sheet_order.sheet_id 
_struct_sheet_order.range_id_1 
_struct_sheet_order.range_id_2 
_struct_sheet_order.offset 
_struct_sheet_order.sense 
A 1 2 ? anti-parallel 
A 2 3 ? anti-parallel 
A 3 4 ? anti-parallel 
A 4 5 ? anti-parallel 
B 1 2 ? anti-parallel 
B 2 3 ? anti-parallel 
B 3 4 ? anti-parallel 
B 4 5 ? anti-parallel 
# 
loop_
_struct_sheet_range.sheet_id 
_struct_sheet_range.id 
_struct_sheet_range.beg_label_comp_id 
_struct_sheet_range.beg_label_asym_id 
_struct_sheet_range.beg_label_seq_id 
_struct_sheet_range.pdbx_beg_PDB_ins_code 
_struct_sheet_range.end_label_comp_id 
_struct_sheet_range.end_label_asym_id 
_struct_sheet_range.end_label_seq_id 
_struct_sheet_range.pdbx_end_PDB_ins_code 
_struct_sheet_range.beg_auth_comp_id 
_struct_sheet_range.beg_auth_asym_id 
_struct_sheet_range.beg_auth_seq_id 
_struct_sheet_range.end_auth_comp_id 
_struct_sheet_range.end_auth_asym_id 
_struct_sheet_range.end_auth_seq_id 
A 1 GLY A 44 ? PRO A 49 ? GLY A 107 PRO A 112 
A 2 TRP A 36 ? THR A 41 ? TRP A 99  THR A 104 
A 3 LYS A 24 ? TYR A 30 ? LYS A 87  TYR A 93  
A 4 LEU A 2  ? ALA A 5  ? LEU A 65  ALA A 68  
A 5 ILE A 53 ? PRO A 55 ? ILE A 116 PRO A 118 
B 1 GLY B 44 ? PRO B 49 ? GLY B 107 PRO B 112 
B 2 TRP B 36 ? THR B 41 ? TRP B 99  THR B 104 
B 3 LYS B 24 ? TYR B 30 ? LYS B 87  TYR B 93  
B 4 PHE B 3  ? ALA B 5  ? PHE B 66  ALA B 68  
B 5 ILE B 53 ? PRO B 55 ? ILE B 116 PRO B 118 
# 
loop_
_pdbx_struct_sheet_hbond.sheet_id 
_pdbx_struct_sheet_hbond.range_id_1 
_pdbx_struct_sheet_hbond.range_id_2 
_pdbx_struct_sheet_hbond.range_1_label_atom_id 
_pdbx_struct_sheet_hbond.range_1_label_comp_id 
_pdbx_struct_sheet_hbond.range_1_label_asym_id 
_pdbx_struct_sheet_hbond.range_1_label_seq_id 
_pdbx_struct_sheet_hbond.range_1_PDB_ins_code 
_pdbx_struct_sheet_hbond.range_1_auth_atom_id 
_pdbx_struct_sheet_hbond.range_1_auth_comp_id 
_pdbx_struct_sheet_hbond.range_1_auth_asym_id 
_pdbx_struct_sheet_hbond.range_1_auth_seq_id 
_pdbx_struct_sheet_hbond.range_2_label_atom_id 
_pdbx_struct_sheet_hbond.range_2_label_comp_id 
_pdbx_struct_sheet_hbond.range_2_label_asym_id 
_pdbx_struct_sheet_hbond.range_2_label_seq_id 
_pdbx_struct_sheet_hbond.range_2_PDB_ins_code 
_pdbx_struct_sheet_hbond.range_2_auth_atom_id 
_pdbx_struct_sheet_hbond.range_2_auth_comp_id 
_pdbx_struct_sheet_hbond.range_2_auth_asym_id 
_pdbx_struct_sheet_hbond.range_2_auth_seq_id 
A 1 2 O VAL A 48 ? O VAL A 111 N CYS A 37 ? N CYS A 100 
A 2 3 O GLU A 38 ? O GLU A 101 N LEU A 28 ? N LEU A 91  
A 3 4 O LEU A 25 ? O LEU A 88  N PHE A 3  ? N PHE A 66  
A 4 5 N VAL A 4  ? N VAL A 67  O THR A 54 ? O THR A 117 
B 1 2 O GLY B 46 ? O GLY B 109 N ALA B 39 ? N ALA B 102 
B 2 3 O GLU B 38 ? O GLU B 101 N LEU B 28 ? N LEU B 91  
B 3 4 O LEU B 25 ? O LEU B 88  N PHE B 3  ? N PHE B 66  
B 4 5 N VAL B 4  ? N VAL B 67  O THR B 54 ? O THR B 117 
# 
loop_
_struct_site.id 
_struct_site.pdbx_evidence_code 
_struct_site.pdbx_auth_asym_id 
_struct_site.pdbx_auth_comp_id 
_struct_site.pdbx_auth_seq_id 
_struct_site.pdbx_auth_ins_code 
_struct_site.pdbx_num_residues 
_struct_site.details 
AC1 Software B SO4 122 ? 6 'BINDING SITE FOR RESIDUE SO4 B 122' 
AC2 Software A SO4 122 ? 6 'BINDING SITE FOR RESIDUE SO4 A 122' 
# 
loop_
_struct_site_gen.id 
_struct_site_gen.site_id 
_struct_site_gen.pdbx_num_res 
_struct_site_gen.label_comp_id 
_struct_site_gen.label_asym_id 
_struct_site_gen.label_seq_id 
_struct_site_gen.pdbx_auth_ins_code 
_struct_site_gen.auth_comp_id 
_struct_site_gen.auth_asym_id 
_struct_site_gen.auth_seq_id 
_struct_site_gen.label_atom_id 
_struct_site_gen.label_alt_id 
_struct_site_gen.symmetry 
_struct_site_gen.details 
1  AC1 6 ARG A 26 ? ARG A 89  . ? 1_555 ? 
2  AC1 6 ASN B 31 ? ASN B 94  . ? 1_555 ? 
3  AC1 6 HIS B 32 ? HIS B 95  . ? 1_555 ? 
4  AC1 6 HOH H .  ? HOH B 143 . ? 1_555 ? 
5  AC1 6 ACE D 1  ? ACE D 0   . ? 1_555 ? 
6  AC1 6 ALA D 2  ? ALA D 1   . ? 1_555 ? 
7  AC2 6 ASN A 31 ? ASN A 94  . ? 1_555 ? 
8  AC2 6 HIS A 32 ? HIS A 95  . ? 1_555 ? 
9  AC2 6 HOH G .  ? HOH A 133 . ? 1_555 ? 
10 AC2 6 ARG B 26 ? ARG B 89  . ? 1_555 ? 
11 AC2 6 ACE C 1  ? ACE C 0   . ? 1_555 ? 
12 AC2 6 ALA C 2  ? ALA C 1   . ? 1_555 ? 
# 
_pdbx_entry_details.entry_id                   2O88 
_pdbx_entry_details.compound_details           ? 
_pdbx_entry_details.source_details             ? 
_pdbx_entry_details.nonpolymer_details         ? 
_pdbx_entry_details.sequence_details           ? 
_pdbx_entry_details.has_ligand_of_interest     ? 
_pdbx_entry_details.has_protein_modification   Y 
# 
_pdbx_validate_rmsd_angle.id                         1 
_pdbx_validate_rmsd_angle.PDB_model_num              1 
_pdbx_validate_rmsd_angle.auth_atom_id_1             CB 
_pdbx_validate_rmsd_angle.auth_asym_id_1             A 
_pdbx_validate_rmsd_angle.auth_comp_id_1             ASP 
_pdbx_validate_rmsd_angle.auth_seq_id_1              71 
_pdbx_validate_rmsd_angle.PDB_ins_code_1             ? 
_pdbx_validate_rmsd_angle.label_alt_id_1             ? 
_pdbx_validate_rmsd_angle.auth_atom_id_2             CG 
_pdbx_validate_rmsd_angle.auth_asym_id_2             A 
_pdbx_validate_rmsd_angle.auth_comp_id_2             ASP 
_pdbx_validate_rmsd_angle.auth_seq_id_2              71 
_pdbx_validate_rmsd_angle.PDB_ins_code_2             ? 
_pdbx_validate_rmsd_angle.label_alt_id_2             ? 
_pdbx_validate_rmsd_angle.auth_atom_id_3             OD1 
_pdbx_validate_rmsd_angle.auth_asym_id_3             A 
_pdbx_validate_rmsd_angle.auth_comp_id_3             ASP 
_pdbx_validate_rmsd_angle.auth_seq_id_3              71 
_pdbx_validate_rmsd_angle.PDB_ins_code_3             ? 
_pdbx_validate_rmsd_angle.label_alt_id_3             ? 
_pdbx_validate_rmsd_angle.angle_value                123.82 
_pdbx_validate_rmsd_angle.angle_target_value         118.30 
_pdbx_validate_rmsd_angle.angle_deviation            5.52 
_pdbx_validate_rmsd_angle.angle_standard_deviation   0.90 
_pdbx_validate_rmsd_angle.linker_flag                N 
# 
loop_
_pdbx_refine_tls.id 
_pdbx_refine_tls.details 
_pdbx_refine_tls.method 
_pdbx_refine_tls.origin_x 
_pdbx_refine_tls.origin_y 
_pdbx_refine_tls.origin_z 
_pdbx_refine_tls.T[1][1] 
_pdbx_refine_tls.T[2][2] 
_pdbx_refine_tls.T[3][3] 
_pdbx_refine_tls.T[1][2] 
_pdbx_refine_tls.T[1][3] 
_pdbx_refine_tls.T[2][3] 
_pdbx_refine_tls.L[1][1] 
_pdbx_refine_tls.L[2][2] 
_pdbx_refine_tls.L[3][3] 
_pdbx_refine_tls.L[1][2] 
_pdbx_refine_tls.L[1][3] 
_pdbx_refine_tls.L[2][3] 
_pdbx_refine_tls.S[1][1] 
_pdbx_refine_tls.S[2][2] 
_pdbx_refine_tls.S[3][3] 
_pdbx_refine_tls.S[1][2] 
_pdbx_refine_tls.S[1][3] 
_pdbx_refine_tls.S[2][3] 
_pdbx_refine_tls.S[2][1] 
_pdbx_refine_tls.S[3][1] 
_pdbx_refine_tls.S[3][2] 
_pdbx_refine_tls.pdbx_refine_id 
1  ? refined -12.8302 -7.1493 1.4081  -0.0966 -0.0952 -0.2138 0.0064  0.0194  -0.0385 6.3395  14.1510 10.3354 -1.0521 2.1134   -6.0050 0.1261  0.0400  -0.1662 0.0415  -0.0949 -0.1530 0.2642  0.2874  0.0424  'X-RAY DIFFRACTION' 
2  ? refined -11.0169 -2.4718 -4.0404 -0.1227 -0.0692 -0.2048 0.0332  0.0272  -0.0054 10.3826 42.5736 4.2909  17.0547 -1.4319  -6.0588 -0.0074 0.0125  -0.0051 0.1910  0.2864  0.3846  -0.4655 0.1268  -0.1059 'X-RAY DIFFRACTION' 
3  ? refined -3.9951  -6.3712 4.7903  -0.0592 -0.0721 0.2099  0.0131  -0.0989 0.0729  5.1379  38.6187 20.9766 7.9426  5.5455   19.0158 -0.0468 -0.8587 0.9055  -0.4254 -0.1566 -1.5765 0.5143  0.0962  -0.0042 'X-RAY DIFFRACTION' 
4  ? refined -9.5358  5.1891  7.9850  0.0856  -0.0567 -0.1325 -0.0009 -0.0336 0.0123  22.1602 15.4621 39.7948 8.3450  -11.6563 4.2392  0.4454  -0.2628 -0.1824 -1.0013 0.7660  -0.0334 2.0332  -1.1170 0.0791  'X-RAY DIFFRACTION' 
5  ? refined -8.1958  -6.0304 2.1600  -0.0893 -0.0980 -0.1001 0.0260  0.0031  -0.0064 3.8417  10.5935 3.3633  1.6358  -1.8210  -2.6001 -0.1899 0.0770  0.1129  -0.0168 -0.3640 -0.8947 -0.1736 0.5515  0.0634  'X-RAY DIFFRACTION' 
6  ? refined 11.0025  4.6234  -4.4176 -0.1211 -0.1451 -0.1816 0.0456  -0.0146 0.0524  8.2802  7.6894  8.0389  4.3821  1.2941   3.0515  -0.0072 0.1071  -0.1000 0.1231  -0.1600 0.0503  0.1230  -0.1060 0.0444  'X-RAY DIFFRACTION' 
7  ? refined 11.7033  12.0500 -5.0476 -0.0225 -0.0880 -0.1103 0.0140  0.0001  0.0416  9.8319  27.3772 13.0060 5.4742  -7.2874  7.4300  0.1195  0.0585  -0.1780 0.1210  0.4560  0.4330  -0.1995 -1.0374 0.0019  'X-RAY DIFFRACTION' 
8  ? refined 5.1207   4.7515  4.0526  -0.1040 -0.0065 -0.0917 0.0446  0.0282  0.0173  0.6467  26.4648 10.0548 -0.2063 1.6410   -6.5659 -0.0464 -0.2551 0.3014  -0.7626 0.1098  0.0216  -0.1298 -0.0515 0.1265  'X-RAY DIFFRACTION' 
9  ? refined 10.7558  -4.8356 2.7338  -0.0339 -0.1132 -0.0980 0.0145  -0.0120 0.0345  24.1548 10.6997 15.2970 0.5320  5.5957   -3.5304 -0.0634 -0.2292 0.2926  -0.3652 -0.8360 -0.4776 1.0177  0.4789  0.2591  'X-RAY DIFFRACTION' 
10 ? refined 8.5045   5.5746  -1.4008 -0.1044 -0.1161 -0.1856 0.0459  0.0146  0.0019  10.4223 4.2890  2.6455  1.1584  1.7187   1.0451  -0.1558 0.0485  0.1073  -0.0235 0.2590  0.2424  0.1367  -0.3912 -0.1050 'X-RAY DIFFRACTION' 
11 ? refined -16.3425 5.1849  2.3947  -0.0865 -0.1053 -0.0109 0.0632  0.0148  0.0191  25.1837 1.0862  3.2360  -2.4720 -2.6956  0.8604  -0.2483 -0.0603 0.3086  -0.2523 -0.8842 0.4207  0.1962  0.0636  -0.3123 'X-RAY DIFFRACTION' 
12 ? refined 16.6639  -4.5153 -4.1056 -0.0832 -0.0723 -0.0444 0.0696  0.0190  -0.0282 17.0374 11.0649 3.3652  2.8287  0.9491   2.0296  -0.2349 0.3418  -0.1069 0.0192  0.3223  -0.4696 0.2063  -0.0582 0.1216  'X-RAY DIFFRACTION' 
# 
loop_
_pdbx_refine_tls_group.id 
_pdbx_refine_tls_group.refine_tls_id 
_pdbx_refine_tls_group.beg_label_asym_id 
_pdbx_refine_tls_group.beg_label_seq_id 
_pdbx_refine_tls_group.end_label_asym_id 
_pdbx_refine_tls_group.end_label_seq_id 
_pdbx_refine_tls_group.selection 
_pdbx_refine_tls_group.beg_auth_asym_id 
_pdbx_refine_tls_group.beg_auth_seq_id 
_pdbx_refine_tls_group.end_auth_asym_id 
_pdbx_refine_tls_group.end_auth_seq_id 
_pdbx_refine_tls_group.pdbx_refine_id 
_pdbx_refine_tls_group.selection_details 
1  1  A 1  A 11 ALL A 64  A 74  'X-RAY DIFFRACTION' ? 
2  2  A 12 A 23 ALL A 75  A 86  'X-RAY DIFFRACTION' ? 
3  3  A 24 A 30 ALL A 87  A 93  'X-RAY DIFFRACTION' ? 
4  4  A 31 A 37 ALL A 94  A 100 'X-RAY DIFFRACTION' ? 
5  5  A 38 A 58 ALL A 101 A 121 'X-RAY DIFFRACTION' ? 
6  6  B 1  B 18 ALL B 64  B 81  'X-RAY DIFFRACTION' ? 
7  7  B 19 B 24 ALL B 82  B 87  'X-RAY DIFFRACTION' ? 
8  8  B 25 B 30 ALL B 88  B 93  'X-RAY DIFFRACTION' ? 
9  9  B 31 B 38 ALL B 94  B 101 'X-RAY DIFFRACTION' ? 
10 10 B 39 B 56 ALL B 102 B 119 'X-RAY DIFFRACTION' ? 
11 11 C 2  C 11 ALL C 1   C 10  'X-RAY DIFFRACTION' ? 
12 12 D 2  D 11 ALL D 1   D 10  'X-RAY DIFFRACTION' ? 
# 
_pdbx_phasing_MR.entry_id                     2O88 
_pdbx_phasing_MR.method_rotation              ? 
_pdbx_phasing_MR.method_translation           ? 
_pdbx_phasing_MR.model_details                ? 
_pdbx_phasing_MR.R_factor                     ? 
_pdbx_phasing_MR.R_rigid_body                 ? 
_pdbx_phasing_MR.correlation_coeff_Fo_to_Fc   ? 
_pdbx_phasing_MR.correlation_coeff_Io_to_Ic   ? 
_pdbx_phasing_MR.d_res_high_rotation          1.960 
_pdbx_phasing_MR.d_res_low_rotation           36.640 
_pdbx_phasing_MR.d_res_high_translation       1.960 
_pdbx_phasing_MR.d_res_low_translation        36.640 
_pdbx_phasing_MR.packing                      ? 
_pdbx_phasing_MR.reflns_percent_rotation      ? 
_pdbx_phasing_MR.reflns_percent_translation   ? 
_pdbx_phasing_MR.sigma_F_rotation             ? 
_pdbx_phasing_MR.sigma_F_translation          ? 
_pdbx_phasing_MR.sigma_I_rotation             ? 
_pdbx_phasing_MR.sigma_I_translation          ? 
# 
loop_
_pdbx_unobs_or_zero_occ_residues.id 
_pdbx_unobs_or_zero_occ_residues.PDB_model_num 
_pdbx_unobs_or_zero_occ_residues.polymer_flag 
_pdbx_unobs_or_zero_occ_residues.occupancy_flag 
_pdbx_unobs_or_zero_occ_residues.auth_asym_id 
_pdbx_unobs_or_zero_occ_residues.auth_comp_id 
_pdbx_unobs_or_zero_occ_residues.auth_seq_id 
_pdbx_unobs_or_zero_occ_residues.PDB_ins_code 
_pdbx_unobs_or_zero_occ_residues.label_asym_id 
_pdbx_unobs_or_zero_occ_residues.label_comp_id 
_pdbx_unobs_or_zero_occ_residues.label_seq_id 
1 1 Y 1 B ASN 120 ? B ASN 57 
2 1 Y 1 B SER 121 ? B SER 58 
# 
loop_
_chem_comp_atom.comp_id 
_chem_comp_atom.atom_id 
_chem_comp_atom.type_symbol 
_chem_comp_atom.pdbx_aromatic_flag 
_chem_comp_atom.pdbx_stereo_config 
_chem_comp_atom.pdbx_ordinal 
ACE C    C N N 1   
ACE O    O N N 2   
ACE CH3  C N N 3   
ACE H    H N N 4   
ACE H1   H N N 5   
ACE H2   H N N 6   
ACE H3   H N N 7   
ALA N    N N N 8   
ALA CA   C N S 9   
ALA C    C N N 10  
ALA O    O N N 11  
ALA CB   C N N 12  
ALA OXT  O N N 13  
ALA H    H N N 14  
ALA H2   H N N 15  
ALA HA   H N N 16  
ALA HB1  H N N 17  
ALA HB2  H N N 18  
ALA HB3  H N N 19  
ALA HXT  H N N 20  
ARG N    N N N 21  
ARG CA   C N S 22  
ARG C    C N N 23  
ARG O    O N N 24  
ARG CB   C N N 25  
ARG CG   C N N 26  
ARG CD   C N N 27  
ARG NE   N N N 28  
ARG CZ   C N N 29  
ARG NH1  N N N 30  
ARG NH2  N N N 31  
ARG OXT  O N N 32  
ARG H    H N N 33  
ARG H2   H N N 34  
ARG HA   H N N 35  
ARG HB2  H N N 36  
ARG HB3  H N N 37  
ARG HG2  H N N 38  
ARG HG3  H N N 39  
ARG HD2  H N N 40  
ARG HD3  H N N 41  
ARG HE   H N N 42  
ARG HH11 H N N 43  
ARG HH12 H N N 44  
ARG HH21 H N N 45  
ARG HH22 H N N 46  
ARG HXT  H N N 47  
ASN N    N N N 48  
ASN CA   C N S 49  
ASN C    C N N 50  
ASN O    O N N 51  
ASN CB   C N N 52  
ASN CG   C N N 53  
ASN OD1  O N N 54  
ASN ND2  N N N 55  
ASN OXT  O N N 56  
ASN H    H N N 57  
ASN H2   H N N 58  
ASN HA   H N N 59  
ASN HB2  H N N 60  
ASN HB3  H N N 61  
ASN HD21 H N N 62  
ASN HD22 H N N 63  
ASN HXT  H N N 64  
ASP N    N N N 65  
ASP CA   C N S 66  
ASP C    C N N 67  
ASP O    O N N 68  
ASP CB   C N N 69  
ASP CG   C N N 70  
ASP OD1  O N N 71  
ASP OD2  O N N 72  
ASP OXT  O N N 73  
ASP H    H N N 74  
ASP H2   H N N 75  
ASP HA   H N N 76  
ASP HB2  H N N 77  
ASP HB3  H N N 78  
ASP HD2  H N N 79  
ASP HXT  H N N 80  
CYS N    N N N 81  
CYS CA   C N R 82  
CYS C    C N N 83  
CYS O    O N N 84  
CYS CB   C N N 85  
CYS SG   S N N 86  
CYS OXT  O N N 87  
CYS H    H N N 88  
CYS H2   H N N 89  
CYS HA   H N N 90  
CYS HB2  H N N 91  
CYS HB3  H N N 92  
CYS HG   H N N 93  
CYS HXT  H N N 94  
GLN N    N N N 95  
GLN CA   C N S 96  
GLN C    C N N 97  
GLN O    O N N 98  
GLN CB   C N N 99  
GLN CG   C N N 100 
GLN CD   C N N 101 
GLN OE1  O N N 102 
GLN NE2  N N N 103 
GLN OXT  O N N 104 
GLN H    H N N 105 
GLN H2   H N N 106 
GLN HA   H N N 107 
GLN HB2  H N N 108 
GLN HB3  H N N 109 
GLN HG2  H N N 110 
GLN HG3  H N N 111 
GLN HE21 H N N 112 
GLN HE22 H N N 113 
GLN HXT  H N N 114 
GLU N    N N N 115 
GLU CA   C N S 116 
GLU C    C N N 117 
GLU O    O N N 118 
GLU CB   C N N 119 
GLU CG   C N N 120 
GLU CD   C N N 121 
GLU OE1  O N N 122 
GLU OE2  O N N 123 
GLU OXT  O N N 124 
GLU H    H N N 125 
GLU H2   H N N 126 
GLU HA   H N N 127 
GLU HB2  H N N 128 
GLU HB3  H N N 129 
GLU HG2  H N N 130 
GLU HG3  H N N 131 
GLU HE2  H N N 132 
GLU HXT  H N N 133 
GLY N    N N N 134 
GLY CA   C N N 135 
GLY C    C N N 136 
GLY O    O N N 137 
GLY OXT  O N N 138 
GLY H    H N N 139 
GLY H2   H N N 140 
GLY HA2  H N N 141 
GLY HA3  H N N 142 
GLY HXT  H N N 143 
HIS N    N N N 144 
HIS CA   C N S 145 
HIS C    C N N 146 
HIS O    O N N 147 
HIS CB   C N N 148 
HIS CG   C Y N 149 
HIS ND1  N Y N 150 
HIS CD2  C Y N 151 
HIS CE1  C Y N 152 
HIS NE2  N Y N 153 
HIS OXT  O N N 154 
HIS H    H N N 155 
HIS H2   H N N 156 
HIS HA   H N N 157 
HIS HB2  H N N 158 
HIS HB3  H N N 159 
HIS HD1  H N N 160 
HIS HD2  H N N 161 
HIS HE1  H N N 162 
HIS HE2  H N N 163 
HIS HXT  H N N 164 
HOH O    O N N 165 
HOH H1   H N N 166 
HOH H2   H N N 167 
ILE N    N N N 168 
ILE CA   C N S 169 
ILE C    C N N 170 
ILE O    O N N 171 
ILE CB   C N S 172 
ILE CG1  C N N 173 
ILE CG2  C N N 174 
ILE CD1  C N N 175 
ILE OXT  O N N 176 
ILE H    H N N 177 
ILE H2   H N N 178 
ILE HA   H N N 179 
ILE HB   H N N 180 
ILE HG12 H N N 181 
ILE HG13 H N N 182 
ILE HG21 H N N 183 
ILE HG22 H N N 184 
ILE HG23 H N N 185 
ILE HD11 H N N 186 
ILE HD12 H N N 187 
ILE HD13 H N N 188 
ILE HXT  H N N 189 
LEU N    N N N 190 
LEU CA   C N S 191 
LEU C    C N N 192 
LEU O    O N N 193 
LEU CB   C N N 194 
LEU CG   C N N 195 
LEU CD1  C N N 196 
LEU CD2  C N N 197 
LEU OXT  O N N 198 
LEU H    H N N 199 
LEU H2   H N N 200 
LEU HA   H N N 201 
LEU HB2  H N N 202 
LEU HB3  H N N 203 
LEU HG   H N N 204 
LEU HD11 H N N 205 
LEU HD12 H N N 206 
LEU HD13 H N N 207 
LEU HD21 H N N 208 
LEU HD22 H N N 209 
LEU HD23 H N N 210 
LEU HXT  H N N 211 
LYS N    N N N 212 
LYS CA   C N S 213 
LYS C    C N N 214 
LYS O    O N N 215 
LYS CB   C N N 216 
LYS CG   C N N 217 
LYS CD   C N N 218 
LYS CE   C N N 219 
LYS NZ   N N N 220 
LYS OXT  O N N 221 
LYS H    H N N 222 
LYS H2   H N N 223 
LYS HA   H N N 224 
LYS HB2  H N N 225 
LYS HB3  H N N 226 
LYS HG2  H N N 227 
LYS HG3  H N N 228 
LYS HD2  H N N 229 
LYS HD3  H N N 230 
LYS HE2  H N N 231 
LYS HE3  H N N 232 
LYS HZ1  H N N 233 
LYS HZ2  H N N 234 
LYS HZ3  H N N 235 
LYS HXT  H N N 236 
PHE N    N N N 237 
PHE CA   C N S 238 
PHE C    C N N 239 
PHE O    O N N 240 
PHE CB   C N N 241 
PHE CG   C Y N 242 
PHE CD1  C Y N 243 
PHE CD2  C Y N 244 
PHE CE1  C Y N 245 
PHE CE2  C Y N 246 
PHE CZ   C Y N 247 
PHE OXT  O N N 248 
PHE H    H N N 249 
PHE H2   H N N 250 
PHE HA   H N N 251 
PHE HB2  H N N 252 
PHE HB3  H N N 253 
PHE HD1  H N N 254 
PHE HD2  H N N 255 
PHE HE1  H N N 256 
PHE HE2  H N N 257 
PHE HZ   H N N 258 
PHE HXT  H N N 259 
PRO N    N N N 260 
PRO CA   C N S 261 
PRO C    C N N 262 
PRO O    O N N 263 
PRO CB   C N N 264 
PRO CG   C N N 265 
PRO CD   C N N 266 
PRO OXT  O N N 267 
PRO H    H N N 268 
PRO HA   H N N 269 
PRO HB2  H N N 270 
PRO HB3  H N N 271 
PRO HG2  H N N 272 
PRO HG3  H N N 273 
PRO HD2  H N N 274 
PRO HD3  H N N 275 
PRO HXT  H N N 276 
SER N    N N N 277 
SER CA   C N S 278 
SER C    C N N 279 
SER O    O N N 280 
SER CB   C N N 281 
SER OG   O N N 282 
SER OXT  O N N 283 
SER H    H N N 284 
SER H2   H N N 285 
SER HA   H N N 286 
SER HB2  H N N 287 
SER HB3  H N N 288 
SER HG   H N N 289 
SER HXT  H N N 290 
SO4 S    S N N 291 
SO4 O1   O N N 292 
SO4 O2   O N N 293 
SO4 O3   O N N 294 
SO4 O4   O N N 295 
THR N    N N N 296 
THR CA   C N S 297 
THR C    C N N 298 
THR O    O N N 299 
THR CB   C N R 300 
THR OG1  O N N 301 
THR CG2  C N N 302 
THR OXT  O N N 303 
THR H    H N N 304 
THR H2   H N N 305 
THR HA   H N N 306 
THR HB   H N N 307 
THR HG1  H N N 308 
THR HG21 H N N 309 
THR HG22 H N N 310 
THR HG23 H N N 311 
THR HXT  H N N 312 
TRP N    N N N 313 
TRP CA   C N S 314 
TRP C    C N N 315 
TRP O    O N N 316 
TRP CB   C N N 317 
TRP CG   C Y N 318 
TRP CD1  C Y N 319 
TRP CD2  C Y N 320 
TRP NE1  N Y N 321 
TRP CE2  C Y N 322 
TRP CE3  C Y N 323 
TRP CZ2  C Y N 324 
TRP CZ3  C Y N 325 
TRP CH2  C Y N 326 
TRP OXT  O N N 327 
TRP H    H N N 328 
TRP H2   H N N 329 
TRP HA   H N N 330 
TRP HB2  H N N 331 
TRP HB3  H N N 332 
TRP HD1  H N N 333 
TRP HE1  H N N 334 
TRP HE3  H N N 335 
TRP HZ2  H N N 336 
TRP HZ3  H N N 337 
TRP HH2  H N N 338 
TRP HXT  H N N 339 
TYR N    N N N 340 
TYR CA   C N S 341 
TYR C    C N N 342 
TYR O    O N N 343 
TYR CB   C N N 344 
TYR CG   C Y N 345 
TYR CD1  C Y N 346 
TYR CD2  C Y N 347 
TYR CE1  C Y N 348 
TYR CE2  C Y N 349 
TYR CZ   C Y N 350 
TYR OH   O N N 351 
TYR OXT  O N N 352 
TYR H    H N N 353 
TYR H2   H N N 354 
TYR HA   H N N 355 
TYR HB2  H N N 356 
TYR HB3  H N N 357 
TYR HD1  H N N 358 
TYR HD2  H N N 359 
TYR HE1  H N N 360 
TYR HE2  H N N 361 
TYR HH   H N N 362 
TYR HXT  H N N 363 
VAL N    N N N 364 
VAL CA   C N S 365 
VAL C    C N N 366 
VAL O    O N N 367 
VAL CB   C N N 368 
VAL CG1  C N N 369 
VAL CG2  C N N 370 
VAL OXT  O N N 371 
VAL H    H N N 372 
VAL H2   H N N 373 
VAL HA   H N N 374 
VAL HB   H N N 375 
VAL HG11 H N N 376 
VAL HG12 H N N 377 
VAL HG13 H N N 378 
VAL HG21 H N N 379 
VAL HG22 H N N 380 
VAL HG23 H N N 381 
VAL HXT  H N N 382 
# 
loop_
_chem_comp_bond.comp_id 
_chem_comp_bond.atom_id_1 
_chem_comp_bond.atom_id_2 
_chem_comp_bond.value_order 
_chem_comp_bond.pdbx_aromatic_flag 
_chem_comp_bond.pdbx_stereo_config 
_chem_comp_bond.pdbx_ordinal 
ACE C   O    doub N N 1   
ACE C   CH3  sing N N 2   
ACE C   H    sing N N 3   
ACE CH3 H1   sing N N 4   
ACE CH3 H2   sing N N 5   
ACE CH3 H3   sing N N 6   
ALA N   CA   sing N N 7   
ALA N   H    sing N N 8   
ALA N   H2   sing N N 9   
ALA CA  C    sing N N 10  
ALA CA  CB   sing N N 11  
ALA CA  HA   sing N N 12  
ALA C   O    doub N N 13  
ALA C   OXT  sing N N 14  
ALA CB  HB1  sing N N 15  
ALA CB  HB2  sing N N 16  
ALA CB  HB3  sing N N 17  
ALA OXT HXT  sing N N 18  
ARG N   CA   sing N N 19  
ARG N   H    sing N N 20  
ARG N   H2   sing N N 21  
ARG CA  C    sing N N 22  
ARG CA  CB   sing N N 23  
ARG CA  HA   sing N N 24  
ARG C   O    doub N N 25  
ARG C   OXT  sing N N 26  
ARG CB  CG   sing N N 27  
ARG CB  HB2  sing N N 28  
ARG CB  HB3  sing N N 29  
ARG CG  CD   sing N N 30  
ARG CG  HG2  sing N N 31  
ARG CG  HG3  sing N N 32  
ARG CD  NE   sing N N 33  
ARG CD  HD2  sing N N 34  
ARG CD  HD3  sing N N 35  
ARG NE  CZ   sing N N 36  
ARG NE  HE   sing N N 37  
ARG CZ  NH1  sing N N 38  
ARG CZ  NH2  doub N N 39  
ARG NH1 HH11 sing N N 40  
ARG NH1 HH12 sing N N 41  
ARG NH2 HH21 sing N N 42  
ARG NH2 HH22 sing N N 43  
ARG OXT HXT  sing N N 44  
ASN N   CA   sing N N 45  
ASN N   H    sing N N 46  
ASN N   H2   sing N N 47  
ASN CA  C    sing N N 48  
ASN CA  CB   sing N N 49  
ASN CA  HA   sing N N 50  
ASN C   O    doub N N 51  
ASN C   OXT  sing N N 52  
ASN CB  CG   sing N N 53  
ASN CB  HB2  sing N N 54  
ASN CB  HB3  sing N N 55  
ASN CG  OD1  doub N N 56  
ASN CG  ND2  sing N N 57  
ASN ND2 HD21 sing N N 58  
ASN ND2 HD22 sing N N 59  
ASN OXT HXT  sing N N 60  
ASP N   CA   sing N N 61  
ASP N   H    sing N N 62  
ASP N   H2   sing N N 63  
ASP CA  C    sing N N 64  
ASP CA  CB   sing N N 65  
ASP CA  HA   sing N N 66  
ASP C   O    doub N N 67  
ASP C   OXT  sing N N 68  
ASP CB  CG   sing N N 69  
ASP CB  HB2  sing N N 70  
ASP CB  HB3  sing N N 71  
ASP CG  OD1  doub N N 72  
ASP CG  OD2  sing N N 73  
ASP OD2 HD2  sing N N 74  
ASP OXT HXT  sing N N 75  
CYS N   CA   sing N N 76  
CYS N   H    sing N N 77  
CYS N   H2   sing N N 78  
CYS CA  C    sing N N 79  
CYS CA  CB   sing N N 80  
CYS CA  HA   sing N N 81  
CYS C   O    doub N N 82  
CYS C   OXT  sing N N 83  
CYS CB  SG   sing N N 84  
CYS CB  HB2  sing N N 85  
CYS CB  HB3  sing N N 86  
CYS SG  HG   sing N N 87  
CYS OXT HXT  sing N N 88  
GLN N   CA   sing N N 89  
GLN N   H    sing N N 90  
GLN N   H2   sing N N 91  
GLN CA  C    sing N N 92  
GLN CA  CB   sing N N 93  
GLN CA  HA   sing N N 94  
GLN C   O    doub N N 95  
GLN C   OXT  sing N N 96  
GLN CB  CG   sing N N 97  
GLN CB  HB2  sing N N 98  
GLN CB  HB3  sing N N 99  
GLN CG  CD   sing N N 100 
GLN CG  HG2  sing N N 101 
GLN CG  HG3  sing N N 102 
GLN CD  OE1  doub N N 103 
GLN CD  NE2  sing N N 104 
GLN NE2 HE21 sing N N 105 
GLN NE2 HE22 sing N N 106 
GLN OXT HXT  sing N N 107 
GLU N   CA   sing N N 108 
GLU N   H    sing N N 109 
GLU N   H2   sing N N 110 
GLU CA  C    sing N N 111 
GLU CA  CB   sing N N 112 
GLU CA  HA   sing N N 113 
GLU C   O    doub N N 114 
GLU C   OXT  sing N N 115 
GLU CB  CG   sing N N 116 
GLU CB  HB2  sing N N 117 
GLU CB  HB3  sing N N 118 
GLU CG  CD   sing N N 119 
GLU CG  HG2  sing N N 120 
GLU CG  HG3  sing N N 121 
GLU CD  OE1  doub N N 122 
GLU CD  OE2  sing N N 123 
GLU OE2 HE2  sing N N 124 
GLU OXT HXT  sing N N 125 
GLY N   CA   sing N N 126 
GLY N   H    sing N N 127 
GLY N   H2   sing N N 128 
GLY CA  C    sing N N 129 
GLY CA  HA2  sing N N 130 
GLY CA  HA3  sing N N 131 
GLY C   O    doub N N 132 
GLY C   OXT  sing N N 133 
GLY OXT HXT  sing N N 134 
HIS N   CA   sing N N 135 
HIS N   H    sing N N 136 
HIS N   H2   sing N N 137 
HIS CA  C    sing N N 138 
HIS CA  CB   sing N N 139 
HIS CA  HA   sing N N 140 
HIS C   O    doub N N 141 
HIS C   OXT  sing N N 142 
HIS CB  CG   sing N N 143 
HIS CB  HB2  sing N N 144 
HIS CB  HB3  sing N N 145 
HIS CG  ND1  sing Y N 146 
HIS CG  CD2  doub Y N 147 
HIS ND1 CE1  doub Y N 148 
HIS ND1 HD1  sing N N 149 
HIS CD2 NE2  sing Y N 150 
HIS CD2 HD2  sing N N 151 
HIS CE1 NE2  sing Y N 152 
HIS CE1 HE1  sing N N 153 
HIS NE2 HE2  sing N N 154 
HIS OXT HXT  sing N N 155 
HOH O   H1   sing N N 156 
HOH O   H2   sing N N 157 
ILE N   CA   sing N N 158 
ILE N   H    sing N N 159 
ILE N   H2   sing N N 160 
ILE CA  C    sing N N 161 
ILE CA  CB   sing N N 162 
ILE CA  HA   sing N N 163 
ILE C   O    doub N N 164 
ILE C   OXT  sing N N 165 
ILE CB  CG1  sing N N 166 
ILE CB  CG2  sing N N 167 
ILE CB  HB   sing N N 168 
ILE CG1 CD1  sing N N 169 
ILE CG1 HG12 sing N N 170 
ILE CG1 HG13 sing N N 171 
ILE CG2 HG21 sing N N 172 
ILE CG2 HG22 sing N N 173 
ILE CG2 HG23 sing N N 174 
ILE CD1 HD11 sing N N 175 
ILE CD1 HD12 sing N N 176 
ILE CD1 HD13 sing N N 177 
ILE OXT HXT  sing N N 178 
LEU N   CA   sing N N 179 
LEU N   H    sing N N 180 
LEU N   H2   sing N N 181 
LEU CA  C    sing N N 182 
LEU CA  CB   sing N N 183 
LEU CA  HA   sing N N 184 
LEU C   O    doub N N 185 
LEU C   OXT  sing N N 186 
LEU CB  CG   sing N N 187 
LEU CB  HB2  sing N N 188 
LEU CB  HB3  sing N N 189 
LEU CG  CD1  sing N N 190 
LEU CG  CD2  sing N N 191 
LEU CG  HG   sing N N 192 
LEU CD1 HD11 sing N N 193 
LEU CD1 HD12 sing N N 194 
LEU CD1 HD13 sing N N 195 
LEU CD2 HD21 sing N N 196 
LEU CD2 HD22 sing N N 197 
LEU CD2 HD23 sing N N 198 
LEU OXT HXT  sing N N 199 
LYS N   CA   sing N N 200 
LYS N   H    sing N N 201 
LYS N   H2   sing N N 202 
LYS CA  C    sing N N 203 
LYS CA  CB   sing N N 204 
LYS CA  HA   sing N N 205 
LYS C   O    doub N N 206 
LYS C   OXT  sing N N 207 
LYS CB  CG   sing N N 208 
LYS CB  HB2  sing N N 209 
LYS CB  HB3  sing N N 210 
LYS CG  CD   sing N N 211 
LYS CG  HG2  sing N N 212 
LYS CG  HG3  sing N N 213 
LYS CD  CE   sing N N 214 
LYS CD  HD2  sing N N 215 
LYS CD  HD3  sing N N 216 
LYS CE  NZ   sing N N 217 
LYS CE  HE2  sing N N 218 
LYS CE  HE3  sing N N 219 
LYS NZ  HZ1  sing N N 220 
LYS NZ  HZ2  sing N N 221 
LYS NZ  HZ3  sing N N 222 
LYS OXT HXT  sing N N 223 
PHE N   CA   sing N N 224 
PHE N   H    sing N N 225 
PHE N   H2   sing N N 226 
PHE CA  C    sing N N 227 
PHE CA  CB   sing N N 228 
PHE CA  HA   sing N N 229 
PHE C   O    doub N N 230 
PHE C   OXT  sing N N 231 
PHE CB  CG   sing N N 232 
PHE CB  HB2  sing N N 233 
PHE CB  HB3  sing N N 234 
PHE CG  CD1  doub Y N 235 
PHE CG  CD2  sing Y N 236 
PHE CD1 CE1  sing Y N 237 
PHE CD1 HD1  sing N N 238 
PHE CD2 CE2  doub Y N 239 
PHE CD2 HD2  sing N N 240 
PHE CE1 CZ   doub Y N 241 
PHE CE1 HE1  sing N N 242 
PHE CE2 CZ   sing Y N 243 
PHE CE2 HE2  sing N N 244 
PHE CZ  HZ   sing N N 245 
PHE OXT HXT  sing N N 246 
PRO N   CA   sing N N 247 
PRO N   CD   sing N N 248 
PRO N   H    sing N N 249 
PRO CA  C    sing N N 250 
PRO CA  CB   sing N N 251 
PRO CA  HA   sing N N 252 
PRO C   O    doub N N 253 
PRO C   OXT  sing N N 254 
PRO CB  CG   sing N N 255 
PRO CB  HB2  sing N N 256 
PRO CB  HB3  sing N N 257 
PRO CG  CD   sing N N 258 
PRO CG  HG2  sing N N 259 
PRO CG  HG3  sing N N 260 
PRO CD  HD2  sing N N 261 
PRO CD  HD3  sing N N 262 
PRO OXT HXT  sing N N 263 
SER N   CA   sing N N 264 
SER N   H    sing N N 265 
SER N   H2   sing N N 266 
SER CA  C    sing N N 267 
SER CA  CB   sing N N 268 
SER CA  HA   sing N N 269 
SER C   O    doub N N 270 
SER C   OXT  sing N N 271 
SER CB  OG   sing N N 272 
SER CB  HB2  sing N N 273 
SER CB  HB3  sing N N 274 
SER OG  HG   sing N N 275 
SER OXT HXT  sing N N 276 
SO4 S   O1   doub N N 277 
SO4 S   O2   doub N N 278 
SO4 S   O3   sing N N 279 
SO4 S   O4   sing N N 280 
THR N   CA   sing N N 281 
THR N   H    sing N N 282 
THR N   H2   sing N N 283 
THR CA  C    sing N N 284 
THR CA  CB   sing N N 285 
THR CA  HA   sing N N 286 
THR C   O    doub N N 287 
THR C   OXT  sing N N 288 
THR CB  OG1  sing N N 289 
THR CB  CG2  sing N N 290 
THR CB  HB   sing N N 291 
THR OG1 HG1  sing N N 292 
THR CG2 HG21 sing N N 293 
THR CG2 HG22 sing N N 294 
THR CG2 HG23 sing N N 295 
THR OXT HXT  sing N N 296 
TRP N   CA   sing N N 297 
TRP N   H    sing N N 298 
TRP N   H2   sing N N 299 
TRP CA  C    sing N N 300 
TRP CA  CB   sing N N 301 
TRP CA  HA   sing N N 302 
TRP C   O    doub N N 303 
TRP C   OXT  sing N N 304 
TRP CB  CG   sing N N 305 
TRP CB  HB2  sing N N 306 
TRP CB  HB3  sing N N 307 
TRP CG  CD1  doub Y N 308 
TRP CG  CD2  sing Y N 309 
TRP CD1 NE1  sing Y N 310 
TRP CD1 HD1  sing N N 311 
TRP CD2 CE2  doub Y N 312 
TRP CD2 CE3  sing Y N 313 
TRP NE1 CE2  sing Y N 314 
TRP NE1 HE1  sing N N 315 
TRP CE2 CZ2  sing Y N 316 
TRP CE3 CZ3  doub Y N 317 
TRP CE3 HE3  sing N N 318 
TRP CZ2 CH2  doub Y N 319 
TRP CZ2 HZ2  sing N N 320 
TRP CZ3 CH2  sing Y N 321 
TRP CZ3 HZ3  sing N N 322 
TRP CH2 HH2  sing N N 323 
TRP OXT HXT  sing N N 324 
TYR N   CA   sing N N 325 
TYR N   H    sing N N 326 
TYR N   H2   sing N N 327 
TYR CA  C    sing N N 328 
TYR CA  CB   sing N N 329 
TYR CA  HA   sing N N 330 
TYR C   O    doub N N 331 
TYR C   OXT  sing N N 332 
TYR CB  CG   sing N N 333 
TYR CB  HB2  sing N N 334 
TYR CB  HB3  sing N N 335 
TYR CG  CD1  doub Y N 336 
TYR CG  CD2  sing Y N 337 
TYR CD1 CE1  sing Y N 338 
TYR CD1 HD1  sing N N 339 
TYR CD2 CE2  doub Y N 340 
TYR CD2 HD2  sing N N 341 
TYR CE1 CZ   doub Y N 342 
TYR CE1 HE1  sing N N 343 
TYR CE2 CZ   sing Y N 344 
TYR CE2 HE2  sing N N 345 
TYR CZ  OH   sing N N 346 
TYR OH  HH   sing N N 347 
TYR OXT HXT  sing N N 348 
VAL N   CA   sing N N 349 
VAL N   H    sing N N 350 
VAL N   H2   sing N N 351 
VAL CA  C    sing N N 352 
VAL CA  CB   sing N N 353 
VAL CA  HA   sing N N 354 
VAL C   O    doub N N 355 
VAL C   OXT  sing N N 356 
VAL CB  CG1  sing N N 357 
VAL CB  CG2  sing N N 358 
VAL CB  HB   sing N N 359 
VAL CG1 HG11 sing N N 360 
VAL CG1 HG12 sing N N 361 
VAL CG1 HG13 sing N N 362 
VAL CG2 HG21 sing N N 363 
VAL CG2 HG22 sing N N 364 
VAL CG2 HG23 sing N N 365 
VAL OXT HXT  sing N N 366 
# 
_pdbx_initial_refinement_model.id               1 
_pdbx_initial_refinement_model.entity_id_list   ? 
_pdbx_initial_refinement_model.type             'experimental model' 
_pdbx_initial_refinement_model.source_name      PDB 
_pdbx_initial_refinement_model.accession_code   1BBZ 
_pdbx_initial_refinement_model.details          'PDB ENTRY 1BBZ' 
# 
_atom_sites.entry_id                    2O88 
_atom_sites.fract_transf_matrix[1][1]   -0.01178993 
_atom_sites.fract_transf_matrix[1][2]   -0.01708618 
_atom_sites.fract_transf_matrix[1][3]   -0.00019425 
_atom_sites.fract_transf_matrix[2][1]   0.01298621 
_atom_sites.fract_transf_matrix[2][2]   -0.00909872 
_atom_sites.fract_transf_matrix[2][3]   0.01212819 
_atom_sites.fract_transf_matrix[3][1]   -0.00893644 
_atom_sites.fract_transf_matrix[3][2]   0.00600638 
_atom_sites.fract_transf_matrix[3][3]   0.01407471 
_atom_sites.fract_transf_vector[1]      -0.365316 
_atom_sites.fract_transf_vector[2]      -0.117710 
_atom_sites.fract_transf_vector[3]      0.148854 
# 
loop_
_atom_type.symbol 
C 
N 
O 
S 
# 
loop_
_atom_site.group_PDB 
_atom_site.id 
_atom_site.type_symbol 
_atom_site.label_atom_id 
_atom_site.label_alt_id 
_atom_site.label_comp_id 
_atom_site.label_asym_id 
_atom_site.label_entity_id 
_atom_site.label_seq_id 
_atom_site.pdbx_PDB_ins_code 
_atom_site.Cartn_x 
_atom_site.Cartn_y 
_atom_site.Cartn_z 
_atom_site.occupancy 
_atom_site.B_iso_or_equiv 
_atom_site.pdbx_formal_charge 
_atom_site.auth_seq_id 
_atom_site.auth_comp_id 
_atom_site.auth_asym_id 
_atom_site.auth_atom_id 
_atom_site.pdbx_PDB_model_num 
ATOM   1    N N   . ASN A 1 1  ? -2.334  -11.223 9.749   1.00 31.36 ? 64  ASN A N   1 
ATOM   2    C CA  . ASN A 1 1  ? -2.780  -10.145 8.821   1.00 30.88 ? 64  ASN A CA  1 
ATOM   3    C C   . ASN A 1 1  ? -3.339  -10.641 7.486   1.00 28.98 ? 64  ASN A C   1 
ATOM   4    O O   . ASN A 1 1  ? -3.292  -9.892  6.507   1.00 29.21 ? 64  ASN A O   1 
ATOM   5    C CB  . ASN A 1 1  ? -1.658  -9.128  8.579   1.00 32.17 ? 64  ASN A CB  1 
ATOM   6    C CG  . ASN A 1 1  ? -1.546  -8.094  9.691   1.00 34.86 ? 64  ASN A CG  1 
ATOM   7    O OD1 . ASN A 1 1  ? -2.421  -7.238  9.848   1.00 38.51 ? 64  ASN A OD1 1 
ATOM   8    N ND2 . ASN A 1 1  ? -0.454  -8.154  10.450  1.00 37.51 ? 64  ASN A ND2 1 
ATOM   9    N N   . LEU A 1 2  ? -3.847  -11.872 7.447   1.00 26.27 ? 65  LEU A N   1 
ATOM   10   C CA  . LEU A 1 2  ? -4.638  -12.364 6.306   1.00 24.33 ? 65  LEU A CA  1 
ATOM   11   C C   . LEU A 1 2  ? -6.158  -12.280 6.507   1.00 21.78 ? 65  LEU A C   1 
ATOM   12   O O   . LEU A 1 2  ? -6.688  -12.794 7.497   1.00 19.68 ? 65  LEU A O   1 
ATOM   13   C CB  . LEU A 1 2  ? -4.226  -13.804 5.996   1.00 25.54 ? 65  LEU A CB  1 
ATOM   14   C CG  . LEU A 1 2  ? -4.576  -14.300 4.593   1.00 28.43 ? 65  LEU A CG  1 
ATOM   15   C CD1 . LEU A 1 2  ? -3.710  -13.622 3.533   1.00 30.71 ? 65  LEU A CD1 1 
ATOM   16   C CD2 . LEU A 1 2  ? -4.360  -15.808 4.561   1.00 30.27 ? 65  LEU A CD2 1 
ATOM   17   N N   . PHE A 1 3  ? -6.838  -11.615 5.576   1.00 19.40 ? 66  PHE A N   1 
ATOM   18   C CA  . PHE A 1 3  ? -8.243  -11.223 5.675   1.00 20.18 ? 66  PHE A CA  1 
ATOM   19   C C   . PHE A 1 3  ? -9.059  -11.661 4.451   1.00 20.62 ? 66  PHE A C   1 
ATOM   20   O O   . PHE A 1 3  ? -8.503  -12.028 3.410   1.00 21.59 ? 66  PHE A O   1 
ATOM   21   C CB  . PHE A 1 3  ? -8.320  -9.690  5.786   1.00 20.78 ? 66  PHE A CB  1 
ATOM   22   C CG  . PHE A 1 3  ? -7.974  -9.129  7.143   1.00 19.96 ? 66  PHE A CG  1 
ATOM   23   C CD1 . PHE A 1 3  ? -6.671  -9.132  7.630   1.00 19.67 ? 66  PHE A CD1 1 
ATOM   24   C CD2 . PHE A 1 3  ? -8.953  -8.547  7.935   1.00 22.96 ? 66  PHE A CD2 1 
ATOM   25   C CE1 . PHE A 1 3  ? -6.348  -8.614  8.886   1.00 21.41 ? 66  PHE A CE1 1 
ATOM   26   C CE2 . PHE A 1 3  ? -8.645  -7.999  9.168   1.00 23.84 ? 66  PHE A CE2 1 
ATOM   27   C CZ  . PHE A 1 3  ? -7.348  -8.044  9.662   1.00 21.61 ? 66  PHE A CZ  1 
ATOM   28   N N   . VAL A 1 4  ? -10.388 -11.623 4.544   1.00 19.99 ? 67  VAL A N   1 
ATOM   29   C CA  . VAL A 1 4  ? -11.260 -11.967 3.413   1.00 21.32 ? 67  VAL A CA  1 
ATOM   30   C C   . VAL A 1 4  ? -12.272 -10.831 3.236   1.00 21.83 ? 67  VAL A C   1 
ATOM   31   O O   . VAL A 1 4  ? -12.682 -10.205 4.222   1.00 22.77 ? 67  VAL A O   1 
ATOM   32   C CB  . VAL A 1 4  ? -11.947 -13.348 3.586   1.00 20.17 ? 67  VAL A CB  1 
ATOM   33   C CG1 . VAL A 1 4  ? -12.767 -13.392 4.891   1.00 23.35 ? 67  VAL A CG1 1 
ATOM   34   C CG2 . VAL A 1 4  ? -12.756 -13.725 2.350   1.00 22.89 ? 67  VAL A CG2 1 
ATOM   35   N N   . ALA A 1 5  ? -12.568 -10.496 1.984   1.00 21.53 ? 68  ALA A N   1 
ATOM   36   C CA  . ALA A 1 5  ? -13.612 -9.505  1.694   1.00 21.77 ? 68  ALA A CA  1 
ATOM   37   C C   . ALA A 1 5  ? -15.019 -10.050 1.902   1.00 21.34 ? 68  ALA A C   1 
ATOM   38   O O   . ALA A 1 5  ? -15.362 -11.120 1.387   1.00 22.54 ? 68  ALA A O   1 
ATOM   39   C CB  . ALA A 1 5  ? -13.463 -9.067  0.230   1.00 21.27 ? 68  ALA A CB  1 
ATOM   40   N N   . LEU A 1 6  ? -15.834 -9.301  2.643   1.00 21.85 ? 69  LEU A N   1 
ATOM   41   C CA  . LEU A 1 6  ? -17.242 -9.625  2.887   1.00 20.62 ? 69  LEU A CA  1 
ATOM   42   C C   . LEU A 1 6  ? -18.224 -9.158  1.814   1.00 20.42 ? 69  LEU A C   1 
ATOM   43   O O   . LEU A 1 6  ? -19.302 -9.748  1.673   1.00 20.49 ? 69  LEU A O   1 
ATOM   44   C CB  . LEU A 1 6  ? -17.686 -9.010  4.217   1.00 21.11 ? 69  LEU A CB  1 
ATOM   45   C CG  . LEU A 1 6  ? -17.089 -9.640  5.478   1.00 22.46 ? 69  LEU A CG  1 
ATOM   46   C CD1 . LEU A 1 6  ? -17.695 -8.960  6.692   1.00 24.70 ? 69  LEU A CD1 1 
ATOM   47   C CD2 . LEU A 1 6  ? -17.387 -11.128 5.584   1.00 21.98 ? 69  LEU A CD2 1 
ATOM   48   N N   . TYR A 1 7  ? -17.874 -8.068  1.133   1.00 20.68 ? 70  TYR A N   1 
ATOM   49   C CA  . TYR A 1 7  ? -18.716 -7.426  0.123   1.00 21.61 ? 70  TYR A CA  1 
ATOM   50   C C   . TYR A 1 7  ? -17.840 -6.920  -1.015  1.00 23.69 ? 70  TYR A C   1 
ATOM   51   O O   . TYR A 1 7  ? -16.639 -6.677  -0.852  1.00 24.31 ? 70  TYR A O   1 
ATOM   52   C CB  . TYR A 1 7  ? -19.411 -6.181  0.695   1.00 23.23 ? 70  TYR A CB  1 
ATOM   53   C CG  . TYR A 1 7  ? -19.979 -6.374  2.078   1.00 22.87 ? 70  TYR A CG  1 
ATOM   54   C CD1 . TYR A 1 7  ? -19.365 -5.803  3.189   1.00 24.55 ? 70  TYR A CD1 1 
ATOM   55   C CD2 . TYR A 1 7  ? -21.157 -7.091  2.273   1.00 22.93 ? 70  TYR A CD2 1 
ATOM   56   C CE1 . TYR A 1 7  ? -19.869 -6.000  4.456   1.00 21.39 ? 70  TYR A CE1 1 
ATOM   57   C CE2 . TYR A 1 7  ? -21.679 -7.283  3.547   1.00 22.97 ? 70  TYR A CE2 1 
ATOM   58   C CZ  . TYR A 1 7  ? -21.029 -6.729  4.635   1.00 24.07 ? 70  TYR A CZ  1 
ATOM   59   O OH  . TYR A 1 7  ? -21.542 -6.900  5.899   1.00 24.64 ? 70  TYR A OH  1 
ATOM   60   N N   . ASP A 1 8  ? -18.480 -6.675  -2.155  1.00 21.53 ? 71  ASP A N   1 
ATOM   61   C CA  . ASP A 1 8  ? -17.828 -6.071  -3.311  1.00 22.32 ? 71  ASP A CA  1 
ATOM   62   C C   . ASP A 1 8  ? -17.625 -4.564  -3.079  1.00 23.07 ? 71  ASP A C   1 
ATOM   63   O O   . ASP A 1 8  ? -18.503 -3.874  -2.554  1.00 22.82 ? 71  ASP A O   1 
ATOM   64   C CB  . ASP A 1 8  ? -18.747 -6.222  -4.532  1.00 20.98 ? 71  ASP A CB  1 
ATOM   65   C CG  . ASP A 1 8  ? -18.708 -7.602  -5.201  1.00 26.17 ? 71  ASP A CG  1 
ATOM   66   O OD1 . ASP A 1 8  ? -18.023 -8.555  -4.784  1.00 23.63 ? 71  ASP A OD1 1 
ATOM   67   O OD2 . ASP A 1 8  ? -19.371 -7.762  -6.251  1.00 28.31 ? 71  ASP A OD2 1 
ATOM   68   N N   . PHE A 1 9  ? -16.491 -4.033  -3.526  1.00 22.96 ? 72  PHE A N   1 
ATOM   69   C CA  . PHE A 1 9  ? -16.200 -2.601  -3.477  1.00 22.40 ? 72  PHE A CA  1 
ATOM   70   C C   . PHE A 1 9  ? -15.484 -2.225  -4.772  1.00 21.71 ? 72  PHE A C   1 
ATOM   71   O O   . PHE A 1 9  ? -14.497 -2.855  -5.140  1.00 21.54 ? 72  PHE A O   1 
ATOM   72   C CB  . PHE A 1 9  ? -15.368 -2.233  -2.227  1.00 22.55 ? 72  PHE A CB  1 
ATOM   73   C CG  . PHE A 1 9  ? -14.771 -0.850  -2.253  1.00 22.98 ? 72  PHE A CG  1 
ATOM   74   C CD1 . PHE A 1 9  ? -15.545 0.269   -1.955  1.00 23.74 ? 72  PHE A CD1 1 
ATOM   75   C CD2 . PHE A 1 9  ? -13.418 -0.660  -2.525  1.00 23.32 ? 72  PHE A CD2 1 
ATOM   76   C CE1 . PHE A 1 9  ? -15.009 1.559   -1.958  1.00 24.15 ? 72  PHE A CE1 1 
ATOM   77   C CE2 . PHE A 1 9  ? -12.872 0.625   -2.540  1.00 23.19 ? 72  PHE A CE2 1 
ATOM   78   C CZ  . PHE A 1 9  ? -13.664 1.736   -2.270  1.00 25.02 ? 72  PHE A CZ  1 
ATOM   79   N N   . VAL A 1 10 ? -15.956 -1.178  -5.444  1.00 21.66 ? 73  VAL A N   1 
ATOM   80   C CA  . VAL A 1 10 ? -15.365 -0.767  -6.708  1.00 21.52 ? 73  VAL A CA  1 
ATOM   81   C C   . VAL A 1 10 ? -14.528 0.489   -6.452  1.00 21.77 ? 73  VAL A C   1 
ATOM   82   O O   . VAL A 1 10 ? -15.066 1.452   -5.889  1.00 22.58 ? 73  VAL A O   1 
ATOM   83   C CB  . VAL A 1 10 ? -16.413 -0.507  -7.821  1.00 22.59 ? 73  VAL A CB  1 
ATOM   84   C CG1 . VAL A 1 10 ? -15.718 -0.334  -9.173  1.00 23.87 ? 73  VAL A CG1 1 
ATOM   85   C CG2 . VAL A 1 10 ? -17.465 -1.612  -7.889  1.00 22.72 ? 73  VAL A CG2 1 
ATOM   86   N N   . ALA A 1 11 ? -13.268 0.503   -6.887  1.00 21.33 ? 74  ALA A N   1 
ATOM   87   C CA  . ALA A 1 11 ? -12.372 1.642   -6.646  1.00 21.59 ? 74  ALA A CA  1 
ATOM   88   C C   . ALA A 1 11 ? -12.905 2.935   -7.263  1.00 22.64 ? 74  ALA A C   1 
ATOM   89   O O   . ALA A 1 11 ? -13.534 2.913   -8.324  1.00 21.12 ? 74  ALA A O   1 
ATOM   90   C CB  . ALA A 1 11 ? -10.969 1.367   -7.160  1.00 22.50 ? 74  ALA A CB  1 
ATOM   91   N N   . SER A 1 12 ? -12.578 4.056   -6.626  1.00 22.54 ? 75  SER A N   1 
ATOM   92   C CA  . SER A 1 12 ? -13.095 5.377   -6.978  1.00 25.14 ? 75  SER A CA  1 
ATOM   93   C C   . SER A 1 12 ? -11.985 6.419   -7.124  1.00 24.64 ? 75  SER A C   1 
ATOM   94   O O   . SER A 1 12 ? -12.246 7.606   -6.934  1.00 25.71 ? 75  SER A O   1 
ATOM   95   C CB  . SER A 1 12 ? -14.015 5.854   -5.844  1.00 25.75 ? 75  SER A CB  1 
ATOM   96   O OG  . SER A 1 12 ? -13.260 5.859   -4.631  1.00 29.41 ? 75  SER A OG  1 
ATOM   97   N N   . GLY A 1 13 ? -10.757 6.005   -7.427  1.00 23.90 ? 76  GLY A N   1 
ATOM   98   C CA  . GLY A 1 13 ? -9.670  6.972   -7.544  1.00 23.60 ? 76  GLY A CA  1 
ATOM   99   C C   . GLY A 1 13 ? -9.034  7.128   -6.176  1.00 23.59 ? 76  GLY A C   1 
ATOM   100  O O   . GLY A 1 13 ? -9.385  6.391   -5.256  1.00 22.62 ? 76  GLY A O   1 
ATOM   101  N N   . ASP A 1 14 ? -8.156  8.114   -6.025  1.00 22.34 ? 77  ASP A N   1 
ATOM   102  C CA  . ASP A 1 14 ? -7.495  8.355   -4.742  1.00 22.02 ? 77  ASP A CA  1 
ATOM   103  C C   . ASP A 1 14 ? -6.818  7.116   -4.151  1.00 21.43 ? 77  ASP A C   1 
ATOM   104  O O   . ASP A 1 14 ? -6.847  6.934   -2.932  1.00 20.16 ? 77  ASP A O   1 
ATOM   105  C CB  . ASP A 1 14 ? -8.472  8.991   -3.749  1.00 21.62 ? 77  ASP A CB  1 
ATOM   106  C CG  . ASP A 1 14 ? -9.125  10.233  -4.325  1.00 24.27 ? 77  ASP A CG  1 
ATOM   107  O OD1 . ASP A 1 14 ? -8.377  11.120  -4.795  1.00 27.88 ? 77  ASP A OD1 1 
ATOM   108  O OD2 . ASP A 1 14 ? -10.370 10.288  -4.369  1.00 27.39 ? 77  ASP A OD2 1 
ATOM   109  N N   . ASN A 1 15 ? -6.171  6.315   -5.000  1.00 20.65 ? 78  ASN A N   1 
ATOM   110  C CA  . ASN A 1 15 ? -5.425  5.136   -4.539  1.00 20.56 ? 78  ASN A CA  1 
ATOM   111  C C   . ASN A 1 15 ? -6.296  4.071   -3.854  1.00 21.20 ? 78  ASN A C   1 
ATOM   112  O O   . ASN A 1 15 ? -5.792  3.277   -3.069  1.00 19.76 ? 78  ASN A O   1 
ATOM   113  C CB  . ASN A 1 15 ? -4.248  5.561   -3.647  1.00 21.22 ? 78  ASN A CB  1 
ATOM   114  C CG  . ASN A 1 15 ? -3.293  6.546   -4.327  1.00 23.75 ? 78  ASN A CG  1 
ATOM   115  O OD1 . ASN A 1 15 ? -3.018  7.637   -3.823  1.00 27.49 ? 78  ASN A OD1 1 
ATOM   116  N ND2 . ASN A 1 15 ? -2.767  6.152   -5.475  1.00 20.67 ? 78  ASN A ND2 1 
ATOM   117  N N   . THR A 1 16 ? -7.594  4.009   -4.148  1.00 20.65 ? 79  THR A N   1 
ATOM   118  C CA  . THR A 1 16 ? -8.467  2.952   -3.637  1.00 22.00 ? 79  THR A CA  1 
ATOM   119  C C   . THR A 1 16 ? -8.314  1.710   -4.531  1.00 21.81 ? 79  THR A C   1 
ATOM   120  O O   . THR A 1 16 ? -7.868  1.806   -5.679  1.00 23.85 ? 79  THR A O   1 
ATOM   121  C CB  . THR A 1 16 ? -9.959  3.391   -3.558  1.00 20.62 ? 79  THR A CB  1 
ATOM   122  O OG1 . THR A 1 16 ? -10.351 3.938   -4.828  1.00 20.88 ? 79  THR A OG1 1 
ATOM   123  C CG2 . THR A 1 16 ? -10.173 4.468   -2.477  1.00 19.16 ? 79  THR A CG2 1 
ATOM   124  N N   . LEU A 1 17 ? -8.659  0.548   -3.980  1.00 22.17 ? 80  LEU A N   1 
ATOM   125  C CA  . LEU A 1 17 ? -8.478  -0.753  -4.649  1.00 22.65 ? 80  LEU A CA  1 
ATOM   126  C C   . LEU A 1 17 ? -9.824  -1.486  -4.717  1.00 22.65 ? 80  LEU A C   1 
ATOM   127  O O   . LEU A 1 17 ? -10.516 -1.549  -3.697  1.00 23.53 ? 80  LEU A O   1 
ATOM   128  C CB  . LEU A 1 17 ? -7.491  -1.628  -3.850  1.00 23.19 ? 80  LEU A CB  1 
ATOM   129  C CG  . LEU A 1 17 ? -7.264  -3.082  -4.282  1.00 23.10 ? 80  LEU A CG  1 
ATOM   130  C CD1 . LEU A 1 17 ? -6.600  -3.124  -5.644  1.00 22.81 ? 80  LEU A CD1 1 
ATOM   131  C CD2 . LEU A 1 17 ? -6.431  -3.849  -3.265  1.00 22.59 ? 80  LEU A CD2 1 
ATOM   132  N N   . SER A 1 18 ? -10.175 -2.009  -5.894  1.00 22.97 ? 81  SER A N   1 
ATOM   133  C CA  . SER A 1 18 ? -11.390 -2.813  -6.016  1.00 21.78 ? 81  SER A CA  1 
ATOM   134  C C   . SER A 1 18 ? -11.177 -4.183  -5.372  1.00 22.93 ? 81  SER A C   1 
ATOM   135  O O   . SER A 1 18 ? -10.148 -4.831  -5.595  1.00 24.78 ? 81  SER A O   1 
ATOM   136  C CB  . SER A 1 18 ? -11.826 -3.028  -7.465  1.00 20.73 ? 81  SER A CB  1 
ATOM   137  O OG  . SER A 1 18 ? -12.220 -1.850  -8.144  1.00 20.43 ? 81  SER A OG  1 
ATOM   138  N N   . ILE A 1 19 ? -12.176 -4.640  -4.629  1.00 21.92 ? 82  ILE A N   1 
ATOM   139  C CA  . ILE A 1 19 ? -12.158 -5.977  -4.048  1.00 22.29 ? 82  ILE A CA  1 
ATOM   140  C C   . ILE A 1 19 ? -13.472 -6.716  -4.304  1.00 22.00 ? 82  ILE A C   1 
ATOM   141  O O   . ILE A 1 19 ? -14.527 -6.093  -4.363  1.00 22.85 ? 82  ILE A O   1 
ATOM   142  C CB  . ILE A 1 19 ? -11.860 -5.979  -2.532  1.00 21.98 ? 82  ILE A CB  1 
ATOM   143  C CG1 . ILE A 1 19 ? -12.791 -5.049  -1.737  1.00 23.43 ? 82  ILE A CG1 1 
ATOM   144  C CG2 . ILE A 1 19 ? -10.375 -5.616  -2.312  1.00 24.89 ? 82  ILE A CG2 1 
ATOM   145  C CD1 . ILE A 1 19 ? -12.638 -5.114  -0.190  1.00 22.52 ? 82  ILE A CD1 1 
ATOM   146  N N   . THR A 1 20 ? -13.376 -8.040  -4.424  1.00 21.76 ? 83  THR A N   1 
ATOM   147  C CA  . THR A 1 20 ? -14.503 -8.911  -4.757  1.00 20.88 ? 83  THR A CA  1 
ATOM   148  C C   . THR A 1 20 ? -14.827 -9.793  -3.555  1.00 21.32 ? 83  THR A C   1 
ATOM   149  O O   . THR A 1 20 ? -13.898 -10.305 -2.932  1.00 20.90 ? 83  THR A O   1 
ATOM   150  C CB  . THR A 1 20 ? -14.102 -9.845  -5.906  1.00 20.11 ? 83  THR A CB  1 
ATOM   151  O OG1 . THR A 1 20 ? -13.725 -9.048  -7.033  1.00 22.58 ? 83  THR A OG1 1 
ATOM   152  C CG2 . THR A 1 20 ? -15.252 -10.773 -6.271  1.00 20.82 ? 83  THR A CG2 1 
ATOM   153  N N   . LYS A 1 21 ? -16.107 -9.971  -3.231  1.00 20.69 ? 84  LYS A N   1 
ATOM   154  C CA  . LYS A 1 21 ? -16.524 -10.830 -2.113  1.00 21.34 ? 84  LYS A CA  1 
ATOM   155  C C   . LYS A 1 21 ? -15.825 -12.193 -2.211  1.00 21.13 ? 84  LYS A C   1 
ATOM   156  O O   . LYS A 1 21 ? -15.831 -12.826 -3.276  1.00 22.32 ? 84  LYS A O   1 
ATOM   157  C CB  . LYS A 1 21 ? -18.059 -10.970 -2.140  1.00 20.32 ? 84  LYS A CB  1 
ATOM   158  C CG  . LYS A 1 21 ? -18.663 -12.005 -1.209  1.00 21.13 ? 84  LYS A CG  1 
ATOM   159  C CD  . LYS A 1 21 ? -20.172 -12.064 -1.438  1.00 23.44 ? 84  LYS A CD  1 
ATOM   160  C CE  . LYS A 1 21 ? -20.872 -12.441 -0.152  1.00 30.85 ? 84  LYS A CE  1 
ATOM   161  N NZ  . LYS A 1 21 ? -20.345 -13.734 0.361   1.00 34.31 ? 84  LYS A NZ  1 
ATOM   162  N N   . GLY A 1 22 ? -15.213 -12.618 -1.112  1.00 21.26 ? 85  GLY A N   1 
ATOM   163  C CA  . GLY A 1 22 ? -14.506 -13.899 -1.039  1.00 22.24 ? 85  GLY A CA  1 
ATOM   164  C C   . GLY A 1 22 ? -13.015 -13.877 -1.324  1.00 21.70 ? 85  GLY A C   1 
ATOM   165  O O   . GLY A 1 22 ? -12.342 -14.871 -1.055  1.00 20.58 ? 85  GLY A O   1 
ATOM   166  N N   . GLU A 1 23 ? -12.533 -12.773 -1.897  1.00 20.87 ? 86  GLU A N   1 
ATOM   167  C CA  . GLU A 1 23 ? -11.108 -12.536 -2.140  1.00 21.66 ? 86  GLU A CA  1 
ATOM   168  C C   . GLU A 1 23 ? -10.278 -12.410 -0.863  1.00 22.00 ? 86  GLU A C   1 
ATOM   169  O O   . GLU A 1 23 ? -10.699 -11.724 0.067   1.00 22.06 ? 86  GLU A O   1 
ATOM   170  C CB  . GLU A 1 23 ? -10.973 -11.247 -2.956  1.00 22.36 ? 86  GLU A CB  1 
ATOM   171  C CG  . GLU A 1 23 ? -9.610  -11.001 -3.542  1.00 24.15 ? 86  GLU A CG  1 
ATOM   172  C CD  . GLU A 1 23 ? -9.544  -9.784  -4.450  1.00 25.41 ? 86  GLU A CD  1 
ATOM   173  O OE1 . GLU A 1 23 ? -10.461 -8.938  -4.511  1.00 24.18 ? 86  GLU A OE1 1 
ATOM   174  O OE2 . GLU A 1 23 ? -8.525  -9.705  -5.167  1.00 29.59 ? 86  GLU A OE2 1 
ATOM   175  N N   . LYS A 1 24 ? -9.102  -13.038 -0.830  1.00 19.30 ? 87  LYS A N   1 
ATOM   176  C CA  . LYS A 1 24 ? -8.178  -12.873 0.290   1.00 20.03 ? 87  LYS A CA  1 
ATOM   177  C C   . LYS A 1 24 ? -7.268  -11.662 0.072   1.00 20.51 ? 87  LYS A C   1 
ATOM   178  O O   . LYS A 1 24 ? -6.919  -11.321 -1.065  1.00 20.73 ? 87  LYS A O   1 
ATOM   179  C CB  . LYS A 1 24 ? -7.325  -14.129 0.492   1.00 20.78 ? 87  LYS A CB  1 
ATOM   180  C CG  . LYS A 1 24 ? -8.062  -15.314 1.100   1.00 23.42 ? 87  LYS A CG  1 
ATOM   181  C CD  . LYS A 1 24 ? -7.376  -16.590 0.644   1.00 29.47 ? 87  LYS A CD  1 
ATOM   182  C CE  . LYS A 1 24 ? -8.216  -17.836 0.909   1.00 33.68 ? 87  LYS A CE  1 
ATOM   183  N NZ  . LYS A 1 24 ? -8.186  -18.282 2.334   1.00 35.27 ? 87  LYS A NZ  1 
ATOM   184  N N   . LEU A 1 25 ? -6.881  -11.028 1.161   1.00 20.29 ? 88  LEU A N   1 
ATOM   185  C CA  . LEU A 1 25 ? -6.083  -9.805  1.093   1.00 21.45 ? 88  LEU A CA  1 
ATOM   186  C C   . LEU A 1 25 ? -5.151  -9.691  2.295   1.00 21.46 ? 88  LEU A C   1 
ATOM   187  O O   . LEU A 1 25 ? -5.531  -10.035 3.417   1.00 21.24 ? 88  LEU A O   1 
ATOM   188  C CB  . LEU A 1 25 ? -6.992  -8.568  1.053   1.00 21.79 ? 88  LEU A CB  1 
ATOM   189  C CG  . LEU A 1 25 ? -8.517  -8.749  1.006   1.00 27.14 ? 88  LEU A CG  1 
ATOM   190  C CD1 . LEU A 1 25 ? -9.191  -7.665  1.821   1.00 28.95 ? 88  LEU A CD1 1 
ATOM   191  C CD2 . LEU A 1 25 ? -9.063  -8.772  -0.417  1.00 32.64 ? 88  LEU A CD2 1 
ATOM   192  N N   . ARG A 1 26 ? -3.933  -9.213  2.055   1.00 21.87 ? 89  ARG A N   1 
ATOM   193  C CA  . ARG A 1 26 ? -3.022  -8.874  3.135   1.00 22.41 ? 89  ARG A CA  1 
ATOM   194  C C   . ARG A 1 26 ? -3.185  -7.407  3.513   1.00 22.55 ? 89  ARG A C   1 
ATOM   195  O O   . ARG A 1 26 ? -3.252  -6.550  2.627   1.00 23.23 ? 89  ARG A O   1 
ATOM   196  C CB  . ARG A 1 26 ? -1.562  -9.125  2.756   1.00 22.32 ? 89  ARG A CB  1 
ATOM   197  C CG  . ARG A 1 26 ? -0.642  -8.433  3.743   0.65 23.71 ? 89  ARG A CG  1 
ATOM   198  C CD  . ARG A 1 26 ? 0.821   -8.513  3.354   0.65 26.95 ? 89  ARG A CD  1 
ATOM   199  N NE  . ARG A 1 26 ? 1.281   -9.896  3.308   0.65 29.44 ? 89  ARG A NE  1 
ATOM   200  C CZ  . ARG A 1 26 ? 2.559   -10.251 3.321   0.65 29.11 ? 89  ARG A CZ  1 
ATOM   201  N NH1 . ARG A 1 26 ? 3.507   -9.323  3.385   0.65 29.44 ? 89  ARG A NH1 1 
ATOM   202  N NH2 . ARG A 1 26 ? 2.879   -11.536 3.271   0.65 30.06 ? 89  ARG A NH2 1 
ATOM   203  N N   . VAL A 1 27 ? -3.211  -7.141  4.817   1.00 22.02 ? 90  VAL A N   1 
ATOM   204  C CA  . VAL A 1 27 ? -3.401  -5.798  5.365   1.00 22.62 ? 90  VAL A CA  1 
ATOM   205  C C   . VAL A 1 27 ? -2.076  -5.219  5.840   1.00 22.48 ? 90  VAL A C   1 
ATOM   206  O O   . VAL A 1 27 ? -1.385  -5.839  6.654   1.00 22.07 ? 90  VAL A O   1 
ATOM   207  C CB  . VAL A 1 27 ? -4.462  -5.757  6.492   1.00 23.39 ? 90  VAL A CB  1 
ATOM   208  C CG1 . VAL A 1 27 ? -4.501  -4.399  7.187   1.00 25.07 ? 90  VAL A CG1 1 
ATOM   209  C CG2 . VAL A 1 27 ? -5.844  -5.984  5.889   1.00 25.10 ? 90  VAL A CG2 1 
ATOM   210  N N   . LEU A 1 28 ? -1.710  -4.061  5.297   1.00 21.81 ? 91  LEU A N   1 
ATOM   211  C CA  . LEU A 1 28 ? -0.465  -3.404  5.696   1.00 22.42 ? 91  LEU A CA  1 
ATOM   212  C C   . LEU A 1 28 ? -0.621  -2.359  6.800   1.00 22.58 ? 91  LEU A C   1 
ATOM   213  O O   . LEU A 1 28 ? 0.359   -2.052  7.467   1.00 22.95 ? 91  LEU A O   1 
ATOM   214  C CB  . LEU A 1 28 ? 0.270   -2.788  4.499   1.00 21.63 ? 91  LEU A CB  1 
ATOM   215  C CG  . LEU A 1 28 ? 0.252   -3.384  3.085   1.00 22.92 ? 91  LEU A CG  1 
ATOM   216  C CD1 . LEU A 1 28 ? 1.206   -2.632  2.171   1.00 24.03 ? 91  LEU A CD1 1 
ATOM   217  C CD2 . LEU A 1 28 ? 0.570   -4.877  3.001   1.00 25.79 ? 91  LEU A CD2 1 
ATOM   218  N N   . GLY A 1 29 ? -1.801  -1.773  6.985   1.00 23.07 ? 92  GLY A N   1 
ATOM   219  C CA  . GLY A 1 29 ? -2.021  -0.769  8.029   1.00 22.37 ? 92  GLY A CA  1 
ATOM   220  C C   . GLY A 1 29 ? -3.361  -0.061  7.891   1.00 23.48 ? 92  GLY A C   1 
ATOM   221  O O   . GLY A 1 29 ? -4.129  -0.392  6.981   1.00 21.91 ? 92  GLY A O   1 
ATOM   222  N N   . TYR A 1 30 ? -3.613  0.923   8.760   1.00 22.50 ? 93  TYR A N   1 
ATOM   223  C CA  . TYR A 1 30 ? -4.874  1.670   8.819   1.00 23.69 ? 93  TYR A CA  1 
ATOM   224  C C   . TYR A 1 30 ? -4.597  3.173   8.781   1.00 22.66 ? 93  TYR A C   1 
ATOM   225  O O   . TYR A 1 30 ? -3.472  3.600   9.055   1.00 24.92 ? 93  TYR A O   1 
ATOM   226  C CB  . TYR A 1 30 ? -5.684  1.343   10.083  1.00 22.74 ? 93  TYR A CB  1 
ATOM   227  C CG  . TYR A 1 30 ? -6.077  -0.116  10.212  1.00 23.93 ? 93  TYR A CG  1 
ATOM   228  C CD1 . TYR A 1 30 ? -5.195  -1.061  10.739  1.00 23.87 ? 93  TYR A CD1 1 
ATOM   229  C CD2 . TYR A 1 30 ? -7.341  -0.547  9.835   1.00 20.99 ? 93  TYR A CD2 1 
ATOM   230  C CE1 . TYR A 1 30 ? -5.556  -2.402  10.835  1.00 22.47 ? 93  TYR A CE1 1 
ATOM   231  C CE2 . TYR A 1 30 ? -7.701  -1.878  9.933   1.00 22.27 ? 93  TYR A CE2 1 
ATOM   232  C CZ  . TYR A 1 30 ? -6.816  -2.802  10.453  1.00 21.40 ? 93  TYR A CZ  1 
ATOM   233  O OH  . TYR A 1 30 ? -7.199  -4.124  10.530  1.00 23.97 ? 93  TYR A OH  1 
ATOM   234  N N   . ASN A 1 31 ? -5.626  3.965   8.490   1.00 24.38 ? 94  ASN A N   1 
ATOM   235  C CA  . ASN A 1 31 ? -5.534  5.427   8.569   1.00 24.11 ? 94  ASN A CA  1 
ATOM   236  C C   . ASN A 1 31 ? -5.799  5.947   9.993   1.00 25.04 ? 94  ASN A C   1 
ATOM   237  O O   . ASN A 1 31 ? -5.903  5.152   10.957  1.00 24.48 ? 94  ASN A O   1 
ATOM   238  C CB  . ASN A 1 31 ? -6.405  6.071   7.467   1.00 24.35 ? 94  ASN A CB  1 
ATOM   239  C CG  . ASN A 1 31 ? -7.883  6.083   7.837   1.00 23.53 ? 94  ASN A CG  1 
ATOM   240  O OD1 . ASN A 1 31 ? -8.337  5.158   8.501   1.00 23.86 ? 94  ASN A OD1 1 
ATOM   241  N ND2 . ASN A 1 31 ? -8.613  7.136   7.482   1.00 24.73 ? 94  ASN A ND2 1 
ATOM   242  N N   . HIS A 1 32 ? -5.795  7.264   10.201  1.00 23.48 ? 95  HIS A N   1 
ATOM   243  C CA  . HIS A 1 32 ? -5.894  7.807   11.559  1.00 24.24 ? 95  HIS A CA  1 
ATOM   244  C C   . HIS A 1 32 ? -7.153  7.326   12.295  1.00 23.29 ? 95  HIS A C   1 
ATOM   245  O O   . HIS A 1 32 ? -7.078  6.902   13.467  1.00 23.81 ? 95  HIS A O   1 
ATOM   246  C CB  . HIS A 1 32 ? -5.773  9.340   11.589  1.00 23.94 ? 95  HIS A CB  1 
ATOM   247  C CG  . HIS A 1 32 ? -6.871  10.049  10.831  1.00 26.32 ? 95  HIS A CG  1 
ATOM   248  N ND1 . HIS A 1 32 ? -7.076  9.874   9.456   1.00 27.30 ? 95  HIS A ND1 1 
ATOM   249  C CD2 . HIS A 1 32 ? -7.816  10.955  11.265  1.00 26.80 ? 95  HIS A CD2 1 
ATOM   250  C CE1 . HIS A 1 32 ? -8.099  10.636  9.070   1.00 28.69 ? 95  HIS A CE1 1 
ATOM   251  N NE2 . HIS A 1 32 ? -8.567  11.300  10.149  1.00 28.05 ? 95  HIS A NE2 1 
ATOM   252  N N   . ASN A 1 33 ? -8.296  7.307   11.608  1.00 23.98 ? 96  ASN A N   1 
ATOM   253  C CA  . ASN A 1 33 ? -9.560  6.943   12.256  1.00 23.35 ? 96  ASN A CA  1 
ATOM   254  C C   . ASN A 1 33 ? -10.051 5.502   12.065  1.00 22.54 ? 96  ASN A C   1 
ATOM   255  O O   . ASN A 1 33 ? -11.189 5.159   12.455  1.00 23.50 ? 96  ASN A O   1 
ATOM   256  C CB  . ASN A 1 33 ? -10.659 7.931   11.851  1.00 23.68 ? 96  ASN A CB  1 
ATOM   257  C CG  . ASN A 1 33 ? -10.911 7.958   10.349  1.00 22.93 ? 96  ASN A CG  1 
ATOM   258  O OD1 . ASN A 1 33 ? -10.660 6.995   9.621   1.00 22.43 ? 96  ASN A OD1 1 
ATOM   259  N ND2 . ASN A 1 33 ? -11.431 9.084   9.873   1.00 25.29 ? 96  ASN A ND2 1 
ATOM   260  N N   . GLY A 1 34 ? -9.207  4.630   11.476  1.00 22.77 ? 97  GLY A N   1 
ATOM   261  C CA  . GLY A 1 34 ? -9.618  3.230   11.326  1.00 22.17 ? 97  GLY A CA  1 
ATOM   262  C C   . GLY A 1 34 ? -10.566 2.891   10.182  1.00 22.50 ? 97  GLY A C   1 
ATOM   263  O O   . GLY A 1 34 ? -10.800 1.710   9.932   1.00 24.10 ? 97  GLY A O   1 
ATOM   264  N N   . GLU A 1 35 ? -11.126 3.884   9.498   1.00 21.25 ? 98  GLU A N   1 
ATOM   265  C CA  . GLU A 1 35 ? -12.173 3.674   8.497   1.00 20.88 ? 98  GLU A CA  1 
ATOM   266  C C   . GLU A 1 35 ? -11.700 3.056   7.196   1.00 20.14 ? 98  GLU A C   1 
ATOM   267  O O   . GLU A 1 35 ? -12.499 2.446   6.479   1.00 20.43 ? 98  GLU A O   1 
ATOM   268  C CB  . GLU A 1 35 ? -12.943 4.963   8.180   1.00 20.28 ? 98  GLU A CB  1 
ATOM   269  C CG  . GLU A 1 35 ? -13.881 5.339   9.328   1.00 22.65 ? 98  GLU A CG  1 
ATOM   270  C CD  . GLU A 1 35 ? -14.676 6.613   9.103   1.00 23.38 ? 98  GLU A CD  1 
ATOM   271  O OE1 . GLU A 1 35 ? -14.468 7.298   8.074   1.00 29.66 ? 98  GLU A OE1 1 
ATOM   272  O OE2 . GLU A 1 35 ? -15.508 6.912   9.983   1.00 29.29 ? 98  GLU A OE2 1 
ATOM   273  N N   . TRP A 1 36 ? -10.432 3.316   6.885   1.00 19.55 ? 99  TRP A N   1 
ATOM   274  C CA  . TRP A 1 36 ? -9.778  2.893   5.647   1.00 20.72 ? 99  TRP A CA  1 
ATOM   275  C C   . TRP A 1 36 ? -8.556  2.065   6.023   1.00 21.49 ? 99  TRP A C   1 
ATOM   276  O O   . TRP A 1 36 ? -7.855  2.366   6.996   1.00 22.46 ? 99  TRP A O   1 
ATOM   277  C CB  . TRP A 1 36 ? -9.336  4.085   4.780   1.00 20.72 ? 99  TRP A CB  1 
ATOM   278  C CG  . TRP A 1 36 ? -10.440 4.917   4.150   1.00 20.24 ? 99  TRP A CG  1 
ATOM   279  C CD1 . TRP A 1 36 ? -10.928 6.124   4.585   1.00 20.71 ? 99  TRP A CD1 1 
ATOM   280  C CD2 . TRP A 1 36 ? -11.168 4.601   2.949   1.00 21.56 ? 99  TRP A CD2 1 
ATOM   281  N NE1 . TRP A 1 36 ? -11.873 6.591   3.700   1.00 19.95 ? 99  TRP A NE1 1 
ATOM   282  C CE2 . TRP A 1 36 ? -12.056 5.673   2.697   1.00 20.51 ? 99  TRP A CE2 1 
ATOM   283  C CE3 . TRP A 1 36 ? -11.100 3.559   2.016   1.00 24.92 ? 99  TRP A CE3 1 
ATOM   284  C CZ2 . TRP A 1 36 ? -12.910 5.698   1.592   1.00 19.79 ? 99  TRP A CZ2 1 
ATOM   285  C CZ3 . TRP A 1 36 ? -11.982 3.562   0.941   1.00 22.75 ? 99  TRP A CZ3 1 
ATOM   286  C CH2 . TRP A 1 36 ? -12.860 4.643   0.715   1.00 20.62 ? 99  TRP A CH2 1 
ATOM   287  N N   . CYS A 1 37 ? -8.283  1.023   5.242   1.00 21.73 ? 100 CYS A N   1 
ATOM   288  C CA  . CYS A 1 37 ? -7.067  0.241   5.446   1.00 21.56 ? 100 CYS A CA  1 
ATOM   289  C C   . CYS A 1 37 ? -6.319  -0.123  4.157   1.00 20.70 ? 100 CYS A C   1 
ATOM   290  O O   . CYS A 1 37 ? -6.935  -0.199  3.084   1.00 17.94 ? 100 CYS A O   1 
ATOM   291  C CB  . CYS A 1 37 ? -7.382  -0.925  6.377   1.00 24.20 ? 100 CYS A CB  1 
ATOM   292  S SG  . CYS A 1 37 ? -8.552  -2.094  5.727   1.00 31.35 ? 100 CYS A SG  1 
ATOM   293  N N   . GLU A 1 38 ? -4.993  -0.237  4.237   1.00 21.23 ? 101 GLU A N   1 
ATOM   294  C CA  . GLU A 1 38 ? -4.162  -0.400  3.053   1.00 20.19 ? 101 GLU A CA  1 
ATOM   295  C C   . GLU A 1 38 ? -4.044  -1.914  2.850   1.00 21.19 ? 101 GLU A C   1 
ATOM   296  O O   . GLU A 1 38 ? -3.536  -2.597  3.747   1.00 21.08 ? 101 GLU A O   1 
ATOM   297  C CB  . GLU A 1 38 ? -2.810  0.289   3.312   1.00 19.65 ? 101 GLU A CB  1 
ATOM   298  C CG  . GLU A 1 38 ? -1.700  0.101   2.276   1.00 22.53 ? 101 GLU A CG  1 
ATOM   299  C CD  . GLU A 1 38 ? -2.025  0.576   0.863   1.00 22.19 ? 101 GLU A CD  1 
ATOM   300  O OE1 . GLU A 1 38 ? -2.938  1.408   0.703   1.00 23.40 ? 101 GLU A OE1 1 
ATOM   301  O OE2 . GLU A 1 38 ? -1.307  0.161   -0.084  1.00 24.74 ? 101 GLU A OE2 1 
ATOM   302  N N   . ALA A 1 39 ? -4.515  -2.421  1.708   1.00 22.27 ? 102 ALA A N   1 
ATOM   303  C CA  . ALA A 1 39 ? -4.483  -3.839  1.339   1.00 22.65 ? 102 ALA A CA  1 
ATOM   304  C C   . ALA A 1 39 ? -3.633  -4.156  0.111   1.00 23.89 ? 102 ALA A C   1 
ATOM   305  O O   . ALA A 1 39 ? -3.503  -3.308  -0.774  1.00 23.61 ? 102 ALA A O   1 
ATOM   306  C CB  . ALA A 1 39 ? -5.914  -4.322  1.040   1.00 23.07 ? 102 ALA A CB  1 
ATOM   307  N N   . GLN A 1 40 ? -3.124  -5.387  0.027   1.00 22.72 ? 103 GLN A N   1 
ATOM   308  C CA  . GLN A 1 40 ? -2.613  -5.969  -1.223  1.00 23.91 ? 103 GLN A CA  1 
ATOM   309  C C   . GLN A 1 40 ? -3.312  -7.275  -1.613  1.00 24.12 ? 103 GLN A C   1 
ATOM   310  O O   . GLN A 1 40 ? -3.494  -8.149  -0.763  1.00 24.83 ? 103 GLN A O   1 
ATOM   311  C CB  . GLN A 1 40 ? -1.098  -6.189  -1.187  1.00 24.43 ? 103 GLN A CB  1 
ATOM   312  C CG  . GLN A 1 40 ? -0.549  -6.797  -2.486  1.00 23.21 ? 103 GLN A CG  1 
ATOM   313  C CD  . GLN A 1 40 ? 0.975   -6.690  -2.527  1.00 24.99 ? 103 GLN A CD  1 
ATOM   314  O OE1 . GLN A 1 40 ? 1.537   -5.615  -2.202  1.00 29.19 ? 103 GLN A OE1 1 
ATOM   315  N NE2 . GLN A 1 40 ? 1.652   -7.785  -2.940  1.00 24.11 ? 103 GLN A NE2 1 
ATOM   316  N N   . THR A 1 41 ? -3.707  -7.375  -2.881  1.00 25.68 ? 104 THR A N   1 
ATOM   317  C CA  . THR A 1 41 ? -4.347  -8.545  -3.495  1.00 25.28 ? 104 THR A CA  1 
ATOM   318  C C   . THR A 1 41 ? -3.633  -8.993  -4.773  1.00 26.86 ? 104 THR A C   1 
ATOM   319  O O   . THR A 1 41 ? -2.600  -8.429  -5.154  1.00 26.83 ? 104 THR A O   1 
ATOM   320  C CB  . THR A 1 41 ? -5.820  -8.242  -3.875  1.00 25.64 ? 104 THR A CB  1 
ATOM   321  O OG1 . THR A 1 41 ? -5.864  -7.387  -5.029  1.00 25.50 ? 104 THR A OG1 1 
ATOM   322  C CG2 . THR A 1 41 ? -6.584  -7.577  -2.722  1.00 25.02 ? 104 THR A CG2 1 
ATOM   323  N N   . LYS A 1 42 ? -4.199  -9.979  -5.466  1.00 27.12 ? 105 LYS A N   1 
ATOM   324  C CA  . LYS A 1 42 ? -3.675  -10.401 -6.769  1.00 28.77 ? 105 LYS A CA  1 
ATOM   325  C C   . LYS A 1 42 ? -3.887  -9.389  -7.895  1.00 28.36 ? 105 LYS A C   1 
ATOM   326  O O   . LYS A 1 42 ? -3.337  -9.563  -8.984  1.00 28.34 ? 105 LYS A O   1 
ATOM   327  C CB  . LYS A 1 42 ? -4.299  -11.719 -7.235  1.00 28.95 ? 105 LYS A CB  1 
ATOM   328  C CG  . LYS A 1 42 ? -4.364  -12.836 -6.206  1.00 31.36 ? 105 LYS A CG  1 
ATOM   329  C CD  . LYS A 1 42 ? -4.978  -14.097 -6.815  1.00 31.46 ? 105 LYS A CD  1 
ATOM   330  C CE  . LYS A 1 42 ? -3.952  -14.910 -7.594  1.00 34.81 ? 105 LYS A CE  1 
ATOM   331  N NZ  . LYS A 1 42 ? -3.158  -15.770 -6.667  1.00 36.00 ? 105 LYS A NZ  1 
ATOM   332  N N   . ASN A 1 43 ? -4.749  -8.401  -7.666  1.00 27.42 ? 106 ASN A N   1 
ATOM   333  C CA  . ASN A 1 43 ? -5.052  -7.353  -8.641  1.00 28.57 ? 106 ASN A CA  1 
ATOM   334  C C   . ASN A 1 43 ? -4.295  -6.039  -8.389  1.00 28.27 ? 106 ASN A C   1 
ATOM   335  O O   . ASN A 1 43 ? -4.282  -5.164  -9.260  1.00 29.00 ? 106 ASN A O   1 
ATOM   336  C CB  . ASN A 1 43 ? -6.558  -7.037  -8.646  1.00 28.69 ? 106 ASN A CB  1 
ATOM   337  C CG  . ASN A 1 43 ? -7.420  -8.171  -9.183  1.00 30.75 ? 106 ASN A CG  1 
ATOM   338  O OD1 . ASN A 1 43 ? -8.279  -8.686  -8.459  1.00 36.68 ? 106 ASN A OD1 1 
ATOM   339  N ND2 . ASN A 1 43 ? -7.225  -8.548  -10.444 1.00 26.06 ? 106 ASN A ND2 1 
ATOM   340  N N   . GLY A 1 44 ? -3.666  -5.887  -7.225  1.00 25.75 ? 107 GLY A N   1 
ATOM   341  C CA  . GLY A 1 44 ? -2.879  -4.688  -6.941  1.00 24.28 ? 107 GLY A CA  1 
ATOM   342  C C   . GLY A 1 44 ? -2.855  -4.257  -5.487  1.00 23.60 ? 107 GLY A C   1 
ATOM   343  O O   . GLY A 1 44 ? -2.945  -5.083  -4.585  1.00 22.78 ? 107 GLY A O   1 
ATOM   344  N N   . GLN A 1 45 ? -2.722  -2.959  -5.227  1.00 22.40 ? 108 GLN A N   1 
ATOM   345  C CA  . GLN A 1 45 ? -2.687  -2.490  -3.846  1.00 21.07 ? 108 GLN A CA  1 
ATOM   346  C C   . GLN A 1 45 ? -3.473  -1.178  -3.730  1.00 20.72 ? 108 GLN A C   1 
ATOM   347  O O   . GLN A 1 45 ? -3.598  -0.448  -4.717  1.00 21.32 ? 108 GLN A O   1 
ATOM   348  C CB  . GLN A 1 45 ? -1.250  -2.188  -3.399  1.00 21.94 ? 108 GLN A CB  1 
ATOM   349  C CG  . GLN A 1 45 ? -0.160  -3.068  -3.955  1.00 25.41 ? 108 GLN A CG  1 
ATOM   350  C CD  . GLN A 1 45 ? 1.190   -2.450  -3.667  1.00 22.32 ? 108 GLN A CD  1 
ATOM   351  O OE1 . GLN A 1 45 ? 1.498   -1.351  -4.148  1.00 27.91 ? 108 GLN A OE1 1 
ATOM   352  N NE2 . GLN A 1 45 ? 1.938   -3.091  -2.729  1.00 23.78 ? 108 GLN A NE2 1 
ATOM   353  N N   . GLY A 1 46 ? -3.941  -0.872  -2.524  1.00 18.98 ? 109 GLY A N   1 
ATOM   354  C CA  . GLY A 1 46 ? -4.648  0.386   -2.271  1.00 19.64 ? 109 GLY A CA  1 
ATOM   355  C C   . GLY A 1 46 ? -5.561  0.375   -1.059  1.00 19.71 ? 109 GLY A C   1 
ATOM   356  O O   . GLY A 1 46 ? -5.700  -0.638  -0.369  1.00 21.20 ? 109 GLY A O   1 
ATOM   357  N N   . TRP A 1 47 ? -6.275  1.474   -0.854  1.00 19.52 ? 110 TRP A N   1 
ATOM   358  C CA  . TRP A 1 47 ? -7.163  1.664   0.293   1.00 19.34 ? 110 TRP A CA  1 
ATOM   359  C C   . TRP A 1 47 ? -8.511  0.960   0.087   1.00 20.86 ? 110 TRP A C   1 
ATOM   360  O O   . TRP A 1 47 ? -9.126  1.114   -0.974  1.00 20.30 ? 110 TRP A O   1 
ATOM   361  C CB  . TRP A 1 47 ? -7.387  3.173   0.580   1.00 20.56 ? 110 TRP A CB  1 
ATOM   362  C CG  . TRP A 1 47 ? -6.088  3.896   0.922   1.00 19.53 ? 110 TRP A CG  1 
ATOM   363  C CD1 . TRP A 1 47 ? -5.310  4.663   0.092   1.00 21.02 ? 110 TRP A CD1 1 
ATOM   364  C CD2 . TRP A 1 47 ? -5.399  3.834   2.169   1.00 19.87 ? 110 TRP A CD2 1 
ATOM   365  N NE1 . TRP A 1 47 ? -4.216  5.146   0.776   1.00 20.29 ? 110 TRP A NE1 1 
ATOM   366  C CE2 . TRP A 1 47 ? -4.247  4.642   2.053   1.00 22.10 ? 110 TRP A CE2 1 
ATOM   367  C CE3 . TRP A 1 47 ? -5.707  3.261   3.414   1.00 21.87 ? 110 TRP A CE3 1 
ATOM   368  C CZ2 . TRP A 1 47 ? -3.353  4.840   3.122   1.00 22.18 ? 110 TRP A CZ2 1 
ATOM   369  C CZ3 . TRP A 1 47 ? -4.811  3.461   4.486   1.00 20.48 ? 110 TRP A CZ3 1 
ATOM   370  C CH2 . TRP A 1 47 ? -3.640  4.242   4.325   1.00 19.88 ? 110 TRP A CH2 1 
ATOM   371  N N   . VAL A 1 48 ? -8.995  0.243   1.103   1.00 20.78 ? 111 VAL A N   1 
ATOM   372  C CA  . VAL A 1 48 ? -10.331 -0.368  1.082   1.00 21.81 ? 111 VAL A CA  1 
ATOM   373  C C   . VAL A 1 48 ? -11.070 -0.058  2.397   1.00 20.71 ? 111 VAL A C   1 
ATOM   374  O O   . VAL A 1 48 ? -10.412 0.270   3.392   1.00 22.40 ? 111 VAL A O   1 
ATOM   375  C CB  . VAL A 1 48 ? -10.239 -1.906  0.872   1.00 21.82 ? 111 VAL A CB  1 
ATOM   376  C CG1 . VAL A 1 48 ? -9.387  -2.233  -0.377  1.00 22.88 ? 111 VAL A CG1 1 
ATOM   377  C CG2 . VAL A 1 48 ? -9.607  -2.569  2.102   1.00 24.64 ? 111 VAL A CG2 1 
ATOM   378  N N   . PRO A 1 49 ? -12.414 -0.146  2.405   1.00 21.71 ? 112 PRO A N   1 
ATOM   379  C CA  . PRO A 1 49 ? -13.114 0.152   3.671   1.00 20.90 ? 112 PRO A CA  1 
ATOM   380  C C   . PRO A 1 49 ? -12.799 -0.924  4.715   1.00 21.05 ? 112 PRO A C   1 
ATOM   381  O O   . PRO A 1 49 ? -12.947 -2.100  4.402   1.00 20.13 ? 112 PRO A O   1 
ATOM   382  C CB  . PRO A 1 49 ? -14.600 0.081   3.281   1.00 22.83 ? 112 PRO A CB  1 
ATOM   383  C CG  . PRO A 1 49 ? -14.649 0.312   1.771   1.00 22.97 ? 112 PRO A CG  1 
ATOM   384  C CD  . PRO A 1 49 ? -13.365 -0.382  1.304   1.00 21.83 ? 112 PRO A CD  1 
ATOM   385  N N   . SER A 1 50 ? -12.451 -0.536  5.941   1.00 21.04 ? 113 SER A N   1 
ATOM   386  C CA  . SER A 1 50 ? -12.193 -1.523  6.999   1.00 23.37 ? 113 SER A CA  1 
ATOM   387  C C   . SER A 1 50 ? -13.411 -2.392  7.309   1.00 22.94 ? 113 SER A C   1 
ATOM   388  O O   . SER A 1 50 ? -13.288 -3.579  7.639   1.00 22.48 ? 113 SER A O   1 
ATOM   389  C CB  . SER A 1 50 ? -11.784 -0.812  8.293   1.00 24.30 ? 113 SER A CB  1 
ATOM   390  O OG  . SER A 1 50 ? -10.556 -0.128  8.055   1.00 28.83 ? 113 SER A OG  1 
ATOM   391  N N   . ALA A 1 51 ? -14.595 -1.791  7.242   1.00 22.02 ? 114 ALA A N   1 
ATOM   392  C CA  . ALA A 1 51 ? -15.833 -2.513  7.579   1.00 22.33 ? 114 ALA A CA  1 
ATOM   393  C C   . ALA A 1 51 ? -16.174 -3.604  6.558   1.00 22.40 ? 114 ALA A C   1 
ATOM   394  O O   . ALA A 1 51 ? -17.068 -4.426  6.790   1.00 22.26 ? 114 ALA A O   1 
ATOM   395  C CB  . ALA A 1 51 ? -16.997 -1.524  7.682   1.00 23.40 ? 114 ALA A CB  1 
ATOM   396  N N   . TYR A 1 52 ? -15.467 -3.610  5.424   1.00 22.45 ? 115 TYR A N   1 
ATOM   397  C CA  . TYR A 1 52 ? -15.736 -4.581  4.363   1.00 22.54 ? 115 TYR A CA  1 
ATOM   398  C C   . TYR A 1 52 ? -14.930 -5.888  4.446   1.00 21.92 ? 115 TYR A C   1 
ATOM   399  O O   . TYR A 1 52 ? -15.101 -6.754  3.585   1.00 21.64 ? 115 TYR A O   1 
ATOM   400  C CB  . TYR A 1 52 ? -15.536 -3.948  2.980   1.00 21.08 ? 115 TYR A CB  1 
ATOM   401  C CG  . TYR A 1 52 ? -16.695 -3.123  2.435   1.00 19.86 ? 115 TYR A CG  1 
ATOM   402  C CD1 . TYR A 1 52 ? -17.399 -2.220  3.231   1.00 21.95 ? 115 TYR A CD1 1 
ATOM   403  C CD2 . TYR A 1 52 ? -17.049 -3.199  1.094   1.00 19.61 ? 115 TYR A CD2 1 
ATOM   404  C CE1 . TYR A 1 52 ? -18.449 -1.464  2.703   1.00 21.44 ? 115 TYR A CE1 1 
ATOM   405  C CE2 . TYR A 1 52 ? -18.090 -2.444  0.560   1.00 21.38 ? 115 TYR A CE2 1 
ATOM   406  C CZ  . TYR A 1 52 ? -18.784 -1.559  1.362   1.00 20.91 ? 115 TYR A CZ  1 
ATOM   407  O OH  . TYR A 1 52 ? -19.817 -0.853  0.772   1.00 22.67 ? 115 TYR A OH  1 
ATOM   408  N N   . ILE A 1 53 ? -14.074 -6.011  5.460   1.00 21.92 ? 116 ILE A N   1 
ATOM   409  C CA  . ILE A 1 53 ? -13.205 -7.182  5.579   1.00 21.46 ? 116 ILE A CA  1 
ATOM   410  C C   . ILE A 1 53 ? -13.223 -7.773  6.990   1.00 20.87 ? 116 ILE A C   1 
ATOM   411  O O   . ILE A 1 53 ? -13.595 -7.075  7.936   1.00 20.27 ? 116 ILE A O   1 
ATOM   412  C CB  . ILE A 1 53 ? -11.748 -6.789  5.186   1.00 21.25 ? 116 ILE A CB  1 
ATOM   413  C CG1 . ILE A 1 53 ? -11.174 -5.797  6.209   1.00 24.20 ? 116 ILE A CG1 1 
ATOM   414  C CG2 . ILE A 1 53 ? -11.725 -6.188  3.770   1.00 23.25 ? 116 ILE A CG2 1 
ATOM   415  C CD1 . ILE A 1 53 ? -9.683  -5.449  6.061   1.00 27.96 ? 116 ILE A CD1 1 
ATOM   416  N N   . THR A 1 54 ? -12.785 -9.021  7.125   1.00 19.79 ? 117 THR A N   1 
ATOM   417  C CA  . THR A 1 54 ? -12.692 -9.733  8.404   1.00 20.15 ? 117 THR A CA  1 
ATOM   418  C C   . THR A 1 54 ? -11.540 -10.753 8.328   1.00 20.31 ? 117 THR A C   1 
ATOM   419  O O   . THR A 1 54 ? -11.180 -11.214 7.238   1.00 18.01 ? 117 THR A O   1 
ATOM   420  C CB  . THR A 1 54 ? -14.058 -10.375 8.792   1.00 20.86 ? 117 THR A CB  1 
ATOM   421  O OG1 . THR A 1 54 ? -14.095 -10.723 10.188  1.00 22.71 ? 117 THR A OG1 1 
ATOM   422  C CG2 . THR A 1 54 ? -14.332 -11.622 7.956   1.00 22.06 ? 117 THR A CG2 1 
ATOM   423  N N   . PRO A 1 55 ? -10.891 -11.065 9.461   1.00 20.61 ? 118 PRO A N   1 
ATOM   424  C CA  . PRO A 1 55 ? -9.826  -12.075 9.447   1.00 21.55 ? 118 PRO A CA  1 
ATOM   425  C C   . PRO A 1 55 ? -10.226 -13.463 8.959   1.00 22.06 ? 118 PRO A C   1 
ATOM   426  O O   . PRO A 1 55 ? -11.327 -13.925 9.245   1.00 21.57 ? 118 PRO A O   1 
ATOM   427  C CB  . PRO A 1 55 ? -9.377  -12.154 10.914  1.00 21.57 ? 118 PRO A CB  1 
ATOM   428  C CG  . PRO A 1 55 ? -9.692  -10.807 11.457  1.00 22.75 ? 118 PRO A CG  1 
ATOM   429  C CD  . PRO A 1 55 ? -10.998 -10.444 10.795  1.00 22.31 ? 118 PRO A CD  1 
ATOM   430  N N   . VAL A 1 56 ? -9.308  -14.130 8.264   1.00 22.70 ? 119 VAL A N   1 
ATOM   431  C CA  . VAL A 1 56 ? -9.496  -15.515 7.838   1.00 24.90 ? 119 VAL A CA  1 
ATOM   432  C C   . VAL A 1 56 ? -9.299  -16.438 9.046   1.00 25.64 ? 119 VAL A C   1 
ATOM   433  O O   . VAL A 1 56 ? -8.529  -16.114 9.952   1.00 26.89 ? 119 VAL A O   1 
ATOM   434  C CB  . VAL A 1 56 ? -8.491  -15.917 6.725   1.00 24.83 ? 119 VAL A CB  1 
ATOM   435  C CG1 . VAL A 1 56 ? -8.562  -17.403 6.418   1.00 26.05 ? 119 VAL A CG1 1 
ATOM   436  C CG2 . VAL A 1 56 ? -8.761  -15.146 5.442   1.00 26.74 ? 119 VAL A CG2 1 
ATOM   437  N N   . ASN A 1 57 ? -10.003 -17.566 9.080   1.00 25.98 ? 120 ASN A N   1 
ATOM   438  C CA  . ASN A 1 57 ? -9.905  -18.537 10.174  1.00 28.46 ? 120 ASN A CA  1 
ATOM   439  C C   . ASN A 1 57 ? -10.303 -18.047 11.562  1.00 28.64 ? 120 ASN A C   1 
ATOM   440  O O   . ASN A 1 57 ? -9.686  -18.428 12.550  1.00 28.86 ? 120 ASN A O   1 
ATOM   441  C CB  . ASN A 1 57 ? -8.498  -19.127 10.284  1.00 29.08 ? 120 ASN A CB  1 
ATOM   442  C CG  . ASN A 1 57 ? -8.257  -20.231 9.283   1.00 32.72 ? 120 ASN A CG  1 
ATOM   443  O OD1 . ASN A 1 57 ? -8.890  -20.260 8.228   1.00 38.49 ? 120 ASN A OD1 1 
ATOM   444  N ND2 . ASN A 1 57 ? -7.332  -21.130 9.600   1.00 34.56 ? 120 ASN A ND2 1 
ATOM   445  N N   . SER A 1 58 ? -11.300 -17.175 11.667  1.00 30.05 ? 121 SER A N   1 
ATOM   446  C CA  . SER A 1 58 ? -11.736 -16.804 13.013  1.00 30.79 ? 121 SER A CA  1 
ATOM   447  C C   . SER A 1 58 ? -13.209 -17.131 13.233  1.00 29.88 ? 121 SER A C   1 
ATOM   448  O O   . SER A 1 58 ? -13.965 -17.119 12.256  1.00 30.26 ? 121 SER A O   1 
ATOM   449  C CB  . SER A 1 58 ? -11.522 -15.308 13.248  1.00 31.09 ? 121 SER A CB  1 
ATOM   450  O OG  . SER A 1 58 ? -12.545 -14.641 12.538  1.00 34.46 ? 121 SER A OG  1 
ATOM   451  O OXT . SER A 1 58 ? -13.639 -17.334 14.367  1.00 26.55 ? 121 SER A OXT 1 
ATOM   452  N N   . ASN B 1 1  ? 6.685   12.345  9.725   1.00 29.41 ? 64  ASN B N   1 
ATOM   453  C CA  . ASN B 1 1  ? 5.837   11.432  8.913   1.00 29.43 ? 64  ASN B CA  1 
ATOM   454  C C   . ASN B 1 1  ? 5.964   11.575  7.398   1.00 28.09 ? 64  ASN B C   1 
ATOM   455  O O   . ASN B 1 1  ? 5.507   10.699  6.672   1.00 28.75 ? 64  ASN B O   1 
ATOM   456  C CB  . ASN B 1 1  ? 4.368   11.536  9.318   1.00 30.63 ? 64  ASN B CB  1 
ATOM   457  C CG  . ASN B 1 1  ? 3.799   12.923  9.101   1.00 34.80 ? 64  ASN B CG  1 
ATOM   458  O OD1 . ASN B 1 1  ? 4.309   13.916  9.629   1.00 39.04 ? 64  ASN B OD1 1 
ATOM   459  N ND2 . ASN B 1 1  ? 2.712   12.993  8.337   1.00 39.31 ? 64  ASN B ND2 1 
ATOM   460  N N   . LEU B 1 2  ? 6.552   12.655  6.894   1.00 26.77 ? 65  LEU B N   1 
ATOM   461  C CA  . LEU B 1 2  ? 6.829   12.725  5.454   1.00 24.41 ? 65  LEU B CA  1 
ATOM   462  C C   . LEU B 1 2  ? 8.274   12.311  5.169   1.00 22.23 ? 65  LEU B C   1 
ATOM   463  O O   . LEU B 1 2  ? 9.144   12.613  5.988   1.00 21.18 ? 65  LEU B O   1 
ATOM   464  C CB  . LEU B 1 2  ? 6.609   14.173  5.009   1.00 25.86 ? 65  LEU B CB  1 
ATOM   465  C CG  . LEU B 1 2  ? 6.775   14.672  3.571   1.00 28.74 ? 65  LEU B CG  1 
ATOM   466  C CD1 . LEU B 1 2  ? 5.817   14.052  2.557   1.00 30.77 ? 65  LEU B CD1 1 
ATOM   467  C CD2 . LEU B 1 2  ? 6.644   16.189  3.592   1.00 28.50 ? 65  LEU B CD2 1 
ATOM   468  N N   . PHE B 1 3  ? 8.520   11.617  4.060   1.00 19.73 ? 66  PHE B N   1 
ATOM   469  C CA  . PHE B 1 3  ? 9.874   11.221  3.659   1.00 19.50 ? 66  PHE B CA  1 
ATOM   470  C C   . PHE B 1 3  ? 10.267  11.787  2.296   1.00 20.00 ? 66  PHE B C   1 
ATOM   471  O O   . PHE B 1 3  ? 9.391   12.211  1.544   1.00 20.68 ? 66  PHE B O   1 
ATOM   472  C CB  . PHE B 1 3  ? 10.028  9.693   3.603   1.00 19.76 ? 66  PHE B CB  1 
ATOM   473  C CG  . PHE B 1 3  ? 9.895   9.034   4.935   1.00 21.02 ? 66  PHE B CG  1 
ATOM   474  C CD1 . PHE B 1 3  ? 8.650   8.924   5.528   1.00 20.90 ? 66  PHE B CD1 1 
ATOM   475  C CD2 . PHE B 1 3  ? 11.010  8.556   5.600   1.00 22.78 ? 66  PHE B CD2 1 
ATOM   476  C CE1 . PHE B 1 3  ? 8.504   8.347   6.777   1.00 23.09 ? 66  PHE B CE1 1 
ATOM   477  C CE2 . PHE B 1 3  ? 10.882  7.974   6.847   1.00 25.27 ? 66  PHE B CE2 1 
ATOM   478  C CZ  . PHE B 1 3  ? 9.630   7.878   7.446   1.00 24.70 ? 66  PHE B CZ  1 
ATOM   479  N N   . VAL B 1 4  ? 11.555  11.730  1.954   1.00 19.76 ? 67  VAL B N   1 
ATOM   480  C CA  . VAL B 1 4  ? 12.049  12.190  0.651   1.00 20.41 ? 67  VAL B CA  1 
ATOM   481  C C   . VAL B 1 4  ? 12.972  11.105  0.094   1.00 21.15 ? 67  VAL B C   1 
ATOM   482  O O   . VAL B 1 4  ? 13.658  10.430  0.872   1.00 21.65 ? 67  VAL B O   1 
ATOM   483  C CB  . VAL B 1 4  ? 12.728  13.589  0.774   1.00 20.10 ? 67  VAL B CB  1 
ATOM   484  C CG1 . VAL B 1 4  ? 13.955  13.568  1.689   1.00 22.10 ? 67  VAL B CG1 1 
ATOM   485  C CG2 . VAL B 1 4  ? 13.075  14.203  -0.571  1.00 23.15 ? 67  VAL B CG2 1 
ATOM   486  N N   . ALA B 1 5  ? 12.959  10.941  -1.225  1.00 22.62 ? 68  ALA B N   1 
ATOM   487  C CA  . ALA B 1 5  ? 13.807  9.985   -1.928  1.00 22.63 ? 68  ALA B CA  1 
ATOM   488  C C   . ALA B 1 5  ? 15.214  10.575  -2.035  1.00 21.41 ? 68  ALA B C   1 
ATOM   489  O O   . ALA B 1 5  ? 15.364  11.729  -2.435  1.00 21.76 ? 68  ALA B O   1 
ATOM   490  C CB  . ALA B 1 5  ? 13.232  9.730   -3.342  1.00 22.91 ? 68  ALA B CB  1 
ATOM   491  N N   . LEU B 1 6  ? 16.217  9.802   -1.627  1.00 22.00 ? 69  LEU B N   1 
ATOM   492  C CA  . LEU B 1 6  ? 17.631  10.199  -1.697  1.00 20.50 ? 69  LEU B CA  1 
ATOM   493  C C   . LEU B 1 6  ? 18.224  9.918   -3.078  1.00 21.74 ? 69  LEU B C   1 
ATOM   494  O O   . LEU B 1 6  ? 19.178  10.582  -3.472  1.00 21.27 ? 69  LEU B O   1 
ATOM   495  C CB  . LEU B 1 6  ? 18.469  9.452   -0.660  1.00 20.93 ? 69  LEU B CB  1 
ATOM   496  C CG  . LEU B 1 6  ? 18.261  9.744   0.827   1.00 23.49 ? 69  LEU B CG  1 
ATOM   497  C CD1 . LEU B 1 6  ? 19.006  8.713   1.664   1.00 24.60 ? 69  LEU B CD1 1 
ATOM   498  C CD2 . LEU B 1 6  ? 18.759  11.166  1.084   1.00 24.00 ? 69  LEU B CD2 1 
ATOM   499  N N   . TYR B 1 7  ? 17.679  8.946   -3.805  1.00 21.08 ? 70  TYR B N   1 
ATOM   500  C CA  . TYR B 1 7  ? 18.211  8.521   -5.105  1.00 22.43 ? 70  TYR B CA  1 
ATOM   501  C C   . TYR B 1 7  ? 17.056  8.108   -6.008  1.00 22.25 ? 70  TYR B C   1 
ATOM   502  O O   . TYR B 1 7  ? 16.003  7.756   -5.478  1.00 23.88 ? 70  TYR B O   1 
ATOM   503  C CB  . TYR B 1 7  ? 19.131  7.305   -4.968  1.00 21.98 ? 70  TYR B CB  1 
ATOM   504  C CG  . TYR B 1 7  ? 20.042  7.273   -3.755  1.00 21.78 ? 70  TYR B CG  1 
ATOM   505  C CD1 . TYR B 1 7  ? 19.735  6.465   -2.659  1.00 20.45 ? 70  TYR B CD1 1 
ATOM   506  C CD2 . TYR B 1 7  ? 21.206  8.035   -3.704  1.00 23.59 ? 70  TYR B CD2 1 
ATOM   507  C CE1 . TYR B 1 7  ? 20.560  6.418   -1.547  1.00 21.76 ? 70  TYR B CE1 1 
ATOM   508  C CE2 . TYR B 1 7  ? 22.046  7.984   -2.593  1.00 22.41 ? 70  TYR B CE2 1 
ATOM   509  C CZ  . TYR B 1 7  ? 21.698  7.186   -1.519  1.00 21.65 ? 70  TYR B CZ  1 
ATOM   510  O OH  . TYR B 1 7  ? 22.477  7.090   -0.389  1.00 23.94 ? 70  TYR B OH  1 
ATOM   511  N N   . ASP B 1 8  ? 17.240  8.134   -7.327  1.00 22.45 ? 71  ASP B N   1 
ATOM   512  C CA  . ASP B 1 8  ? 16.242  7.623   -8.269  1.00 22.34 ? 71  ASP B CA  1 
ATOM   513  C C   . ASP B 1 8  ? 16.159  6.094   -8.137  1.00 22.64 ? 71  ASP B C   1 
ATOM   514  O O   . ASP B 1 8  ? 17.188  5.410   -8.122  1.00 22.97 ? 71  ASP B O   1 
ATOM   515  C CB  . ASP B 1 8  ? 16.629  7.939   -9.722  1.00 21.83 ? 71  ASP B CB  1 
ATOM   516  C CG  . ASP B 1 8  ? 16.377  9.401   -10.129 1.00 23.69 ? 71  ASP B CG  1 
ATOM   517  O OD1 . ASP B 1 8  ? 16.358  10.324  -9.282  1.00 24.45 ? 71  ASP B OD1 1 
ATOM   518  O OD2 . ASP B 1 8  ? 16.176  9.650   -11.333 1.00 28.02 ? 71  ASP B OD2 1 
ATOM   519  N N   . PHE B 1 9  ? 14.952  5.544   -8.214  1.00 20.97 ? 72  PHE B N   1 
ATOM   520  C CA  . PHE B 1 9  ? 14.747  4.090   -8.284  1.00 21.54 ? 72  PHE B CA  1 
ATOM   521  C C   . PHE B 1 9  ? 13.730  3.834   -9.390  1.00 20.99 ? 72  PHE B C   1 
ATOM   522  O O   . PHE B 1 9  ? 12.683  4.483   -9.396  1.00 21.23 ? 72  PHE B O   1 
ATOM   523  C CB  . PHE B 1 9  ? 14.246  3.548   -6.937  1.00 21.47 ? 72  PHE B CB  1 
ATOM   524  C CG  . PHE B 1 9  ? 13.665  2.154   -7.007  1.00 20.95 ? 72  PHE B CG  1 
ATOM   525  C CD1 . PHE B 1 9  ? 14.491  1.034   -7.091  1.00 20.75 ? 72  PHE B CD1 1 
ATOM   526  C CD2 . PHE B 1 9  ? 12.282  1.982   -6.978  1.00 24.03 ? 72  PHE B CD2 1 
ATOM   527  C CE1 . PHE B 1 9  ? 13.967  -0.252  -7.141  1.00 23.28 ? 72  PHE B CE1 1 
ATOM   528  C CE2 . PHE B 1 9  ? 11.732  0.695   -7.042  1.00 23.36 ? 72  PHE B CE2 1 
ATOM   529  C CZ  . PHE B 1 9  ? 12.573  -0.408  -7.126  1.00 23.60 ? 72  PHE B CZ  1 
ATOM   530  N N   . VAL B 1 10 ? 14.061  2.974   -10.358 1.00 20.47 ? 73  VAL B N   1 
ATOM   531  C CA  . VAL B 1 10 ? 13.142  2.656   -11.453 1.00 20.70 ? 73  VAL B CA  1 
ATOM   532  C C   . VAL B 1 10 ? 12.466  1.296   -11.258 1.00 21.04 ? 73  VAL B C   1 
ATOM   533  O O   . VAL B 1 10 ? 13.149  0.285   -11.101 1.00 21.69 ? 73  VAL B O   1 
ATOM   534  C CB  . VAL B 1 10 ? 13.851  2.777   -12.834 1.00 20.23 ? 73  VAL B CB  1 
ATOM   535  C CG1 . VAL B 1 10 ? 12.911  2.515   -13.988 1.00 23.41 ? 73  VAL B CG1 1 
ATOM   536  C CG2 . VAL B 1 10 ? 14.425  4.172   -13.001 1.00 24.51 ? 73  VAL B CG2 1 
ATOM   537  N N   . ALA B 1 11 ? 11.139  1.244   -11.341 1.00 23.77 ? 74  ALA B N   1 
ATOM   538  C CA  . ALA B 1 11 ? 10.365  0.031   -11.039 1.00 24.15 ? 74  ALA B CA  1 
ATOM   539  C C   . ALA B 1 11 ? 10.660  -1.160  -11.955 1.00 24.59 ? 74  ALA B C   1 
ATOM   540  O O   . ALA B 1 11 ? 10.896  -0.987  -13.153 1.00 23.44 ? 74  ALA B O   1 
ATOM   541  C CB  . ALA B 1 11 ? 8.870   0.347   -11.122 1.00 24.67 ? 74  ALA B CB  1 
ATOM   542  N N   . SER B 1 12 ? 10.503  -2.368  -11.416 1.00 24.96 ? 75  SER B N   1 
ATOM   543  C CA  . SER B 1 12 ? 10.828  -3.627  -12.093 1.00 25.88 ? 75  SER B CA  1 
ATOM   544  C C   . SER B 1 12 ? 9.644   -4.599  -12.130 1.00 25.99 ? 75  SER B C   1 
ATOM   545  O O   . SER B 1 12 ? 9.834   -5.791  -12.342 1.00 28.04 ? 75  SER B O   1 
ATOM   546  C CB  . SER B 1 12 ? 12.028  -4.287  -11.391 1.00 25.65 ? 75  SER B CB  1 
ATOM   547  O OG  . SER B 1 12 ? 11.884  -4.198  -9.969  1.00 27.56 ? 75  SER B OG  1 
ATOM   548  N N   . GLY B 1 13 ? 8.419   -4.099  -12.002 1.00 25.22 ? 76  GLY B N   1 
ATOM   549  C CA  . GLY B 1 13 ? 7.220   -4.926  -11.904 1.00 24.20 ? 76  GLY B CA  1 
ATOM   550  C C   . GLY B 1 13 ? 7.045   -5.373  -10.464 1.00 23.93 ? 76  GLY B C   1 
ATOM   551  O O   . GLY B 1 13 ? 7.623   -4.767  -9.547  1.00 23.48 ? 76  GLY B O   1 
ATOM   552  N N   . ASP B 1 14 ? 6.249   -6.421  -10.264 1.00 22.30 ? 77  ASP B N   1 
ATOM   553  C CA  . ASP B 1 14 ? 6.024   -6.955  -8.920  1.00 23.03 ? 77  ASP B CA  1 
ATOM   554  C C   . ASP B 1 14 ? 5.568   -5.889  -7.920  1.00 21.60 ? 77  ASP B C   1 
ATOM   555  O O   . ASP B 1 14 ? 5.978   -5.900  -6.753  1.00 21.77 ? 77  ASP B O   1 
ATOM   556  C CB  . ASP B 1 14 ? 7.291   -7.624  -8.375  1.00 24.05 ? 77  ASP B CB  1 
ATOM   557  C CG  . ASP B 1 14 ? 7.910   -8.603  -9.351  1.00 25.83 ? 77  ASP B CG  1 
ATOM   558  O OD1 . ASP B 1 14 ? 7.253   -9.589  -9.752  1.00 30.32 ? 77  ASP B OD1 1 
ATOM   559  O OD2 . ASP B 1 14 ? 9.079   -8.364  -9.719  1.00 30.12 ? 77  ASP B OD2 1 
ATOM   560  N N   . ASN B 1 15 ? 4.694   -4.988  -8.363  1.00 19.72 ? 78  ASN B N   1 
ATOM   561  C CA  . ASN B 1 15 ? 4.122   -3.954  -7.496  1.00 18.53 ? 78  ASN B CA  1 
ATOM   562  C C   . ASN B 1 15 ? 5.139   -2.924  -6.991  1.00 18.90 ? 78  ASN B C   1 
ATOM   563  O O   . ASN B 1 15 ? 4.917   -2.346  -5.933  1.00 18.42 ? 78  ASN B O   1 
ATOM   564  C CB  . ASN B 1 15 ? 3.370   -4.583  -6.320  1.00 19.46 ? 78  ASN B CB  1 
ATOM   565  C CG  . ASN B 1 15 ? 2.163   -5.395  -6.772  1.00 22.25 ? 78  ASN B CG  1 
ATOM   566  O OD1 . ASN B 1 15 ? 2.044   -6.570  -6.439  1.00 26.35 ? 78  ASN B OD1 1 
ATOM   567  N ND2 . ASN B 1 15 ? 1.301   -4.786  -7.583  1.00 22.75 ? 78  ASN B ND2 1 
ATOM   568  N N   . THR B 1 16 ? 6.245   -2.711  -7.701  1.00 17.53 ? 79  THR B N   1 
ATOM   569  C CA  . THR B 1 16 ? 7.248   -1.723  -7.278  1.00 18.98 ? 79  THR B CA  1 
ATOM   570  C C   . THR B 1 16 ? 6.846   -0.369  -7.870  1.00 19.46 ? 79  THR B C   1 
ATOM   571  O O   . THR B 1 16 ? 6.079   -0.346  -8.837  1.00 19.22 ? 79  THR B O   1 
ATOM   572  C CB  . THR B 1 16 ? 8.701   -2.130  -7.674  1.00 19.78 ? 79  THR B CB  1 
ATOM   573  O OG1 . THR B 1 16 ? 8.766   -2.393  -9.083  1.00 20.16 ? 79  THR B OG1 1 
ATOM   574  C CG2 . THR B 1 16 ? 9.160   -3.332  -6.869  1.00 19.41 ? 79  THR B CG2 1 
ATOM   575  N N   . LEU B 1 17 ? 7.300   0.734   -7.269  1.00 19.33 ? 80  LEU B N   1 
ATOM   576  C CA  . LEU B 1 17 ? 6.961   2.090   -7.700  1.00 20.22 ? 80  LEU B CA  1 
ATOM   577  C C   . LEU B 1 17 ? 8.228   2.856   -8.059  1.00 20.74 ? 80  LEU B C   1 
ATOM   578  O O   . LEU B 1 17 ? 9.190   2.841   -7.283  1.00 23.17 ? 80  LEU B O   1 
ATOM   579  C CB  . LEU B 1 17 ? 6.290   2.829   -6.529  1.00 21.34 ? 80  LEU B CB  1 
ATOM   580  C CG  . LEU B 1 17 ? 5.915   4.310   -6.726  1.00 22.88 ? 80  LEU B CG  1 
ATOM   581  C CD1 . LEU B 1 17 ? 4.846   4.457   -7.773  1.00 24.61 ? 80  LEU B CD1 1 
ATOM   582  C CD2 . LEU B 1 17 ? 5.395   4.885   -5.402  1.00 25.60 ? 80  LEU B CD2 1 
ATOM   583  N N   . SER B 1 18 ? 8.255   3.492   -9.226  1.00 21.56 ? 81  SER B N   1 
ATOM   584  C CA  . SER B 1 18 ? 9.391   4.360   -9.518  1.00 23.47 ? 81  SER B CA  1 
ATOM   585  C C   . SER B 1 18 ? 9.324   5.656   -8.713  1.00 23.87 ? 81  SER B C   1 
ATOM   586  O O   . SER B 1 18 ? 8.250   6.277   -8.664  1.00 24.18 ? 81  SER B O   1 
ATOM   587  C CB  . SER B 1 18 ? 9.426   4.749   -10.994 1.00 23.78 ? 81  SER B CB  1 
ATOM   588  O OG  . SER B 1 18 ? 9.559   3.599   -11.794 1.00 21.48 ? 81  SER B OG  1 
ATOM   589  N N   . ILE B 1 19 ? 10.489  6.105   -8.245  1.00 21.61 ? 82  ILE B N   1 
ATOM   590  C CA  . ILE B 1 19 ? 10.603  7.363   -7.506  1.00 22.19 ? 82  ILE B CA  1 
ATOM   591  C C   . ILE B 1 19 ? 11.843  8.140   -7.949  1.00 22.95 ? 82  ILE B C   1 
ATOM   592  O O   . ILE B 1 19 ? 12.803  7.560   -8.464  1.00 22.41 ? 82  ILE B O   1 
ATOM   593  C CB  . ILE B 1 19 ? 10.648  7.169   -5.967  1.00 22.62 ? 82  ILE B CB  1 
ATOM   594  C CG1 . ILE B 1 19 ? 11.801  6.229   -5.580  1.00 23.50 ? 82  ILE B CG1 1 
ATOM   595  C CG2 . ILE B 1 19 ? 9.294   6.650   -5.416  1.00 20.03 ? 82  ILE B CG2 1 
ATOM   596  C CD1 . ILE B 1 19 ? 12.007  6.124   -4.060  1.00 23.74 ? 82  ILE B CD1 1 
ATOM   597  N N   . THR B 1 20 ? 11.791  9.468   -7.859  1.00 22.78 ? 83  THR B N   1 
ATOM   598  C CA  . THR B 1 20 ? 12.954  10.276  -8.252  1.00 22.28 ? 83  THR B CA  1 
ATOM   599  C C   . THR B 1 20 ? 13.478  11.109  -7.074  1.00 22.13 ? 83  THR B C   1 
ATOM   600  O O   . THR B 1 20 ? 12.725  11.479  -6.161  1.00 21.97 ? 83  THR B O   1 
ATOM   601  C CB  . THR B 1 20 ? 12.671  11.181  -9.459  1.00 23.59 ? 83  THR B CB  1 
ATOM   602  O OG1 . THR B 1 20 ? 11.632  12.086  -9.094  1.00 26.43 ? 83  THR B OG1 1 
ATOM   603  C CG2 . THR B 1 20 ? 12.178  10.356  -10.632 1.00 22.19 ? 83  THR B CG2 1 
ATOM   604  N N   . LYS B 1 21 ? 14.781  11.377  -7.092  1.00 19.56 ? 84  LYS B N   1 
ATOM   605  C CA  . LYS B 1 21 ? 15.446  12.127  -6.030  1.00 19.34 ? 84  LYS B CA  1 
ATOM   606  C C   . LYS B 1 21 ? 14.685  13.428  -5.763  1.00 20.04 ? 84  LYS B C   1 
ATOM   607  O O   . LYS B 1 21 ? 14.360  14.174  -6.697  1.00 19.86 ? 84  LYS B O   1 
ATOM   608  C CB  . LYS B 1 21 ? 16.890  12.426  -6.458  1.00 18.63 ? 84  LYS B CB  1 
ATOM   609  C CG  . LYS B 1 21 ? 17.721  13.211  -5.442  1.00 20.34 ? 84  LYS B CG  1 
ATOM   610  C CD  . LYS B 1 21 ? 19.119  13.475  -5.990  1.00 22.22 ? 84  LYS B CD  1 
ATOM   611  C CE  . LYS B 1 21 ? 20.137  13.675  -4.884  1.00 29.04 ? 84  LYS B CE  1 
ATOM   612  N NZ  . LYS B 1 21 ? 19.745  14.628  -3.802  1.00 31.80 ? 84  LYS B NZ  1 
ATOM   613  N N   . GLY B 1 22 ? 14.413  13.687  -4.487  1.00 20.12 ? 85  GLY B N   1 
ATOM   614  C CA  . GLY B 1 22 ? 13.728  14.897  -4.028  1.00 20.99 ? 85  GLY B CA  1 
ATOM   615  C C   . GLY B 1 22 ? 12.216  14.777  -3.956  1.00 21.83 ? 85  GLY B C   1 
ATOM   616  O O   . GLY B 1 22 ? 11.547  15.701  -3.481  1.00 22.66 ? 85  GLY B O   1 
ATOM   617  N N   . GLU B 1 23 ? 11.664  13.687  -4.486  1.00 22.06 ? 86  GLU B N   1 
ATOM   618  C CA  . GLU B 1 23 ? 10.227  13.448  -4.404  1.00 21.97 ? 86  GLU B CA  1 
ATOM   619  C C   . GLU B 1 23 ? 9.753   13.155  -2.981  1.00 20.49 ? 86  GLU B C   1 
ATOM   620  O O   . GLU B 1 23 ? 10.367  12.340  -2.296  1.00 21.13 ? 86  GLU B O   1 
ATOM   621  C CB  . GLU B 1 23 ? 9.861   12.259  -5.287  1.00 21.60 ? 86  GLU B CB  1 
ATOM   622  C CG  . GLU B 1 23 ? 8.385   12.174  -5.582  1.00 24.47 ? 86  GLU B CG  1 
ATOM   623  C CD  . GLU B 1 23 ? 8.004   11.100  -6.590  1.00 26.26 ? 86  GLU B CD  1 
ATOM   624  O OE1 . GLU B 1 23 ? 8.863   10.304  -7.041  1.00 26.42 ? 86  GLU B OE1 1 
ATOM   625  O OE2 . GLU B 1 23 ? 6.795   11.101  -6.915  1.00 27.95 ? 86  GLU B OE2 1 
ATOM   626  N N   . LYS B 1 24 ? 8.641   13.756  -2.567  1.00 18.82 ? 87  LYS B N   1 
ATOM   627  C CA  . LYS B 1 24 ? 8.063   13.453  -1.253  1.00 19.53 ? 87  LYS B CA  1 
ATOM   628  C C   . LYS B 1 24 ? 7.190   12.197  -1.270  1.00 20.08 ? 87  LYS B C   1 
ATOM   629  O O   . LYS B 1 24 ? 6.584   11.867  -2.288  1.00 19.88 ? 87  LYS B O   1 
ATOM   630  C CB  . LYS B 1 24 ? 7.368   14.677  -0.655  1.00 20.21 ? 87  LYS B CB  1 
ATOM   631  C CG  . LYS B 1 24 ? 8.398   15.737  -0.268  1.00 23.54 ? 87  LYS B CG  1 
ATOM   632  C CD  . LYS B 1 24 ? 7.796   16.984  0.357   1.00 30.72 ? 87  LYS B CD  1 
ATOM   633  C CE  . LYS B 1 24 ? 8.795   18.137  0.269   1.00 32.80 ? 87  LYS B CE  1 
ATOM   634  N NZ  . LYS B 1 24 ? 8.330   19.334  1.014   1.00 33.56 ? 87  LYS B NZ  1 
ATOM   635  N N   . LEU B 1 25 ? 7.106   11.510  -0.152  1.00 20.06 ? 88  LEU B N   1 
ATOM   636  C CA  . LEU B 1 25 ? 6.259   10.319  -0.056  1.00 20.76 ? 88  LEU B CA  1 
ATOM   637  C C   . LEU B 1 25 ? 5.853   9.945   1.368   1.00 20.71 ? 88  LEU B C   1 
ATOM   638  O O   . LEU B 1 25 ? 6.507   10.327  2.342   1.00 20.56 ? 88  LEU B O   1 
ATOM   639  C CB  . LEU B 1 25 ? 6.922   9.109   -0.712  1.00 22.86 ? 88  LEU B CB  1 
ATOM   640  C CG  . LEU B 1 25 ? 8.250   8.470   -0.369  1.00 27.42 ? 88  LEU B CG  1 
ATOM   641  C CD1 . LEU B 1 25 ? 8.966   7.891   -1.650  1.00 28.85 ? 88  LEU B CD1 1 
ATOM   642  C CD2 . LEU B 1 25 ? 9.200   9.437   0.318   1.00 32.12 ? 88  LEU B CD2 1 
ATOM   643  N N   . ARG B 1 26 ? 4.763   9.221   1.459   1.00 22.15 ? 89  ARG B N   1 
ATOM   644  C CA  . ARG B 1 26 ? 4.298   8.635   2.716   1.00 22.18 ? 89  ARG B CA  1 
ATOM   645  C C   . ARG B 1 26 ? 4.667   7.155   2.769   1.00 21.65 ? 89  ARG B C   1 
ATOM   646  O O   . ARG B 1 26 ? 4.621   6.466   1.737   1.00 23.11 ? 89  ARG B O   1 
ATOM   647  C CB  . ARG B 1 26 ? 2.769   8.753   2.804   1.00 21.53 ? 89  ARG B CB  1 
ATOM   648  C CG  . ARG B 1 26 ? 2.231   10.156  3.042   0.65 23.77 ? 89  ARG B CG  1 
ATOM   649  C CD  . ARG B 1 26 ? 2.081   10.396  4.540   0.65 28.10 ? 89  ARG B CD  1 
ATOM   650  N NE  . ARG B 1 26 ? 0.743   10.860  4.900   0.65 31.90 ? 89  ARG B NE  1 
ATOM   651  C CZ  . ARG B 1 26 ? -0.077  10.229  5.735   0.65 30.30 ? 89  ARG B CZ  1 
ATOM   652  N NH1 . ARG B 1 26 ? 0.272   9.091   6.326   0.65 30.79 ? 89  ARG B NH1 1 
ATOM   653  N NH2 . ARG B 1 26 ? -1.265  10.754  5.981   0.65 32.65 ? 89  ARG B NH2 1 
ATOM   654  N N   . VAL B 1 27 ? 5.039   6.681   3.956   1.00 20.72 ? 90  VAL B N   1 
ATOM   655  C CA  . VAL B 1 27 ? 5.374   5.271   4.192   1.00 21.29 ? 90  VAL B CA  1 
ATOM   656  C C   . VAL B 1 27 ? 4.167   4.582   4.834   1.00 22.15 ? 90  VAL B C   1 
ATOM   657  O O   . VAL B 1 27 ? 3.705   5.038   5.885   1.00 21.91 ? 90  VAL B O   1 
ATOM   658  C CB  . VAL B 1 27 ? 6.581   5.135   5.140   1.00 21.71 ? 90  VAL B CB  1 
ATOM   659  C CG1 . VAL B 1 27 ? 6.806   3.673   5.577   1.00 24.04 ? 90  VAL B CG1 1 
ATOM   660  C CG2 . VAL B 1 27 ? 7.842   5.554   4.404   1.00 23.39 ? 90  VAL B CG2 1 
ATOM   661  N N   . LEU B 1 28 ? 3.665   3.514   4.216   1.00 21.27 ? 91  LEU B N   1 
ATOM   662  C CA  . LEU B 1 28 ? 2.473   2.817   4.686   1.00 21.45 ? 91  LEU B CA  1 
ATOM   663  C C   . LEU B 1 28 ? 2.750   1.507   5.427   1.00 22.67 ? 91  LEU B C   1 
ATOM   664  O O   . LEU B 1 28 ? 1.851   1.014   6.124   1.00 23.12 ? 91  LEU B O   1 
ATOM   665  C CB  . LEU B 1 28 ? 1.474   2.602   3.538   1.00 20.71 ? 91  LEU B CB  1 
ATOM   666  C CG  . LEU B 1 28 ? 1.099   3.786   2.645   1.00 20.29 ? 91  LEU B CG  1 
ATOM   667  C CD1 . LEU B 1 28 ? 0.120   3.376   1.549   1.00 20.60 ? 91  LEU B CD1 1 
ATOM   668  C CD2 . LEU B 1 28 ? 0.618   5.039   3.371   1.00 22.62 ? 91  LEU B CD2 1 
ATOM   669  N N   . GLY B 1 29 ? 3.963   0.979   5.270   1.00 22.36 ? 92  GLY B N   1 
ATOM   670  C CA  . GLY B 1 29 ? 4.400   -0.254  5.929   1.00 22.47 ? 92  GLY B CA  1 
ATOM   671  C C   . GLY B 1 29 ? 5.693   -0.833  5.373   1.00 22.14 ? 92  GLY B C   1 
ATOM   672  O O   . GLY B 1 29 ? 6.272   -0.260  4.451   1.00 22.63 ? 92  GLY B O   1 
ATOM   673  N N   . TYR B 1 30 ? 6.154   -1.943  5.953   1.00 23.09 ? 93  TYR B N   1 
ATOM   674  C CA  . TYR B 1 30 ? 7.434   -2.537  5.576   1.00 23.19 ? 93  TYR B CA  1 
ATOM   675  C C   . TYR B 1 30 ? 7.214   -4.021  5.333   1.00 23.25 ? 93  TYR B C   1 
ATOM   676  O O   . TYR B 1 30 ? 6.262   -4.581  5.872   1.00 23.68 ? 93  TYR B O   1 
ATOM   677  C CB  . TYR B 1 30 ? 8.465   -2.352  6.699   1.00 22.41 ? 93  TYR B CB  1 
ATOM   678  C CG  . TYR B 1 30 ? 8.812   -0.902  6.961   1.00 23.26 ? 93  TYR B CG  1 
ATOM   679  C CD1 . TYR B 1 30 ? 8.089   -0.136  7.875   1.00 23.86 ? 93  TYR B CD1 1 
ATOM   680  C CD2 . TYR B 1 30 ? 9.849   -0.289  6.265   1.00 20.58 ? 93  TYR B CD2 1 
ATOM   681  C CE1 . TYR B 1 30 ? 8.410   1.204   8.090   1.00 22.09 ? 93  TYR B CE1 1 
ATOM   682  C CE2 . TYR B 1 30 ? 10.178  1.038   6.481   1.00 21.87 ? 93  TYR B CE2 1 
ATOM   683  C CZ  . TYR B 1 30 ? 9.466   1.771   7.409   1.00 22.60 ? 93  TYR B CZ  1 
ATOM   684  O OH  . TYR B 1 30 ? 9.812   3.091   7.579   1.00 24.17 ? 93  TYR B OH  1 
ATOM   685  N N   . ASN B 1 31 ? 8.108   -4.674  4.597   1.00 22.37 ? 94  ASN B N   1 
ATOM   686  C CA  . ASN B 1 31 ? 8.079   -6.140  4.493   1.00 23.06 ? 94  ASN B CA  1 
ATOM   687  C C   . ASN B 1 31 ? 8.740   -6.756  5.724   1.00 22.40 ? 94  ASN B C   1 
ATOM   688  O O   . ASN B 1 31 ? 9.173   -6.033  6.630   1.00 22.98 ? 94  ASN B O   1 
ATOM   689  C CB  . ASN B 1 31 ? 8.725   -6.650  3.199   1.00 22.62 ? 94  ASN B CB  1 
ATOM   690  C CG  . ASN B 1 31 ? 10.243  -6.583  3.231   1.00 22.91 ? 94  ASN B CG  1 
ATOM   691  O OD1 . ASN B 1 31 ? 10.798  -5.678  3.852   1.00 22.47 ? 94  ASN B OD1 1 
ATOM   692  N ND2 . ASN B 1 31 ? 10.920  -7.561  2.620   1.00 22.33 ? 94  ASN B ND2 1 
ATOM   693  N N   . HIS B 1 32 ? 8.834   -8.083  5.744   1.00 22.09 ? 95  HIS B N   1 
ATOM   694  C CA  . HIS B 1 32 ? 9.261   -8.802  6.941   1.00 22.46 ? 95  HIS B CA  1 
ATOM   695  C C   . HIS B 1 32 ? 10.679  -8.479  7.416   1.00 22.14 ? 95  HIS B C   1 
ATOM   696  O O   . HIS B 1 32 ? 10.957  -8.537  8.616   1.00 23.98 ? 95  HIS B O   1 
ATOM   697  C CB  . HIS B 1 32 ? 9.052   -10.306 6.725   1.00 22.74 ? 95  HIS B CB  1 
ATOM   698  C CG  . HIS B 1 32 ? 10.145  -10.964 5.943   1.00 25.60 ? 95  HIS B CG  1 
ATOM   699  N ND1 . HIS B 1 32 ? 10.359  -10.715 4.604   1.00 29.57 ? 95  HIS B ND1 1 
ATOM   700  C CD2 . HIS B 1 32 ? 11.101  -11.846 6.324   1.00 28.25 ? 95  HIS B CD2 1 
ATOM   701  C CE1 . HIS B 1 32 ? 11.395  -11.424 4.191   1.00 30.95 ? 95  HIS B CE1 1 
ATOM   702  N NE2 . HIS B 1 32 ? 11.863  -12.118 5.213   1.00 30.02 ? 95  HIS B NE2 1 
ATOM   703  N N   . ASN B 1 33 ? 11.599  -8.195  6.498   1.00 22.14 ? 96  ASN B N   1 
ATOM   704  C CA  . ASN B 1 33 ? 12.986  -7.926  6.890   1.00 23.11 ? 96  ASN B CA  1 
ATOM   705  C C   . ASN B 1 33 ? 13.382  -6.455  6.787   1.00 22.65 ? 96  ASN B C   1 
ATOM   706  O O   . ASN B 1 33 ? 14.530  -6.087  7.027   1.00 23.58 ? 96  ASN B O   1 
ATOM   707  C CB  . ASN B 1 33 ? 13.988  -8.797  6.120   1.00 23.93 ? 96  ASN B CB  1 
ATOM   708  C CG  . ASN B 1 33 ? 13.916  -8.592  4.615   1.00 21.72 ? 96  ASN B CG  1 
ATOM   709  O OD1 . ASN B 1 33 ? 13.383  -7.597  4.128   1.00 23.33 ? 96  ASN B OD1 1 
ATOM   710  N ND2 . ASN B 1 33 ? 14.449  -9.547  3.866   1.00 24.59 ? 96  ASN B ND2 1 
ATOM   711  N N   . GLY B 1 34 ? 12.409  -5.621  6.449   1.00 21.48 ? 97  GLY B N   1 
ATOM   712  C CA  . GLY B 1 34 ? 12.593  -4.175  6.465   1.00 21.61 ? 97  GLY B CA  1 
ATOM   713  C C   . GLY B 1 34 ? 13.283  -3.621  5.230   1.00 22.23 ? 97  GLY B C   1 
ATOM   714  O O   . GLY B 1 34 ? 13.561  -2.425  5.192   1.00 22.28 ? 97  GLY B O   1 
ATOM   715  N N   . GLU B 1 35 ? 13.618  -4.466  4.253   1.00 21.09 ? 98  GLU B N   1 
ATOM   716  C CA  . GLU B 1 35 ? 14.415  -4.014  3.110   1.00 21.30 ? 98  GLU B CA  1 
ATOM   717  C C   . GLU B 1 35 ? 13.557  -3.287  2.087   1.00 20.26 ? 98  GLU B C   1 
ATOM   718  O O   . GLU B 1 35 ? 14.059  -2.494  1.287   1.00 18.30 ? 98  GLU B O   1 
ATOM   719  C CB  . GLU B 1 35 ? 15.144  -5.180  2.429   1.00 21.19 ? 98  GLU B CB  1 
ATOM   720  C CG  . GLU B 1 35 ? 16.291  -5.745  3.259   1.00 22.66 ? 98  GLU B CG  1 
ATOM   721  C CD  . GLU B 1 35 ? 17.063  -6.815  2.510   1.00 24.78 ? 98  GLU B CD  1 
ATOM   722  O OE1 . GLU B 1 35 ? 16.610  -7.216  1.413   1.00 30.53 ? 98  GLU B OE1 1 
ATOM   723  O OE2 . GLU B 1 35 ? 18.098  -7.274  3.046   1.00 32.83 ? 98  GLU B OE2 1 
ATOM   724  N N   . TRP B 1 36 ? 12.269  -3.609  2.080   1.00 19.73 ? 99  TRP B N   1 
ATOM   725  C CA  . TRP B 1 36 ? 11.351  -3.002  1.121   1.00 20.66 ? 99  TRP B CA  1 
ATOM   726  C C   . TRP B 1 36 ? 10.273  -2.277  1.922   1.00 22.25 ? 99  TRP B C   1 
ATOM   727  O O   . TRP B 1 36 ? 9.846   -2.725  2.985   1.00 22.28 ? 99  TRP B O   1 
ATOM   728  C CB  . TRP B 1 36 ? 10.650  -4.063  0.259   1.00 20.81 ? 99  TRP B CB  1 
ATOM   729  C CG  . TRP B 1 36 ? 11.518  -4.741  -0.788  1.00 19.76 ? 99  TRP B CG  1 
ATOM   730  C CD1 . TRP B 1 36 ? 12.114  -5.983  -0.715  1.00 20.31 ? 99  TRP B CD1 1 
ATOM   731  C CD2 . TRP B 1 36 ? 11.852  -4.211  -2.076  1.00 20.37 ? 99  TRP B CD2 1 
ATOM   732  N NE1 . TRP B 1 36 ? 12.793  -6.233  -1.881  1.00 19.00 ? 99  TRP B NE1 1 
ATOM   733  C CE2 . TRP B 1 36 ? 12.639  -5.177  -2.744  1.00 19.64 ? 99  TRP B CE2 1 
ATOM   734  C CE3 . TRP B 1 36 ? 11.522  -3.030  -2.746  1.00 19.70 ? 99  TRP B CE3 1 
ATOM   735  C CZ2 . TRP B 1 36 ? 13.138  -4.980  -4.037  1.00 20.51 ? 99  TRP B CZ2 1 
ATOM   736  C CZ3 . TRP B 1 36 ? 12.009  -2.838  -4.019  1.00 18.39 ? 99  TRP B CZ3 1 
ATOM   737  C CH2 . TRP B 1 36 ? 12.831  -3.796  -4.659  1.00 21.31 ? 99  TRP B CH2 1 
ATOM   738  N N   . CYS B 1 37 ? 9.828   -1.149  1.386   1.00 21.60 ? 100 CYS B N   1 
ATOM   739  C CA  . CYS B 1 37 ? 8.732   -0.473  2.071   1.00 22.85 ? 100 CYS B CA  1 
ATOM   740  C C   . CYS B 1 37 ? 7.655   0.009   1.106   1.00 20.73 ? 100 CYS B C   1 
ATOM   741  O O   . CYS B 1 37 ? 7.928   0.288   -0.057  1.00 20.22 ? 100 CYS B O   1 
ATOM   742  C CB  . CYS B 1 37 ? 9.249   0.625   2.975   1.00 23.93 ? 100 CYS B CB  1 
ATOM   743  S SG  . CYS B 1 37 ? 9.615   2.168   2.174   1.00 31.30 ? 100 CYS B SG  1 
ATOM   744  N N   . GLU B 1 38 ? 6.420   0.073   1.592   1.00 18.88 ? 101 GLU B N   1 
ATOM   745  C CA  . GLU B 1 38 ? 5.276   0.422   0.760   1.00 18.35 ? 101 GLU B CA  1 
ATOM   746  C C   . GLU B 1 38 ? 5.133   1.938   0.806   1.00 18.54 ? 101 GLU B C   1 
ATOM   747  O O   . GLU B 1 38 ? 4.910   2.516   1.879   1.00 18.85 ? 101 GLU B O   1 
ATOM   748  C CB  . GLU B 1 38 ? 3.998   -0.276  1.246   1.00 17.97 ? 101 GLU B CB  1 
ATOM   749  C CG  . GLU B 1 38 ? 2.697   0.095   0.524   1.00 21.25 ? 101 GLU B CG  1 
ATOM   750  C CD  . GLU B 1 38 ? 2.628   -0.370  -0.928  1.00 25.68 ? 101 GLU B CD  1 
ATOM   751  O OE1 . GLU B 1 38 ? 3.450   -1.188  -1.374  1.00 27.44 ? 101 GLU B OE1 1 
ATOM   752  O OE2 . GLU B 1 38 ? 1.715   0.097   -1.636  1.00 27.37 ? 101 GLU B OE2 1 
ATOM   753  N N   . ALA B 1 39 ? 5.246   2.580   -0.356  1.00 21.41 ? 102 ALA B N   1 
ATOM   754  C CA  . ALA B 1 39 ? 5.244   4.049   -0.398  1.00 22.87 ? 102 ALA B CA  1 
ATOM   755  C C   . ALA B 1 39 ? 4.004   4.564   -1.120  1.00 22.41 ? 102 ALA B C   1 
ATOM   756  O O   . ALA B 1 39 ? 3.475   3.839   -1.965  1.00 22.39 ? 102 ALA B O   1 
ATOM   757  C CB  . ALA B 1 39 ? 6.477   4.522   -1.144  1.00 24.75 ? 102 ALA B CB  1 
ATOM   758  N N   . GLN B 1 40 ? 3.584   5.798   -0.848  1.00 20.63 ? 103 GLN B N   1 
ATOM   759  C CA  . GLN B 1 40 ? 2.570   6.467   -1.676  1.00 19.99 ? 103 GLN B CA  1 
ATOM   760  C C   . GLN B 1 40 ? 3.123   7.852   -2.039  1.00 21.42 ? 103 GLN B C   1 
ATOM   761  O O   . GLN B 1 40 ? 3.522   8.649   -1.179  1.00 20.48 ? 103 GLN B O   1 
ATOM   762  C CB  . GLN B 1 40 ? 1.238   6.605   -0.911  1.00 19.89 ? 103 GLN B CB  1 
ATOM   763  C CG  . GLN B 1 40 ? 0.114   7.327   -1.673  1.00 17.32 ? 103 GLN B CG  1 
ATOM   764  C CD  . GLN B 1 40 ? -1.171  7.419   -0.879  1.00 20.32 ? 103 GLN B CD  1 
ATOM   765  O OE1 . GLN B 1 40 ? -1.681  8.501   -0.548  1.00 21.58 ? 103 GLN B OE1 1 
ATOM   766  N NE2 . GLN B 1 40 ? -1.710  6.250   -0.580  1.00 19.68 ? 103 GLN B NE2 1 
ATOM   767  N N   . THR B 1 41 ? 3.122   8.130   -3.339  1.00 21.55 ? 104 THR B N   1 
ATOM   768  C CA  . THR B 1 41 ? 3.511   9.429   -3.873  1.00 22.90 ? 104 THR B CA  1 
ATOM   769  C C   . THR B 1 41 ? 2.331   10.010  -4.639  1.00 23.20 ? 104 THR B C   1 
ATOM   770  O O   . THR B 1 41 ? 1.229   9.448   -4.669  1.00 23.80 ? 104 THR B O   1 
ATOM   771  C CB  . THR B 1 41 ? 4.709   9.296   -4.838  1.00 21.77 ? 104 THR B CB  1 
ATOM   772  O OG1 . THR B 1 41 ? 4.267   8.601   -6.010  1.00 23.37 ? 104 THR B OG1 1 
ATOM   773  C CG2 . THR B 1 41 ? 5.884   8.564   -4.213  1.00 22.14 ? 104 THR B CG2 1 
ATOM   774  N N   . LYS B 1 42 ? 2.541   11.164  -5.267  1.00 24.59 ? 105 LYS B N   1 
ATOM   775  C CA  . LYS B 1 42 ? 1.497   11.731  -6.113  1.00 25.50 ? 105 LYS B CA  1 
ATOM   776  C C   . LYS B 1 42 ? 1.188   10.868  -7.334  1.00 26.06 ? 105 LYS B C   1 
ATOM   777  O O   . LYS B 1 42 ? 0.159   11.058  -7.972  1.00 26.98 ? 105 LYS B O   1 
ATOM   778  C CB  . LYS B 1 42 ? 1.845   13.161  -6.551  1.00 26.90 ? 105 LYS B CB  1 
ATOM   779  C CG  . LYS B 1 42 ? 3.228   13.304  -7.183  1.00 29.33 ? 105 LYS B CG  1 
ATOM   780  C CD  . LYS B 1 42 ? 3.306   14.548  -8.068  1.00 35.69 ? 105 LYS B CD  1 
ATOM   781  C CE  . LYS B 1 42 ? 4.683   15.199  -8.027  1.00 37.21 ? 105 LYS B CE  1 
ATOM   782  N NZ  . LYS B 1 42 ? 5.811   14.260  -8.297  1.00 39.61 ? 105 LYS B NZ  1 
ATOM   783  N N   . ASN B 1 43 ? 2.086   9.958   -7.688  1.00 26.39 ? 106 ASN B N   1 
ATOM   784  C CA  . ASN B 1 43 ? 1.932   9.121   -8.877  1.00 26.89 ? 106 ASN B CA  1 
ATOM   785  C C   . ASN B 1 43 ? 1.347   7.740   -8.576  1.00 26.07 ? 106 ASN B C   1 
ATOM   786  O O   . ASN B 1 43 ? 0.981   7.019   -9.505  1.00 28.51 ? 106 ASN B O   1 
ATOM   787  C CB  . ASN B 1 43 ? 3.285   8.910   -9.573  1.00 27.28 ? 106 ASN B CB  1 
ATOM   788  C CG  . ASN B 1 43 ? 3.860   10.180  -10.182 1.00 28.75 ? 106 ASN B CG  1 
ATOM   789  O OD1 . ASN B 1 43 ? 5.063   10.433  -10.082 1.00 33.05 ? 106 ASN B OD1 1 
ATOM   790  N ND2 . ASN B 1 43 ? 3.013   10.997  -10.787 1.00 25.02 ? 106 ASN B ND2 1 
ATOM   791  N N   . GLY B 1 44 ? 1.199   7.365   -7.311  1.00 23.66 ? 107 GLY B N   1 
ATOM   792  C CA  . GLY B 1 44 ? 0.563   6.089   -6.972  1.00 22.77 ? 107 GLY B CA  1 
ATOM   793  C C   . GLY B 1 44 ? 1.233   5.390   -5.801  1.00 21.46 ? 107 GLY B C   1 
ATOM   794  O O   . GLY B 1 44 ? 1.877   6.053   -4.993  1.00 22.67 ? 107 GLY B O   1 
ATOM   795  N N   . GLN B 1 45 ? 1.111   4.067   -5.714  1.00 20.95 ? 108 GLN B N   1 
ATOM   796  C CA  . GLN B 1 45 ? 1.635   3.273   -4.596  1.00 21.07 ? 108 GLN B CA  1 
ATOM   797  C C   . GLN B 1 45 ? 2.490   2.119   -5.109  1.00 21.09 ? 108 GLN B C   1 
ATOM   798  O O   . GLN B 1 45 ? 2.334   1.645   -6.240  1.00 21.52 ? 108 GLN B O   1 
ATOM   799  C CB  . GLN B 1 45 ? 0.472   2.672   -3.785  1.00 20.81 ? 108 GLN B CB  1 
ATOM   800  C CG  . GLN B 1 45 ? -0.386  3.652   -3.001  1.00 21.81 ? 108 GLN B CG  1 
ATOM   801  C CD  . GLN B 1 45 ? -1.384  2.875   -2.135  1.00 21.32 ? 108 GLN B CD  1 
ATOM   802  O OE1 . GLN B 1 45 ? -1.499  1.650   -2.267  1.00 27.76 ? 108 GLN B OE1 1 
ATOM   803  N NE2 . GLN B 1 45 ? -2.047  3.552   -1.209  1.00 18.14 ? 108 GLN B NE2 1 
ATOM   804  N N   . GLY B 1 46 ? 3.404   1.688   -4.247  1.00 20.53 ? 109 GLY B N   1 
ATOM   805  C CA  . GLY B 1 46 ? 4.161   0.475   -4.509  1.00 21.51 ? 109 GLY B CA  1 
ATOM   806  C C   . GLY B 1 46 ? 5.385   0.340   -3.633  1.00 21.37 ? 109 GLY B C   1 
ATOM   807  O O   . GLY B 1 46 ? 5.723   1.241   -2.860  1.00 23.28 ? 109 GLY B O   1 
ATOM   808  N N   . TRP B 1 47 ? 6.070   -0.782  -3.818  1.00 20.45 ? 110 TRP B N   1 
ATOM   809  C CA  . TRP B 1 47 ? 7.264   -1.063  -3.022  1.00 21.18 ? 110 TRP B CA  1 
ATOM   810  C C   . TRP B 1 47 ? 8.500   -0.318  -3.522  1.00 22.05 ? 110 TRP B C   1 
ATOM   811  O O   . TRP B 1 47 ? 8.763   -0.258  -4.730  1.00 22.34 ? 110 TRP B O   1 
ATOM   812  C CB  . TRP B 1 47 ? 7.552   -2.571  -2.998  1.00 22.04 ? 110 TRP B CB  1 
ATOM   813  C CG  . TRP B 1 47 ? 6.440   -3.394  -2.387  1.00 20.00 ? 110 TRP B CG  1 
ATOM   814  C CD1 . TRP B 1 47 ? 5.466   -4.100  -3.055  1.00 22.89 ? 110 TRP B CD1 1 
ATOM   815  C CD2 . TRP B 1 47 ? 6.183   -3.592  -0.984  1.00 21.38 ? 110 TRP B CD2 1 
ATOM   816  N NE1 . TRP B 1 47 ? 4.613   -4.699  -2.143  1.00 26.17 ? 110 TRP B NE1 1 
ATOM   817  C CE2 . TRP B 1 47 ? 5.080   -4.465  -0.875  1.00 23.70 ? 110 TRP B CE2 1 
ATOM   818  C CE3 . TRP B 1 47 ? 6.854   -3.210  0.187   1.00 22.64 ? 110 TRP B CE3 1 
ATOM   819  C CZ2 . TRP B 1 47 ? 4.551   -4.850  0.369   1.00 24.33 ? 110 TRP B CZ2 1 
ATOM   820  C CZ3 . TRP B 1 47 ? 6.329   -3.601  1.423   1.00 22.96 ? 110 TRP B CZ3 1 
ATOM   821  C CH2 . TRP B 1 47 ? 5.195   -4.423  1.501   1.00 21.52 ? 110 TRP B CH2 1 
ATOM   822  N N   . VAL B 1 48 ? 9.272   0.229   -2.587  1.00 21.74 ? 111 VAL B N   1 
ATOM   823  C CA  . VAL B 1 48 ? 10.566  0.862   -2.911  1.00 21.31 ? 111 VAL B CA  1 
ATOM   824  C C   . VAL B 1 48 ? 11.622  0.428   -1.895  1.00 21.53 ? 111 VAL B C   1 
ATOM   825  O O   . VAL B 1 48 ? 11.267  -0.045  -0.817  1.00 22.54 ? 111 VAL B O   1 
ATOM   826  C CB  . VAL B 1 48 ? 10.487  2.420   -2.872  1.00 23.75 ? 111 VAL B CB  1 
ATOM   827  C CG1 . VAL B 1 48 ? 9.350   2.908   -3.759  1.00 24.34 ? 111 VAL B CG1 1 
ATOM   828  C CG2 . VAL B 1 48 ? 10.200  2.929   -1.449  1.00 23.39 ? 111 VAL B CG2 1 
ATOM   829  N N   . PRO B 1 49 ? 12.916  0.579   -2.213  1.00 21.79 ? 112 PRO B N   1 
ATOM   830  C CA  . PRO B 1 49 ? 13.932  0.192   -1.220  1.00 20.89 ? 112 PRO B CA  1 
ATOM   831  C C   . PRO B 1 49 ? 13.934  1.092   0.021   1.00 20.95 ? 112 PRO B C   1 
ATOM   832  O O   . PRO B 1 49 ? 13.982  2.316   -0.132  1.00 21.43 ? 112 PRO B O   1 
ATOM   833  C CB  . PRO B 1 49 ? 15.261  0.343   -1.993  1.00 22.15 ? 112 PRO B CB  1 
ATOM   834  C CG  . PRO B 1 49 ? 14.861  0.370   -3.469  1.00 21.33 ? 112 PRO B CG  1 
ATOM   835  C CD  . PRO B 1 49 ? 13.503  1.044   -3.483  1.00 21.79 ? 112 PRO B CD  1 
ATOM   836  N N   . SER B 1 50 ? 13.864  0.530   1.234   1.00 20.07 ? 113 SER B N   1 
ATOM   837  C CA  . SER B 1 50 ? 13.924  1.356   2.453   1.00 21.07 ? 113 SER B CA  1 
ATOM   838  C C   . SER B 1 50 ? 15.190  2.207   2.542   1.00 21.96 ? 113 SER B C   1 
ATOM   839  O O   . SER B 1 50 ? 15.145  3.329   3.073   1.00 22.05 ? 113 SER B O   1 
ATOM   840  C CB  . SER B 1 50 ? 13.873  0.456   3.698   1.00 22.06 ? 113 SER B CB  1 
ATOM   841  O OG  . SER B 1 50 ? 12.633  -0.224  3.609   1.00 25.17 ? 113 SER B OG  1 
ATOM   842  N N   . ALA B 1 51 ? 16.312  1.676   2.051   1.00 21.26 ? 114 ALA B N   1 
ATOM   843  C CA  . ALA B 1 51 ? 17.565  2.448   2.075   1.00 20.94 ? 114 ALA B CA  1 
ATOM   844  C C   . ALA B 1 51 ? 17.587  3.674   1.149   1.00 21.07 ? 114 ALA B C   1 
ATOM   845  O O   . ALA B 1 51 ? 18.501  4.492   1.258   1.00 21.21 ? 114 ALA B O   1 
ATOM   846  C CB  . ALA B 1 51 ? 18.775  1.559   1.766   1.00 22.09 ? 114 ALA B CB  1 
ATOM   847  N N   . TYR B 1 52 ? 16.606  3.832   0.259   1.00 21.03 ? 115 TYR B N   1 
ATOM   848  C CA  . TYR B 1 52 ? 16.559  4.947   -0.706  1.00 21.65 ? 115 TYR B CA  1 
ATOM   849  C C   . TYR B 1 52 ? 15.797  6.171   -0.172  1.00 22.04 ? 115 TYR B C   1 
ATOM   850  O O   . TYR B 1 52 ? 15.679  7.178   -0.881  1.00 24.57 ? 115 TYR B O   1 
ATOM   851  C CB  . TYR B 1 52 ? 15.968  4.508   -2.063  1.00 21.48 ? 115 TYR B CB  1 
ATOM   852  C CG  . TYR B 1 52 ? 16.955  3.843   -3.000  1.00 20.21 ? 115 TYR B CG  1 
ATOM   853  C CD1 . TYR B 1 52 ? 17.886  2.915   -2.523  1.00 21.24 ? 115 TYR B CD1 1 
ATOM   854  C CD2 . TYR B 1 52 ? 16.923  4.102   -4.367  1.00 19.70 ? 115 TYR B CD2 1 
ATOM   855  C CE1 . TYR B 1 52 ? 18.742  2.251   -3.406  1.00 22.05 ? 115 TYR B CE1 1 
ATOM   856  C CE2 . TYR B 1 52 ? 17.792  3.465   -5.251  1.00 22.97 ? 115 TYR B CE2 1 
ATOM   857  C CZ  . TYR B 1 52 ? 18.704  2.543   -4.756  1.00 22.38 ? 115 TYR B CZ  1 
ATOM   858  O OH  . TYR B 1 52 ? 19.548  1.952   -5.678  1.00 23.85 ? 115 TYR B OH  1 
ATOM   859  N N   . ILE B 1 53 ? 15.302  6.102   1.057   1.00 22.36 ? 116 ILE B N   1 
ATOM   860  C CA  . ILE B 1 53 ? 14.436  7.161   1.596   1.00 21.84 ? 116 ILE B CA  1 
ATOM   861  C C   . ILE B 1 53 ? 14.895  7.643   2.975   1.00 21.84 ? 116 ILE B C   1 
ATOM   862  O O   . ILE B 1 53 ? 15.546  6.892   3.708   1.00 21.64 ? 116 ILE B O   1 
ATOM   863  C CB  . ILE B 1 53 ? 12.948  6.742   1.606   1.00 22.46 ? 116 ILE B CB  1 
ATOM   864  C CG1 . ILE B 1 53 ? 12.689  5.686   2.690   1.00 24.97 ? 116 ILE B CG1 1 
ATOM   865  C CG2 . ILE B 1 53 ? 12.472  6.367   0.182   1.00 23.17 ? 116 ILE B CG2 1 
ATOM   866  C CD1 . ILE B 1 53 ? 11.217  5.491   3.043   1.00 26.73 ? 116 ILE B CD1 1 
ATOM   867  N N   . THR B 1 54 ? 14.561  8.876   3.347   1.00 19.38 ? 117 THR B N   1 
ATOM   868  C CA  . THR B 1 54 ? 14.973  9.408   4.649   1.00 20.97 ? 117 THR B CA  1 
ATOM   869  C C   . THR B 1 54 ? 13.944  10.461  5.068   1.00 20.59 ? 117 THR B C   1 
ATOM   870  O O   . THR B 1 54 ? 13.240  11.018  4.221   1.00 19.15 ? 117 THR B O   1 
ATOM   871  C CB  . THR B 1 54 ? 16.408  9.979   4.547   1.00 20.81 ? 117 THR B CB  1 
ATOM   872  O OG1 . THR B 1 54 ? 16.963  10.162  5.859   1.00 24.08 ? 117 THR B OG1 1 
ATOM   873  C CG2 . THR B 1 54 ? 16.373  11.331  3.818   1.00 23.81 ? 117 THR B CG2 1 
ATOM   874  N N   . PRO B 1 55 ? 13.787  10.746  6.370   1.00 22.27 ? 118 PRO B N   1 
ATOM   875  C CA  . PRO B 1 55 ? 12.682  11.656  6.675   1.00 21.88 ? 118 PRO B CA  1 
ATOM   876  C C   . PRO B 1 55 ? 12.929  13.119  6.252   1.00 23.09 ? 118 PRO B C   1 
ATOM   877  O O   . PRO B 1 55 ? 14.087  13.531  6.174   1.00 22.38 ? 118 PRO B O   1 
ATOM   878  C CB  . PRO B 1 55 ? 12.461  11.419  8.174   1.00 23.89 ? 118 PRO B CB  1 
ATOM   879  C CG  . PRO B 1 55 ? 13.821  10.979  8.705   1.00 24.11 ? 118 PRO B CG  1 
ATOM   880  C CD  . PRO B 1 55 ? 14.527  10.306  7.571   1.00 23.36 ? 118 PRO B CD  1 
ATOM   881  N N   . VAL B 1 56 ? 11.888  13.879  5.906   1.00 23.05 ? 119 VAL B N   1 
ATOM   882  C CA  . VAL B 1 56 ? 12.088  15.163  5.220   1.00 25.20 ? 119 VAL B CA  1 
ATOM   883  C C   . VAL B 1 56 ? 12.842  16.136  6.122   1.00 25.32 ? 119 VAL B C   1 
ATOM   884  O O   . VAL B 1 56 ? 12.356  16.476  7.199   1.00 27.55 ? 119 VAL B O   1 
ATOM   885  C CB  . VAL B 1 56 ? 10.786  15.841  4.716   1.00 24.90 ? 119 VAL B CB  1 
ATOM   886  C CG1 . VAL B 1 56 ? 11.066  17.229  4.150   1.00 28.97 ? 119 VAL B CG1 1 
ATOM   887  C CG2 . VAL B 1 56 ? 10.105  15.057  3.618   1.00 26.56 ? 119 VAL B CG2 1 
HETATM 888  C C   . ACE C 2 1  ? -3.880  8.545   2.346   1.00 21.68 ? 0   ACE C C   1 
HETATM 889  O O   . ACE C 2 1  ? -4.068  8.502   1.133   1.00 20.85 ? 0   ACE C O   1 
HETATM 890  C CH3 . ACE C 2 1  ? -2.607  9.163   2.870   1.00 23.26 ? 0   ACE C CH3 1 
ATOM   891  N N   . ALA C 2 2  ? -4.759  8.067   3.226   1.00 22.10 ? 1   ALA C N   1 
ATOM   892  C CA  . ALA C 2 2  ? -6.080  7.563   2.815   1.00 20.87 ? 1   ALA C CA  1 
ATOM   893  C C   . ALA C 2 2  ? -7.023  8.663   2.302   1.00 21.19 ? 1   ALA C C   1 
ATOM   894  O O   . ALA C 2 2  ? -6.770  9.852   2.519   1.00 21.79 ? 1   ALA C O   1 
ATOM   895  C CB  . ALA C 2 2  ? -6.710  6.837   4.023   1.00 20.68 ? 1   ALA C CB  1 
ATOM   896  N N   . PRO C 2 3  ? -8.124  8.310   1.608   1.00 21.37 ? 2   PRO C N   1 
ATOM   897  C CA  . PRO C 2 3  ? -9.109  9.297   1.176   1.00 22.90 ? 2   PRO C CA  1 
ATOM   898  C C   . PRO C 2 3  ? -9.669  10.089  2.356   1.00 21.93 ? 2   PRO C C   1 
ATOM   899  O O   . PRO C 2 3  ? -9.767  9.513   3.434   1.00 21.66 ? 2   PRO C O   1 
ATOM   900  C CB  . PRO C 2 3  ? -10.226 8.452   0.546   1.00 23.69 ? 2   PRO C CB  1 
ATOM   901  C CG  . PRO C 2 3  ? -9.598  7.143   0.192   1.00 22.70 ? 2   PRO C CG  1 
ATOM   902  C CD  . PRO C 2 3  ? -8.511  6.939   1.228   1.00 21.99 ? 2   PRO C CD  1 
ATOM   903  N N   . SER C 2 4  ? -9.982  11.375  2.183   1.00 22.63 ? 3   SER C N   1 
ATOM   904  C CA  . SER C 2 4  ? -10.572 12.198  3.241   1.00 22.74 ? 3   SER C CA  1 
ATOM   905  C C   . SER C 2 4  ? -12.074 11.958  3.367   1.00 23.37 ? 3   SER C C   1 
ATOM   906  O O   . SER C 2 4  ? -12.689 12.283  4.384   1.00 24.30 ? 3   SER C O   1 
ATOM   907  C CB  . SER C 2 4  ? -10.324 13.689  2.967   1.00 23.45 ? 3   SER C CB  1 
ATOM   908  O OG  . SER C 2 4  ? -8.919  13.923  2.915   1.00 24.87 ? 3   SER C OG  1 
ATOM   909  N N   . TYR C 2 5  ? -12.687 11.410  2.321   1.00 23.22 ? 4   TYR C N   1 
ATOM   910  C CA  . TYR C 2 5  ? -14.141 11.242  2.351   1.00 22.33 ? 4   TYR C CA  1 
ATOM   911  C C   . TYR C 2 5  ? -14.487 9.932   3.061   1.00 22.37 ? 4   TYR C C   1 
ATOM   912  O O   . TYR C 2 5  ? -13.574 9.177   3.414   1.00 24.23 ? 4   TYR C O   1 
ATOM   913  C CB  . TYR C 2 5  ? -14.748 11.320  0.947   1.00 21.99 ? 4   TYR C CB  1 
ATOM   914  C CG  . TYR C 2 5  ? -14.030 10.463  -0.080  1.00 21.64 ? 4   TYR C CG  1 
ATOM   915  C CD1 . TYR C 2 5  ? -14.267 9.091   -0.191  1.00 21.40 ? 4   TYR C CD1 1 
ATOM   916  C CD2 . TYR C 2 5  ? -13.101 11.049  -0.936  1.00 23.49 ? 4   TYR C CD2 1 
ATOM   917  C CE1 . TYR C 2 5  ? -13.611 8.338   -1.172  1.00 22.71 ? 4   TYR C CE1 1 
ATOM   918  C CE2 . TYR C 2 5  ? -12.419 10.304  -1.887  1.00 23.39 ? 4   TYR C CE2 1 
ATOM   919  C CZ  . TYR C 2 5  ? -12.682 8.949   -1.995  1.00 24.18 ? 4   TYR C CZ  1 
ATOM   920  O OH  . TYR C 2 5  ? -12.036 8.258   -3.000  1.00 24.91 ? 4   TYR C OH  1 
ATOM   921  N N   . SER C 2 6  ? -15.779 9.700   3.289   1.00 22.18 ? 5   SER C N   1 
ATOM   922  C CA  A SER C 2 6  ? -16.213 8.482   3.974   0.50 21.51 ? 5   SER C CA  1 
ATOM   923  C CA  B SER C 2 6  ? -16.281 8.493   3.956   0.50 21.53 ? 5   SER C CA  1 
ATOM   924  C C   . SER C 2 6  ? -16.220 7.278   3.029   1.00 21.86 ? 5   SER C C   1 
ATOM   925  O O   . SER C 2 6  ? -16.550 7.414   1.844   1.00 22.10 ? 5   SER C O   1 
ATOM   926  C CB  A SER C 2 6  ? -17.604 8.688   4.579   0.50 22.43 ? 5   SER C CB  1 
ATOM   927  C CB  B SER C 2 6  ? -17.750 8.715   4.328   0.50 22.05 ? 5   SER C CB  1 
ATOM   928  O OG  A SER C 2 6  ? -17.538 9.518   5.729   0.50 19.20 ? 5   SER C OG  1 
ATOM   929  O OG  B SER C 2 6  ? -18.254 7.655   5.125   0.50 19.70 ? 5   SER C OG  1 
ATOM   930  N N   . PRO C 2 7  ? -15.895 6.086   3.557   1.00 21.30 ? 6   PRO C N   1 
ATOM   931  C CA  . PRO C 2 7  ? -16.133 4.878   2.756   1.00 21.52 ? 6   PRO C CA  1 
ATOM   932  C C   . PRO C 2 7  ? -17.640 4.620   2.666   1.00 22.47 ? 6   PRO C C   1 
ATOM   933  O O   . PRO C 2 7  ? -18.386 5.136   3.500   1.00 22.71 ? 6   PRO C O   1 
ATOM   934  C CB  . PRO C 2 7  ? -15.418 3.774   3.553   1.00 22.66 ? 6   PRO C CB  1 
ATOM   935  C CG  . PRO C 2 7  ? -15.390 4.259   4.951   1.00 22.07 ? 6   PRO C CG  1 
ATOM   936  C CD  . PRO C 2 7  ? -15.360 5.770   4.895   1.00 22.49 ? 6   PRO C CD  1 
ATOM   937  N N   . PRO C 2 8  ? -18.119 3.900   1.637   1.00 21.41 ? 7   PRO C N   1 
ATOM   938  C CA  . PRO C 2 8  ? -19.553 3.614   1.572   1.00 21.72 ? 7   PRO C CA  1 
ATOM   939  C C   . PRO C 2 8  ? -19.978 2.622   2.654   1.00 21.45 ? 7   PRO C C   1 
ATOM   940  O O   . PRO C 2 8  ? -19.189 1.738   3.028   1.00 20.57 ? 7   PRO C O   1 
ATOM   941  C CB  . PRO C 2 8  ? -19.729 2.968   0.194   1.00 21.53 ? 7   PRO C CB  1 
ATOM   942  C CG  . PRO C 2 8  ? -18.375 2.518   -0.225  1.00 22.37 ? 7   PRO C CG  1 
ATOM   943  C CD  . PRO C 2 8  ? -17.379 3.390   0.469   1.00 22.81 ? 7   PRO C CD  1 
ATOM   944  N N   . PRO C 2 9  ? -21.215 2.768   3.146   1.00 21.74 ? 8   PRO C N   1 
ATOM   945  C CA  . PRO C 2 9  ? -21.795 1.810   4.091   1.00 21.97 ? 8   PRO C CA  1 
ATOM   946  C C   . PRO C 2 9  ? -21.811 0.397   3.505   1.00 22.23 ? 8   PRO C C   1 
ATOM   947  O O   . PRO C 2 9  ? -21.891 0.264   2.285   1.00 21.35 ? 8   PRO C O   1 
ATOM   948  C CB  . PRO C 2 9  ? -23.238 2.296   4.240   1.00 22.01 ? 8   PRO C CB  1 
ATOM   949  C CG  . PRO C 2 9  ? -23.183 3.745   3.917   1.00 24.32 ? 8   PRO C CG  1 
ATOM   950  C CD  . PRO C 2 9  ? -22.148 3.861   2.823   1.00 20.82 ? 8   PRO C CD  1 
ATOM   951  N N   . PRO C 2 10 ? -21.693 -0.644  4.350   1.00 22.84 ? 9   PRO C N   1 
ATOM   952  C CA  . PRO C 2 10 ? -21.919 -2.020  3.910   1.00 23.73 ? 9   PRO C CA  1 
ATOM   953  C C   . PRO C 2 10 ? -23.262 -2.094  3.189   1.00 24.65 ? 9   PRO C C   1 
ATOM   954  O O   . PRO C 2 10 ? -24.205 -1.413  3.597   1.00 24.31 ? 9   PRO C O   1 
ATOM   955  C CB  . PRO C 2 10 ? -22.017 -2.785  5.234   1.00 23.89 ? 9   PRO C CB  1 
ATOM   956  C CG  . PRO C 2 10 ? -21.039 -2.058  6.098   1.00 23.98 ? 9   PRO C CG  1 
ATOM   957  C CD  . PRO C 2 10 ? -21.309 -0.602  5.773   1.00 23.00 ? 9   PRO C CD  1 
ATOM   958  N N   . PRO C 2 11 ? -23.342 -2.877  2.104   1.00 25.35 ? 10  PRO C N   1 
ATOM   959  C CA  . PRO C 2 11 ? -24.599 -2.990  1.371   1.00 25.95 ? 10  PRO C CA  1 
ATOM   960  C C   . PRO C 2 11 ? -25.642 -3.878  2.050   1.00 26.44 ? 10  PRO C C   1 
ATOM   961  O O   . PRO C 2 11 ? -25.386 -4.818  2.810   1.00 26.36 ? 10  PRO C O   1 
ATOM   962  C CB  . PRO C 2 11 ? -24.175 -3.598  0.031   1.00 26.28 ? 10  PRO C CB  1 
ATOM   963  C CG  . PRO C 2 11 ? -22.902 -4.346  0.321   1.00 26.22 ? 10  PRO C CG  1 
ATOM   964  C CD  . PRO C 2 11 ? -22.261 -3.684  1.508   1.00 25.65 ? 10  PRO C CD  1 
ATOM   965  O OXT . PRO C 2 11 ? -26.827 -3.651  1.817   1.00 26.96 ? 10  PRO C OXT 1 
HETATM 966  C C   . ACE D 2 1  ? 4.733   -8.240  -1.244  1.00 25.12 ? 0   ACE D C   1 
HETATM 967  O O   . ACE D 2 1  ? 4.582   -8.140  -2.462  1.00 25.30 ? 0   ACE D O   1 
HETATM 968  C CH3 . ACE D 2 1  ? 3.775   -8.961  -0.338  1.00 27.21 ? 0   ACE D CH3 1 
ATOM   969  N N   . ALA D 2 2  ? 5.924   -8.075  -0.678  1.00 23.53 ? 1   ALA D N   1 
ATOM   970  C CA  . ALA D 2 2  ? 7.021   -7.427  -1.382  1.00 21.81 ? 1   ALA D CA  1 
ATOM   971  C C   . ALA D 2 2  ? 7.740   -8.418  -2.312  1.00 21.73 ? 1   ALA D C   1 
ATOM   972  O O   . ALA D 2 2  ? 7.521   -9.632  -2.213  1.00 20.62 ? 1   ALA D O   1 
ATOM   973  C CB  . ALA D 2 2  ? 7.981   -6.865  -0.341  1.00 22.07 ? 1   ALA D CB  1 
ATOM   974  N N   . PRO D 2 3  ? 8.601   -7.923  -3.219  1.00 21.46 ? 2   PRO D N   1 
ATOM   975  C CA  . PRO D 2 3  ? 9.412   -8.794  -4.079  1.00 22.39 ? 2   PRO D CA  1 
ATOM   976  C C   . PRO D 2 3  ? 10.314  -9.720  -3.268  1.00 22.56 ? 2   PRO D C   1 
ATOM   977  O O   . PRO D 2 3  ? 10.726  -9.347  -2.170  1.00 22.41 ? 2   PRO D O   1 
ATOM   978  C CB  . PRO D 2 3  ? 10.269  -7.812  -4.887  1.00 22.88 ? 2   PRO D CB  1 
ATOM   979  C CG  . PRO D 2 3  ? 9.503   -6.530  -4.837  1.00 21.65 ? 2   PRO D CG  1 
ATOM   980  C CD  . PRO D 2 3  ? 8.867   -6.495  -3.483  1.00 22.15 ? 2   PRO D CD  1 
ATOM   981  N N   . SER D 2 4  ? 10.567  -10.928 -3.773  1.00 22.83 ? 3   SER D N   1 
ATOM   982  C CA  . SER D 2 4  ? 11.422  -11.904 -3.110  1.00 22.64 ? 3   SER D CA  1 
ATOM   983  C C   . SER D 2 4  ? 12.911  -11.628 -3.325  1.00 22.35 ? 3   SER D C   1 
ATOM   984  O O   . SER D 2 4  ? 13.776  -12.130 -2.595  1.00 22.56 ? 3   SER D O   1 
ATOM   985  C CB  . SER D 2 4  ? 11.110  -13.299 -3.662  1.00 23.46 ? 3   SER D CB  1 
ATOM   986  O OG  . SER D 2 4  ? 9.774   -13.660 -3.362  1.00 27.89 ? 3   SER D OG  1 
ATOM   987  N N   . TYR D 2 5  ? 13.219  -10.884 -4.381  1.00 21.37 ? 4   TYR D N   1 
ATOM   988  C CA  . TYR D 2 5  ? 14.618  -10.589 -4.672  1.00 21.91 ? 4   TYR D CA  1 
ATOM   989  C C   . TYR D 2 5  ? 15.048  -9.374  -3.849  1.00 22.37 ? 4   TYR D C   1 
ATOM   990  O O   . TYR D 2 5  ? 14.220  -8.706  -3.221  1.00 24.11 ? 4   TYR D O   1 
ATOM   991  C CB  . TYR D 2 5  ? 14.836  -10.335 -6.169  1.00 21.28 ? 4   TYR D CB  1 
ATOM   992  C CG  . TYR D 2 5  ? 13.849  -9.390  -6.827  1.00 20.91 ? 4   TYR D CG  1 
ATOM   993  C CD1 . TYR D 2 5  ? 13.968  -8.007  -6.695  1.00 21.66 ? 4   TYR D CD1 1 
ATOM   994  C CD2 . TYR D 2 5  ? 12.788  -9.891  -7.584  1.00 22.11 ? 4   TYR D CD2 1 
ATOM   995  C CE1 . TYR D 2 5  ? 13.074  -7.140  -7.317  1.00 24.04 ? 4   TYR D CE1 1 
ATOM   996  C CE2 . TYR D 2 5  ? 11.893  -9.043  -8.217  1.00 22.01 ? 4   TYR D CE2 1 
ATOM   997  C CZ  . TYR D 2 5  ? 12.047  -7.666  -8.076  1.00 23.12 ? 4   TYR D CZ  1 
ATOM   998  O OH  . TYR D 2 5  ? 11.167  -6.811  -8.699  1.00 25.58 ? 4   TYR D OH  1 
ATOM   999  N N   . SER D 2 6  ? 16.353  -9.125  -3.836  1.00 21.55 ? 5   SER D N   1 
ATOM   1000 C CA  A SER D 2 6  ? 16.904  -8.001  -3.083  0.50 21.11 ? 5   SER D CA  1 
ATOM   1001 C CA  B SER D 2 6  ? 16.946  -8.009  -3.106  0.50 21.72 ? 5   SER D CA  1 
ATOM   1002 C C   . SER D 2 6  ? 16.694  -6.662  -3.785  1.00 21.65 ? 5   SER D C   1 
ATOM   1003 O O   . SER D 2 6  ? 16.704  -6.588  -5.016  1.00 21.51 ? 5   SER D O   1 
ATOM   1004 C CB  A SER D 2 6  ? 18.399  -8.219  -2.832  0.50 21.13 ? 5   SER D CB  1 
ATOM   1005 C CB  B SER D 2 6  ? 18.456  -8.254  -3.032  0.50 21.48 ? 5   SER D CB  1 
ATOM   1006 O OG  A SER D 2 6  ? 18.598  -9.013  -1.675  0.50 17.39 ? 5   SER D OG  1 
ATOM   1007 O OG  B SER D 2 6  ? 19.092  -7.249  -2.267  0.50 22.28 ? 5   SER D OG  1 
ATOM   1008 N N   . PRO D 2 7  ? 16.518  -5.581  -3.005  1.00 21.96 ? 6   PRO D N   1 
ATOM   1009 C CA  . PRO D 2 7  ? 16.507  -4.280  -3.670  1.00 22.19 ? 6   PRO D CA  1 
ATOM   1010 C C   . PRO D 2 7  ? 17.937  -3.925  -4.092  1.00 22.00 ? 6   PRO D C   1 
ATOM   1011 O O   . PRO D 2 7  ? 18.894  -4.464  -3.540  1.00 22.23 ? 6   PRO D O   1 
ATOM   1012 C CB  . PRO D 2 7  ? 16.053  -3.312  -2.575  1.00 22.66 ? 6   PRO D CB  1 
ATOM   1013 C CG  . PRO D 2 7  ? 16.375  -3.984  -1.294  1.00 22.88 ? 6   PRO D CG  1 
ATOM   1014 C CD  . PRO D 2 7  ? 16.380  -5.477  -1.539  1.00 22.39 ? 6   PRO D CD  1 
ATOM   1015 N N   . PRO D 2 8  ? 18.091  -2.999  -5.046  1.00 21.41 ? 7   PRO D N   1 
ATOM   1016 C CA  . PRO D 2 8  ? 19.430  -2.583  -5.431  1.00 21.73 ? 7   PRO D CA  1 
ATOM   1017 C C   . PRO D 2 8  ? 20.110  -1.819  -4.297  1.00 21.20 ? 7   PRO D C   1 
ATOM   1018 O O   . PRO D 2 8  ? 19.442  -1.120  -3.521  1.00 19.64 ? 7   PRO D O   1 
ATOM   1019 C CB  . PRO D 2 8  ? 19.206  -1.678  -6.652  1.00 21.27 ? 7   PRO D CB  1 
ATOM   1020 C CG  . PRO D 2 8  ? 17.765  -1.273  -6.597  1.00 23.29 ? 7   PRO D CG  1 
ATOM   1021 C CD  . PRO D 2 8  ? 17.025  -2.291  -5.775  1.00 22.35 ? 7   PRO D CD  1 
ATOM   1022 N N   . PRO D 2 9  ? 21.439  -1.966  -4.198  1.00 21.45 ? 8   PRO D N   1 
ATOM   1023 C CA  . PRO D 2 9  ? 22.220  -1.198  -3.233  1.00 21.52 ? 8   PRO D CA  1 
ATOM   1024 C C   . PRO D 2 9  ? 22.114  0.291   -3.555  1.00 21.45 ? 8   PRO D C   1 
ATOM   1025 O O   . PRO D 2 9  ? 21.884  0.637   -4.713  1.00 21.60 ? 8   PRO D O   1 
ATOM   1026 C CB  . PRO D 2 9  ? 23.656  -1.644  -3.513  1.00 21.34 ? 8   PRO D CB  1 
ATOM   1027 C CG  . PRO D 2 9  ? 23.549  -2.942  -4.217  1.00 23.22 ? 8   PRO D CG  1 
ATOM   1028 C CD  . PRO D 2 9  ? 22.276  -2.871  -5.006  1.00 21.01 ? 8   PRO D CD  1 
ATOM   1029 N N   . PRO D 2 10 ? 22.259  1.173   -2.554  1.00 22.01 ? 9   PRO D N   1 
ATOM   1030 C CA  . PRO D 2 10 ? 22.343  2.589   -2.914  1.00 22.65 ? 9   PRO D CA  1 
ATOM   1031 C C   . PRO D 2 10 ? 23.523  2.851   -3.855  1.00 23.06 ? 9   PRO D C   1 
ATOM   1032 O O   . PRO D 2 10 ? 24.525  2.142   -3.760  1.00 23.74 ? 9   PRO D O   1 
ATOM   1033 C CB  . PRO D 2 10 ? 22.545  3.305   -1.569  1.00 23.00 ? 9   PRO D CB  1 
ATOM   1034 C CG  . PRO D 2 10 ? 22.176  2.308   -0.509  1.00 22.69 ? 9   PRO D CG  1 
ATOM   1035 C CD  . PRO D 2 10 ? 22.342  0.938   -1.101  1.00 22.44 ? 9   PRO D CD  1 
ATOM   1036 N N   . PRO D 2 11 ? 23.412  3.834   -4.765  1.00 23.78 ? 10  PRO D N   1 
ATOM   1037 C CA  . PRO D 2 11 ? 24.507  4.152   -5.687  1.00 25.27 ? 10  PRO D CA  1 
ATOM   1038 C C   . PRO D 2 11 ? 25.772  4.714   -5.040  1.00 25.84 ? 10  PRO D C   1 
ATOM   1039 O O   . PRO D 2 11 ? 25.761  5.521   -4.109  1.00 26.09 ? 10  PRO D O   1 
ATOM   1040 C CB  . PRO D 2 11 ? 23.908  5.210   -6.621  1.00 25.22 ? 10  PRO D CB  1 
ATOM   1041 C CG  . PRO D 2 11 ? 22.736  5.769   -5.903  1.00 24.89 ? 10  PRO D CG  1 
ATOM   1042 C CD  . PRO D 2 11 ? 22.235  4.697   -4.977  1.00 23.47 ? 10  PRO D CD  1 
ATOM   1043 O OXT . PRO D 2 11 ? 26.878  4.377   -5.468  1.00 27.51 ? 10  PRO D OXT 1 
HETATM 1044 S S   . SO4 E 3 .  ? -4.278  9.315   7.111   1.00 42.65 ? 122 SO4 A S   1 
HETATM 1045 O O1  . SO4 E 3 .  ? -3.912  8.362   6.068   1.00 43.92 ? 122 SO4 A O1  1 
HETATM 1046 O O2  . SO4 E 3 .  ? -3.397  10.475  7.009   1.00 45.82 ? 122 SO4 A O2  1 
HETATM 1047 O O3  . SO4 E 3 .  ? -5.675  9.724   6.984   1.00 44.83 ? 122 SO4 A O3  1 
HETATM 1048 O O4  . SO4 E 3 .  ? -4.155  8.683   8.422   1.00 46.03 ? 122 SO4 A O4  1 
HETATM 1049 S S   . SO4 F 3 .  ? 6.926   -10.043 3.016   1.00 47.84 ? 122 SO4 B S   1 
HETATM 1050 O O1  . SO4 F 3 .  ? 6.379   -11.355 2.687   1.00 51.42 ? 122 SO4 B O1  1 
HETATM 1051 O O2  . SO4 F 3 .  ? 8.372   -10.038 2.805   1.00 49.47 ? 122 SO4 B O2  1 
HETATM 1052 O O3  . SO4 F 3 .  ? 6.211   -9.080  2.180   1.00 51.98 ? 122 SO4 B O3  1 
HETATM 1053 O O4  . SO4 F 3 .  ? 6.685   -9.686  4.411   1.00 49.21 ? 122 SO4 B O4  1 
HETATM 1054 O O   . HOH G 4 .  ? -18.491 0.279   -4.480  1.00 27.92 ? 123 HOH A O   1 
HETATM 1055 O O   . HOH G 4 .  ? -15.050 1.179   7.008   1.00 15.50 ? 124 HOH A O   1 
HETATM 1056 O O   . HOH G 4 .  ? 2.031   -0.457  8.788   1.00 40.72 ? 125 HOH A O   1 
HETATM 1057 O O   . HOH G 4 .  ? -8.189  -14.743 -3.403  1.00 30.71 ? 126 HOH A O   1 
HETATM 1058 O O   . HOH G 4 .  ? -8.278  3.873   -7.533  1.00 28.10 ? 127 HOH A O   1 
HETATM 1059 O O   . HOH G 4 .  ? -6.066  5.813   -7.927  1.00 28.72 ? 128 HOH A O   1 
HETATM 1060 O O   . HOH G 4 .  ? -8.493  -6.904  -5.750  1.00 27.48 ? 129 HOH A O   1 
HETATM 1061 O O   . HOH G 4 .  ? -3.229  2.179   -5.145  1.00 42.46 ? 130 HOH A O   1 
HETATM 1062 O O   . HOH G 4 .  ? -7.528  9.521   -8.546  1.00 37.77 ? 131 HOH A O   1 
HETATM 1063 O O   . HOH G 4 .  ? -5.623  0.801   -7.136  1.00 43.49 ? 132 HOH A O   1 
HETATM 1064 O O   . HOH G 4 .  ? -8.286  9.703   5.956   1.00 27.20 ? 133 HOH A O   1 
HETATM 1065 O O   . HOH G 4 .  ? -16.571 -18.307 13.060  1.00 33.93 ? 134 HOH A O   1 
HETATM 1066 O O   . HOH G 4 .  ? -21.424 -7.415  -2.186  1.00 34.82 ? 135 HOH A O   1 
HETATM 1067 O O   . HOH G 4 .  ? -21.073 -11.463 2.724   1.00 49.67 ? 136 HOH A O   1 
HETATM 1068 O O   . HOH G 4 .  ? -17.236 2.656   -4.842  1.00 35.55 ? 137 HOH A O   1 
HETATM 1069 O O   . HOH G 4 .  ? -5.160  -5.740  11.748  1.00 44.51 ? 138 HOH A O   1 
HETATM 1070 O O   . HOH G 4 .  ? -2.418  3.850   -6.602  1.00 39.46 ? 139 HOH A O   1 
HETATM 1071 O O   . HOH G 4 .  ? -5.892  -11.799 -3.472  1.00 29.82 ? 140 HOH A O   1 
HETATM 1072 O O   . HOH G 4 .  ? -16.922 -13.573 2.179   1.00 34.24 ? 141 HOH A O   1 
HETATM 1073 O O   . HOH G 4 .  ? -11.477 -7.462  -7.438  1.00 31.59 ? 142 HOH A O   1 
HETATM 1074 O O   . HOH G 4 .  ? -0.656  -8.032  -7.127  1.00 40.51 ? 143 HOH A O   1 
HETATM 1075 O O   . HOH G 4 .  ? -2.399  -13.503 9.262   1.00 46.45 ? 144 HOH A O   1 
HETATM 1076 O O   . HOH G 4 .  ? -2.370  8.590   -7.434  1.00 38.46 ? 145 HOH A O   1 
HETATM 1077 O O   . HOH G 4 .  ? -11.828 -17.179 0.434   1.00 41.25 ? 146 HOH A O   1 
HETATM 1078 O O   . HOH H 4 .  ? 7.046   15.785  -4.585  1.00 30.26 ? 123 HOH B O   1 
HETATM 1079 O O   . HOH H 4 .  ? 16.654  -1.250  1.180   1.00 16.55 ? 124 HOH B O   1 
HETATM 1080 O O   . HOH H 4 .  ? 6.442   8.362   -7.890  1.00 16.86 ? 125 HOH B O   1 
HETATM 1081 O O   . HOH H 4 .  ? 14.979  11.511  -12.864 1.00 19.01 ? 126 HOH B O   1 
HETATM 1082 O O   . HOH H 4 .  ? -0.271  2.774   -8.102  1.00 37.95 ? 127 HOH B O   1 
HETATM 1083 O O   . HOH H 4 .  ? 6.115   3.322   -11.351 1.00 25.53 ? 128 HOH B O   1 
HETATM 1084 O O   . HOH H 4 .  ? 19.573  9.575   -8.078  1.00 32.02 ? 129 HOH B O   1 
HETATM 1085 O O   . HOH H 4 .  ? 4.946   -2.494  8.593   1.00 33.21 ? 130 HOH B O   1 
HETATM 1086 O O   . HOH H 4 .  ? 16.890  14.039  -1.584  1.00 29.15 ? 131 HOH B O   1 
HETATM 1087 O O   . HOH H 4 .  ? 3.488   -4.336  -11.072 1.00 40.28 ? 132 HOH B O   1 
HETATM 1088 O O   . HOH H 4 .  ? 3.164   0.094   -8.342  1.00 36.10 ? 133 HOH B O   1 
HETATM 1089 O O   . HOH H 4 .  ? 6.172   6.904   -10.725 1.00 32.11 ? 134 HOH B O   1 
HETATM 1090 O O   . HOH H 4 .  ? 9.664   17.678  -4.561  1.00 46.70 ? 135 HOH B O   1 
HETATM 1091 O O   . HOH H 4 .  ? -1.351  9.779   -4.729  1.00 35.52 ? 136 HOH B O   1 
HETATM 1092 O O   . HOH H 4 .  ? 8.269   4.349   9.441   1.00 28.73 ? 137 HOH B O   1 
HETATM 1093 O O   . HOH H 4 .  ? 11.939  15.189  -7.639  1.00 39.79 ? 138 HOH B O   1 
HETATM 1094 O O   . HOH H 4 .  ? 19.899  5.645   -8.558  1.00 28.53 ? 139 HOH B O   1 
HETATM 1095 O O   . HOH H 4 .  ? 14.851  -12.492 5.951   1.00 53.52 ? 140 HOH B O   1 
HETATM 1096 O O   . HOH H 4 .  ? 21.348  11.839  -2.528  1.00 41.65 ? 141 HOH B O   1 
HETATM 1097 O O   . HOH H 4 .  ? 12.600  6.964   -11.326 1.00 31.15 ? 142 HOH B O   1 
HETATM 1098 O O   . HOH H 4 .  ? 10.173  -9.697  0.718   1.00 34.39 ? 143 HOH B O   1 
HETATM 1099 O O   . HOH H 4 .  ? 21.550  5.192   1.762   1.00 39.71 ? 144 HOH B O   1 
HETATM 1100 O O   . HOH H 4 .  ? 5.034   12.873  -4.197  1.00 29.63 ? 145 HOH B O   1 
HETATM 1101 O O   . HOH H 4 .  ? 17.969  -1.754  3.634   1.00 36.01 ? 146 HOH B O   1 
HETATM 1102 O O   . HOH H 4 .  ? -0.384  2.027   6.749   1.00 47.33 ? 147 HOH B O   1 
HETATM 1103 O O   . HOH H 4 .  ? 5.423   -8.151  -12.579 1.00 45.48 ? 148 HOH B O   1 
HETATM 1104 O O   . HOH H 4 .  ? 4.696   8.356   6.239   1.00 29.88 ? 149 HOH B O   1 
HETATM 1105 O O   . HOH H 4 .  ? 12.373  10.871  -13.163 1.00 54.74 ? 150 HOH B O   1 
HETATM 1106 O O   . HOH H 4 .  ? 8.160   -12.141 -9.658  1.00 46.95 ? 151 HOH B O   1 
HETATM 1107 O O   . HOH H 4 .  ? 5.758   -2.154  -11.189 1.00 35.59 ? 152 HOH B O   1 
HETATM 1108 O O   . HOH H 4 .  ? 3.354   -3.584  7.060   1.00 40.52 ? 153 HOH B O   1 
HETATM 1109 O O   . HOH H 4 .  ? 9.755   -2.228  -15.627 1.00 45.79 ? 154 HOH B O   1 
HETATM 1110 O O   . HOH H 4 .  ? 16.744  13.036  -10.374 1.00 37.74 ? 155 HOH B O   1 
HETATM 1111 O O   . HOH I 4 .  ? -19.657 5.327   6.043   1.00 34.44 ? 11  HOH C O   1 
HETATM 1112 O O   . HOH I 4 .  ? -17.780 1.405   5.517   1.00 27.38 ? 12  HOH C O   1 
HETATM 1113 O O   . HOH I 4 .  ? -5.295  8.503   -1.133  1.00 30.92 ? 13  HOH C O   1 
HETATM 1114 O O   . HOH I 4 .  ? -9.570  12.366  -0.490  1.00 27.23 ? 14  HOH C O   1 
HETATM 1115 O O   . HOH I 4 .  ? -11.499 9.167   6.074   1.00 36.17 ? 15  HOH C O   1 
HETATM 1116 O O   . HOH I 4 .  ? -23.337 1.073   -0.058  1.00 42.87 ? 16  HOH C O   1 
HETATM 1117 O O   . HOH J 4 .  ? 18.871  -1.068  -0.886  1.00 25.96 ? 11  HOH D O   1 
HETATM 1118 O O   . HOH J 4 .  ? 9.509   -11.387 -6.614  1.00 39.03 ? 12  HOH D O   1 
HETATM 1119 O O   . HOH J 4 .  ? 20.716  -4.569  -1.548  1.00 35.98 ? 13  HOH D O   1 
HETATM 1120 O O   . HOH J 4 .  ? 20.727  -9.019  -0.045  1.00 35.31 ? 14  HOH D O   1 
# 
